data_5LGK
#
_entry.id   5LGK
#
_cell.length_a   80.520
_cell.length_b   85.320
_cell.length_c   88.230
_cell.angle_alpha   117.870
_cell.angle_beta   90.320
_cell.angle_gamma   112.620
#
_symmetry.space_group_name_H-M   'P 1'
#
loop_
_entity.id
_entity.type
_entity.pdbx_description
1 polymer 'Ig epsilon chain C region'
2 polymer 'Low affinity immunoglobulin epsilon Fc receptor'
3 branched beta-D-mannopyranose-(1-4)-2-acetamido-2-deoxy-beta-D-glucopyranose-(1-4)-2-acetamido-2-deoxy-beta-D-glucopyranose
4 non-polymer 2-acetamido-2-deoxy-beta-D-glucopyranose
#
loop_
_entity_poly.entity_id
_entity_poly.type
_entity_poly.pdbx_seq_one_letter_code
_entity_poly.pdbx_strand_id
1 'polypeptide(L)'
;VKILQSSCDGGGHFPPTIQLCLVSGYTPGTIQITWLEDGQVMDVDLSTASTTQEGELASTQSELTLSQKHWLSDRTYTCQ
VTYQGHTFEDSTKKCADSNPRGVSAYLSRPSPFDLFIRKSPTITCLVVDLAPSKGTVQLTWSRASGKPVQHSTRKEEKQR
NGTLTVTSTLPVGTRDWIEGETYQCRVTHPHLPRALMRSTTKTSGPRAAPEVYAFATPEWPGSRDKRTLACLIQNFMPED
ISVQWLHNEVQLPDARHSTTQPRKTKGSGFFVFSRLEVTRAEWEQKDEFICRAVHEAASPSQTVQRA
;
A,B,C,D
2 'polypeptide(L)'
;EKWINFQRKCYYFGKGTKQWVHARYACDDMEGQLVSIHSPEEQDFLTKHASHTGSWIGLRNLDLKGEFIWVDGSHVDYSN
WAPGEPTSRSQGEDCVMMRGSGRWNDAFCDRKLGAWVCDR
;
E,F
#
# COMPACT_ATOMS: atom_id res chain seq x y z
N VAL A 1 6.49 40.94 37.89
CA VAL A 1 6.48 42.13 37.04
C VAL A 1 6.85 41.84 35.56
N LYS A 2 7.54 40.76 35.33
CA LYS A 2 7.79 40.37 33.99
C LYS A 2 9.03 40.96 33.46
N ILE A 3 9.86 40.07 32.91
CA ILE A 3 11.20 40.31 32.46
C ILE A 3 11.30 39.97 31.01
N LEU A 4 11.75 40.91 30.19
CA LEU A 4 11.76 40.77 28.74
C LEU A 4 13.19 40.71 28.18
N GLN A 5 13.59 39.54 27.65
CA GLN A 5 14.93 39.29 27.09
C GLN A 5 15.08 39.71 25.62
N SER A 6 16.34 39.91 25.17
CA SER A 6 16.68 40.29 23.80
C SER A 6 16.47 39.11 22.86
N SER A 7 15.74 39.35 21.76
CA SER A 7 15.41 38.34 20.75
C SER A 7 16.58 38.03 19.82
N CYS A 8 16.66 36.76 19.38
CA CYS A 8 17.68 36.26 18.47
C CYS A 8 17.36 36.70 17.02
N ASP A 9 18.37 36.67 16.13
CA ASP A 9 18.21 37.05 14.72
C ASP A 9 17.43 36.00 13.89
N GLY A 10 17.35 36.23 12.57
CA GLY A 10 16.65 35.38 11.61
C GLY A 10 17.07 33.92 11.62
N GLY A 11 18.37 33.68 11.71
CA GLY A 11 18.95 32.34 11.74
C GLY A 11 18.74 31.61 13.06
N GLY A 12 18.60 32.36 14.14
CA GLY A 12 18.42 31.84 15.48
C GLY A 12 19.63 32.02 16.36
N HIS A 13 20.67 32.69 15.84
CA HIS A 13 21.93 32.97 16.53
C HIS A 13 21.74 34.01 17.63
N PHE A 14 22.44 33.82 18.76
CA PHE A 14 22.38 34.70 19.92
C PHE A 14 23.10 36.04 19.69
N PRO A 15 22.51 37.19 20.12
CA PRO A 15 23.21 38.47 19.93
C PRO A 15 24.38 38.66 20.92
N PRO A 16 25.40 39.50 20.62
CA PRO A 16 26.53 39.66 21.56
C PRO A 16 26.16 40.26 22.92
N THR A 17 25.16 41.16 22.95
CA THR A 17 24.69 41.82 24.18
C THR A 17 23.23 41.46 24.47
N ILE A 18 22.94 41.10 25.74
CA ILE A 18 21.61 40.72 26.19
C ILE A 18 21.04 41.78 27.14
N GLN A 19 19.81 42.27 26.84
CA GLN A 19 19.10 43.28 27.63
C GLN A 19 17.86 42.65 28.27
N LEU A 20 17.66 42.89 29.58
CA LEU A 20 16.55 42.29 30.36
C LEU A 20 15.74 43.30 31.20
N CYS A 21 14.69 42.79 31.89
CA CYS A 21 13.78 43.46 32.85
C CYS A 21 12.82 44.55 32.35
N LEU A 22 11.66 44.64 33.04
CA LEU A 22 10.55 45.59 32.86
C LEU A 22 9.64 45.47 34.11
N VAL A 23 9.44 46.59 34.83
CA VAL A 23 8.62 46.61 36.06
C VAL A 23 7.30 47.36 35.81
N SER A 24 6.16 46.72 36.20
CA SER A 24 4.80 47.25 36.05
C SER A 24 4.51 48.44 36.97
N GLY A 25 3.39 49.13 36.70
CA GLY A 25 2.92 50.30 37.44
C GLY A 25 2.60 50.04 38.89
N TYR A 26 2.89 51.03 39.76
CA TYR A 26 2.68 50.96 41.21
C TYR A 26 2.39 52.36 41.82
N THR A 27 2.01 52.39 43.12
CA THR A 27 1.71 53.62 43.87
C THR A 27 3.01 54.44 44.07
N PRO A 28 3.03 55.77 43.78
CA PRO A 28 4.27 56.56 43.92
C PRO A 28 4.99 56.45 45.27
N GLY A 29 6.28 56.15 45.20
CA GLY A 29 7.16 55.99 46.36
C GLY A 29 8.57 55.58 45.98
N THR A 30 9.48 55.54 46.99
CA THR A 30 10.88 55.16 46.79
C THR A 30 11.01 53.65 46.61
N ILE A 31 11.67 53.22 45.52
CA ILE A 31 11.86 51.80 45.18
C ILE A 31 13.36 51.40 45.17
N GLN A 32 13.64 50.10 45.42
CA GLN A 32 14.98 49.53 45.43
C GLN A 32 15.04 48.33 44.47
N ILE A 33 15.88 48.43 43.44
CA ILE A 33 16.07 47.38 42.43
C ILE A 33 17.49 46.81 42.56
N THR A 34 17.58 45.49 42.81
CA THR A 34 18.86 44.77 42.98
C THR A 34 18.94 43.58 42.02
N TRP A 35 20.07 43.47 41.30
CA TRP A 35 20.32 42.38 40.36
C TRP A 35 21.06 41.22 41.02
N LEU A 36 20.60 39.99 40.76
CA LEU A 36 21.18 38.76 41.32
C LEU A 36 21.66 37.79 40.24
N GLU A 37 22.69 36.99 40.58
CA GLU A 37 23.29 35.97 39.71
C GLU A 37 23.39 34.68 40.54
N ASP A 38 22.28 33.91 40.59
CA ASP A 38 22.11 32.66 41.34
C ASP A 38 22.40 32.84 42.85
N GLY A 39 21.86 33.92 43.42
CA GLY A 39 22.01 34.27 44.83
C GLY A 39 23.22 35.13 45.14
N GLN A 40 23.74 35.86 44.13
CA GLN A 40 24.91 36.74 44.26
C GLN A 40 24.60 38.11 43.65
N VAL A 41 24.73 39.17 44.47
CA VAL A 41 24.45 40.57 44.06
C VAL A 41 25.49 41.08 43.05
N MET A 42 25.01 41.47 41.86
CA MET A 42 25.82 42.01 40.76
C MET A 42 26.12 43.50 40.97
N ASP A 43 27.07 44.05 40.18
CA ASP A 43 27.48 45.46 40.25
C ASP A 43 26.38 46.41 39.76
N VAL A 44 26.19 47.52 40.49
CA VAL A 44 25.18 48.55 40.20
C VAL A 44 25.49 49.36 38.92
N ASP A 45 26.78 49.48 38.55
CA ASP A 45 27.25 50.22 37.37
C ASP A 45 26.81 49.59 36.04
N LEU A 46 26.62 48.25 36.01
CA LEU A 46 26.20 47.50 34.82
C LEU A 46 24.73 47.77 34.45
N SER A 47 23.88 48.07 35.44
CA SER A 47 22.45 48.35 35.25
C SER A 47 22.12 49.85 35.26
N THR A 48 21.12 50.24 34.46
CA THR A 48 20.64 51.63 34.36
C THR A 48 19.17 51.72 34.76
N ALA A 49 18.85 52.64 35.69
CA ALA A 49 17.50 52.84 36.20
C ALA A 49 16.87 54.14 35.70
N SER A 50 15.57 54.08 35.33
CA SER A 50 14.80 55.22 34.84
C SER A 50 13.33 55.12 35.28
N THR A 51 12.83 56.18 35.93
CA THR A 51 11.45 56.25 36.45
C THR A 51 10.61 57.24 35.61
N THR A 52 9.41 56.78 35.19
CA THR A 52 8.47 57.57 34.38
C THR A 52 7.08 57.53 35.01
N GLN A 53 6.48 58.72 35.24
CA GLN A 53 5.14 58.87 35.83
C GLN A 53 4.08 58.94 34.72
N GLU A 54 3.09 58.04 34.76
CA GLU A 54 2.00 57.99 33.78
C GLU A 54 0.62 58.01 34.47
N GLY A 55 -0.03 59.17 34.41
CA GLY A 55 -1.34 59.39 35.00
C GLY A 55 -1.30 59.48 36.52
N GLU A 56 -1.55 58.33 37.19
CA GLU A 56 -1.55 58.23 38.65
C GLU A 56 -0.48 57.24 39.13
N LEU A 57 -0.30 56.12 38.41
CA LEU A 57 0.68 55.08 38.74
C LEU A 57 2.06 55.37 38.15
N ALA A 58 3.13 55.03 38.90
CA ALA A 58 4.52 55.23 38.49
C ALA A 58 5.13 53.95 37.92
N SER A 59 5.87 54.08 36.79
CA SER A 59 6.53 52.96 36.13
C SER A 59 8.05 53.15 36.07
N THR A 60 8.80 52.08 36.39
CA THR A 60 10.26 52.07 36.41
C THR A 60 10.80 50.89 35.59
N GLN A 61 11.93 51.10 34.88
CA GLN A 61 12.55 50.05 34.07
C GLN A 61 14.07 49.98 34.25
N SER A 62 14.59 48.77 34.50
CA SER A 62 16.01 48.51 34.69
C SER A 62 16.55 47.70 33.50
N GLU A 63 17.74 48.07 33.01
CA GLU A 63 18.37 47.41 31.87
C GLU A 63 19.80 46.95 32.19
N LEU A 64 20.00 45.63 32.28
CA LEU A 64 21.29 45.01 32.58
C LEU A 64 21.89 44.42 31.30
N THR A 65 23.14 44.82 30.98
CA THR A 65 23.87 44.36 29.79
C THR A 65 24.75 43.16 30.15
N LEU A 66 24.61 42.07 29.40
CA LEU A 66 25.37 40.83 29.60
C LEU A 66 25.98 40.31 28.32
N SER A 67 27.22 39.78 28.41
CA SER A 67 27.95 39.19 27.28
C SER A 67 27.37 37.82 26.92
N GLN A 68 27.63 37.35 25.69
CA GLN A 68 27.15 36.06 25.19
C GLN A 68 27.69 34.86 25.97
N LYS A 69 28.94 34.96 26.47
CA LYS A 69 29.60 33.91 27.27
C LYS A 69 29.01 33.81 28.67
N HIS A 70 28.45 34.92 29.20
CA HIS A 70 27.82 35.02 30.52
C HIS A 70 26.40 34.45 30.52
N TRP A 71 25.62 34.74 29.46
CA TRP A 71 24.22 34.32 29.30
C TRP A 71 24.08 32.85 28.90
N LEU A 72 24.95 32.36 28.00
CA LEU A 72 24.92 30.97 27.53
C LEU A 72 25.65 29.96 28.42
N SER A 73 26.20 30.42 29.57
CA SER A 73 26.90 29.56 30.54
C SER A 73 25.95 28.84 31.52
N ASP A 74 24.62 28.94 31.28
CA ASP A 74 23.53 28.37 32.06
C ASP A 74 23.50 28.91 33.50
N ARG A 75 23.16 30.20 33.64
CA ARG A 75 23.06 30.91 34.91
C ARG A 75 21.75 31.69 35.00
N THR A 76 21.05 31.54 36.14
CA THR A 76 19.77 32.18 36.40
C THR A 76 19.96 33.57 37.02
N TYR A 77 19.32 34.59 36.42
CA TYR A 77 19.38 35.98 36.88
C TYR A 77 18.04 36.36 37.53
N THR A 78 18.11 36.98 38.72
CA THR A 78 16.93 37.38 39.48
C THR A 78 16.91 38.88 39.76
N CYS A 79 15.77 39.53 39.54
CA CYS A 79 15.58 40.96 39.79
C CYS A 79 14.82 41.15 41.11
N GLN A 80 15.54 41.53 42.16
CA GLN A 80 14.98 41.75 43.50
C GLN A 80 14.41 43.17 43.60
N VAL A 81 13.10 43.27 43.92
CA VAL A 81 12.40 44.53 44.07
C VAL A 81 12.01 44.72 45.54
N THR A 82 12.44 45.84 46.15
CA THR A 82 12.15 46.16 47.54
C THR A 82 11.28 47.42 47.63
N TYR A 83 10.01 47.25 48.05
CA TYR A 83 9.02 48.32 48.20
C TYR A 83 7.98 47.94 49.26
N GLN A 84 7.93 48.71 50.34
CA GLN A 84 7.03 48.42 51.42
C GLN A 84 7.29 47.00 51.63
N GLY A 85 6.27 46.19 51.44
CA GLY A 85 6.35 44.86 51.93
C GLY A 85 7.69 44.49 51.38
N HIS A 86 8.48 43.89 52.26
CA HIS A 86 9.78 43.30 51.90
C HIS A 86 9.78 42.22 50.82
N THR A 87 10.44 42.60 49.75
CA THR A 87 11.06 41.80 48.69
C THR A 87 10.12 41.40 47.66
N PHE A 88 10.64 41.19 46.49
CA PHE A 88 9.85 40.69 45.42
C PHE A 88 10.78 40.00 44.44
N GLU A 89 10.34 38.92 43.86
CA GLU A 89 11.30 38.20 43.03
C GLU A 89 10.73 37.69 41.71
N ASP A 90 11.57 37.78 40.65
CA ASP A 90 11.29 37.32 39.29
C ASP A 90 12.60 36.82 38.68
N SER A 91 12.64 35.56 38.24
CA SER A 91 13.84 34.92 37.69
C SER A 91 13.79 34.70 36.18
N THR A 92 14.97 34.84 35.53
CA THR A 92 15.17 34.64 34.09
C THR A 92 16.34 33.69 33.80
N LYS A 93 16.15 32.75 32.86
CA LYS A 93 17.14 31.75 32.47
C LYS A 93 17.13 31.49 30.95
N LYS A 94 18.22 30.91 30.41
CA LYS A 94 18.41 30.57 28.99
C LYS A 94 17.37 29.57 28.49
N CYS A 95 16.95 29.72 27.22
CA CYS A 95 15.96 28.88 26.56
C CYS A 95 16.62 27.63 25.95
N ALA A 96 16.09 26.44 26.28
CA ALA A 96 16.59 25.16 25.77
C ALA A 96 16.22 24.99 24.30
N ASP A 97 17.18 24.54 23.48
CA ASP A 97 17.04 24.34 22.02
C ASP A 97 15.91 23.40 21.62
N SER A 98 15.15 23.78 20.59
CA SER A 98 14.02 23.01 20.03
C SER A 98 14.48 22.20 18.83
N ASN A 99 13.89 21.00 18.67
CA ASN A 99 14.17 20.03 17.60
C ASN A 99 15.69 19.64 17.49
N PRO A 100 16.35 19.18 18.58
CA PRO A 100 17.77 18.82 18.46
C PRO A 100 17.94 17.43 17.84
N ARG A 101 18.62 17.36 16.67
CA ARG A 101 18.88 16.15 15.89
C ARG A 101 17.60 15.43 15.41
N GLY A 102 16.56 16.21 15.15
CA GLY A 102 15.26 15.73 14.69
C GLY A 102 14.41 15.09 15.77
N VAL A 103 14.44 15.67 17.00
CA VAL A 103 13.67 15.17 18.15
C VAL A 103 12.64 16.23 18.57
N SER A 104 11.34 15.92 18.36
CA SER A 104 10.21 16.81 18.68
C SER A 104 9.28 16.20 19.73
N ALA A 105 8.84 17.03 20.69
CA ALA A 105 7.93 16.63 21.77
C ALA A 105 6.60 17.38 21.67
N TYR A 106 5.48 16.68 21.91
CA TYR A 106 4.14 17.25 21.84
C TYR A 106 3.39 17.00 23.14
N LEU A 107 2.87 18.09 23.76
CA LEU A 107 2.10 18.02 25.00
C LEU A 107 0.68 18.55 24.74
N SER A 108 -0.31 17.65 24.81
CA SER A 108 -1.72 17.96 24.54
C SER A 108 -2.55 18.16 25.81
N ARG A 109 -3.53 19.07 25.71
CA ARG A 109 -4.47 19.42 26.78
C ARG A 109 -5.49 18.27 26.98
N PRO A 110 -6.08 18.06 28.19
CA PRO A 110 -7.04 16.96 28.34
C PRO A 110 -8.37 17.23 27.67
N SER A 111 -8.96 16.19 27.04
CA SER A 111 -10.23 16.23 26.33
C SER A 111 -11.40 16.62 27.26
N PRO A 112 -12.41 17.39 26.78
CA PRO A 112 -13.52 17.80 27.65
C PRO A 112 -14.33 16.67 28.29
N PHE A 113 -14.28 15.44 27.73
CA PHE A 113 -14.96 14.26 28.28
C PHE A 113 -14.29 13.84 29.59
N ASP A 114 -12.95 13.84 29.64
CA ASP A 114 -12.15 13.51 30.82
C ASP A 114 -12.22 14.61 31.89
N LEU A 115 -12.44 15.87 31.48
CA LEU A 115 -12.52 17.02 32.37
C LEU A 115 -13.90 17.20 33.04
N PHE A 116 -14.99 16.95 32.30
CA PHE A 116 -16.35 17.14 32.83
C PHE A 116 -17.14 15.86 33.13
N ILE A 117 -17.25 14.95 32.15
CA ILE A 117 -18.03 13.70 32.28
C ILE A 117 -17.30 12.64 33.12
N ARG A 118 -16.10 12.23 32.67
CA ARG A 118 -15.26 11.22 33.32
C ARG A 118 -14.62 11.74 34.62
N LYS A 119 -14.49 13.08 34.77
CA LYS A 119 -13.90 13.78 35.93
C LYS A 119 -12.44 13.42 36.24
N SER A 120 -11.78 12.68 35.34
CA SER A 120 -10.38 12.25 35.46
C SER A 120 -9.53 12.82 34.30
N PRO A 121 -9.11 14.11 34.35
CA PRO A 121 -8.32 14.66 33.25
C PRO A 121 -6.86 14.22 33.28
N THR A 122 -6.30 13.87 32.11
CA THR A 122 -4.93 13.40 31.96
C THR A 122 -4.21 14.08 30.79
N ILE A 123 -2.93 14.44 31.00
CA ILE A 123 -2.08 15.07 29.98
C ILE A 123 -1.04 14.08 29.45
N THR A 124 -1.02 13.88 28.12
CA THR A 124 -0.11 12.96 27.46
C THR A 124 1.02 13.70 26.76
N CYS A 125 2.28 13.31 27.04
CA CYS A 125 3.48 13.90 26.43
C CYS A 125 4.06 12.94 25.40
N LEU A 126 3.69 13.15 24.12
CA LEU A 126 4.12 12.32 22.98
C LEU A 126 5.39 12.90 22.36
N VAL A 127 6.53 12.20 22.52
CA VAL A 127 7.83 12.61 21.98
C VAL A 127 8.30 11.67 20.86
N VAL A 128 8.54 12.23 19.66
CA VAL A 128 8.98 11.49 18.48
C VAL A 128 10.51 11.55 18.36
N ASP A 129 11.16 10.38 18.33
CA ASP A 129 12.61 10.24 18.23
C ASP A 129 12.98 9.43 16.97
N LEU A 130 13.68 10.08 16.03
CA LEU A 130 14.09 9.47 14.76
C LEU A 130 15.34 8.59 14.85
N ALA A 131 16.27 8.92 15.77
CA ALA A 131 17.50 8.16 15.97
C ALA A 131 17.50 7.41 17.31
N PRO A 132 17.04 6.13 17.35
CA PRO A 132 17.04 5.40 18.64
C PRO A 132 18.41 4.79 18.93
N SER A 133 19.18 5.48 19.80
CA SER A 133 20.53 5.08 20.18
C SER A 133 20.65 4.73 21.67
N LYS A 134 21.87 4.39 22.12
CA LYS A 134 22.18 4.02 23.51
C LYS A 134 21.98 5.22 24.44
N GLY A 135 20.86 5.22 25.16
CA GLY A 135 20.50 6.29 26.08
C GLY A 135 19.08 6.21 26.61
N THR A 136 18.69 7.21 27.44
CA THR A 136 17.38 7.32 28.07
C THR A 136 16.59 8.56 27.64
N VAL A 137 15.26 8.47 27.68
CA VAL A 137 14.36 9.58 27.38
C VAL A 137 13.65 9.91 28.70
N GLN A 138 14.34 10.67 29.57
CA GLN A 138 13.83 11.05 30.89
C GLN A 138 12.82 12.17 30.79
N LEU A 139 11.57 11.87 31.20
CA LEU A 139 10.46 12.82 31.19
C LEU A 139 10.17 13.33 32.61
N THR A 140 10.79 14.48 32.97
CA THR A 140 10.64 15.12 34.29
C THR A 140 9.38 15.99 34.31
N TRP A 141 8.60 15.90 35.41
CA TRP A 141 7.37 16.66 35.59
C TRP A 141 7.46 17.67 36.74
N SER A 142 6.94 18.89 36.51
CA SER A 142 6.94 19.99 37.48
C SER A 142 5.77 20.96 37.23
N ARG A 143 5.43 21.78 38.25
CA ARG A 143 4.36 22.78 38.17
C ARG A 143 4.91 24.21 38.15
N ALA A 144 4.11 25.17 37.64
CA ALA A 144 4.46 26.59 37.55
C ALA A 144 4.61 27.25 38.92
N SER A 145 3.79 26.84 39.91
CA SER A 145 3.82 27.35 41.28
C SER A 145 4.87 26.64 42.14
N GLY A 146 5.01 25.33 41.94
CA GLY A 146 5.93 24.48 42.67
C GLY A 146 5.25 23.46 43.56
N LYS A 147 4.12 22.90 43.09
CA LYS A 147 3.32 21.90 43.81
C LYS A 147 3.70 20.46 43.39
N PRO A 148 3.64 19.46 44.31
CA PRO A 148 4.02 18.09 43.92
C PRO A 148 3.09 17.42 42.91
N VAL A 149 3.66 16.55 42.07
CA VAL A 149 2.94 15.81 41.02
C VAL A 149 3.09 14.29 41.16
N GLN A 150 2.03 13.55 40.77
CA GLN A 150 2.01 12.07 40.80
C GLN A 150 2.87 11.49 39.69
N HIS A 151 3.25 10.21 39.79
CA HIS A 151 4.08 9.54 38.79
C HIS A 151 3.30 9.21 37.51
N SER A 152 3.88 9.55 36.35
CA SER A 152 3.28 9.32 35.03
C SER A 152 3.62 7.95 34.44
N THR A 153 2.66 7.37 33.68
CA THR A 153 2.80 6.08 33.02
C THR A 153 3.72 6.22 31.80
N ARG A 154 5.02 5.90 31.98
CA ARG A 154 6.05 5.98 30.95
C ARG A 154 6.08 4.69 30.09
N LYS A 155 5.39 4.70 28.95
CA LYS A 155 5.32 3.55 28.06
C LYS A 155 5.95 3.88 26.69
N GLU A 156 6.92 3.05 26.25
CA GLU A 156 7.59 3.22 24.96
C GLU A 156 7.11 2.21 23.90
N GLU A 157 6.84 2.70 22.69
CA GLU A 157 6.35 1.89 21.57
C GLU A 157 7.26 2.05 20.34
N LYS A 158 8.08 1.02 20.06
CA LYS A 158 8.99 1.01 18.92
C LYS A 158 8.19 0.73 17.65
N GLN A 159 8.18 1.69 16.72
CA GLN A 159 7.43 1.62 15.47
C GLN A 159 8.16 0.84 14.38
N ARG A 160 7.41 0.29 13.41
CA ARG A 160 7.96 -0.50 12.29
C ARG A 160 8.84 0.29 11.30
N ASN A 161 8.71 1.63 11.29
CA ASN A 161 9.51 2.49 10.42
C ASN A 161 10.93 2.80 10.95
N GLY A 162 11.27 2.25 12.11
CA GLY A 162 12.58 2.43 12.74
C GLY A 162 12.71 3.63 13.66
N THR A 163 11.61 4.01 14.34
CA THR A 163 11.58 5.14 15.29
C THR A 163 10.99 4.72 16.64
N LEU A 164 11.48 5.34 17.72
CA LEU A 164 11.01 5.07 19.08
C LEU A 164 10.11 6.22 19.56
N THR A 165 8.91 5.88 20.07
CA THR A 165 7.94 6.85 20.58
C THR A 165 7.51 6.50 22.01
N VAL A 166 7.88 7.36 22.98
CA VAL A 166 7.55 7.19 24.39
C VAL A 166 6.53 8.24 24.86
N THR A 167 5.44 7.78 25.52
CA THR A 167 4.36 8.62 26.03
C THR A 167 4.31 8.62 27.56
N SER A 168 4.04 9.79 28.15
CA SER A 168 3.92 9.98 29.59
C SER A 168 2.57 10.58 29.94
N THR A 169 1.69 9.78 30.56
CA THR A 169 0.34 10.17 30.95
C THR A 169 0.30 10.62 32.43
N LEU A 170 0.21 11.95 32.65
CA LEU A 170 0.16 12.54 33.99
C LEU A 170 -1.28 12.83 34.44
N PRO A 171 -1.71 12.33 35.62
CA PRO A 171 -3.08 12.61 36.08
C PRO A 171 -3.20 13.98 36.76
N VAL A 172 -3.89 14.92 36.08
CA VAL A 172 -4.09 16.29 36.56
C VAL A 172 -5.43 16.48 37.28
N GLY A 173 -5.48 17.47 38.17
CA GLY A 173 -6.66 17.80 38.96
C GLY A 173 -7.77 18.45 38.13
N THR A 174 -9.03 18.16 38.48
CA THR A 174 -10.22 18.69 37.80
C THR A 174 -10.40 20.19 38.06
N ARG A 175 -10.43 20.59 39.35
CA ARG A 175 -10.58 21.99 39.76
C ARG A 175 -9.35 22.84 39.44
N ASP A 176 -8.15 22.24 39.51
CA ASP A 176 -6.86 22.90 39.25
C ASP A 176 -6.72 23.39 37.80
N TRP A 177 -7.22 22.61 36.82
CA TRP A 177 -7.14 22.95 35.39
C TRP A 177 -8.02 24.14 35.00
N ILE A 178 -9.27 24.19 35.50
CA ILE A 178 -10.24 25.26 35.23
C ILE A 178 -9.78 26.59 35.85
N GLU A 179 -9.11 26.53 37.02
CA GLU A 179 -8.59 27.70 37.74
C GLU A 179 -7.46 28.42 36.99
N GLY A 180 -6.65 27.67 36.24
CA GLY A 180 -5.55 28.21 35.44
C GLY A 180 -4.16 27.80 35.87
N GLU A 181 -3.93 26.50 36.09
CA GLU A 181 -2.62 25.97 36.49
C GLU A 181 -1.83 25.48 35.26
N THR A 182 -0.55 25.90 35.18
CA THR A 182 0.35 25.55 34.08
C THR A 182 1.24 24.36 34.49
N TYR A 183 1.20 23.28 33.69
CA TYR A 183 1.98 22.06 33.94
C TYR A 183 3.20 22.01 33.02
N GLN A 184 4.40 21.97 33.62
CA GLN A 184 5.69 21.95 32.92
C GLN A 184 6.22 20.52 32.72
N CYS A 185 7.03 20.32 31.67
CA CYS A 185 7.65 19.04 31.33
C CYS A 185 9.06 19.22 30.79
N ARG A 186 10.00 18.36 31.23
CA ARG A 186 11.41 18.40 30.82
C ARG A 186 11.83 17.07 30.18
N VAL A 187 12.38 17.13 28.95
CA VAL A 187 12.84 15.96 28.19
C VAL A 187 14.36 16.00 28.02
N THR A 188 15.06 14.96 28.52
CA THR A 188 16.52 14.85 28.45
C THR A 188 16.98 13.52 27.82
N HIS A 189 18.11 13.58 27.07
CA HIS A 189 18.71 12.43 26.39
C HIS A 189 20.24 12.54 26.42
N PRO A 190 20.99 11.45 26.74
CA PRO A 190 22.47 11.56 26.80
C PRO A 190 23.14 11.85 25.47
N HIS A 191 22.58 11.36 24.35
CA HIS A 191 23.11 11.58 23.00
C HIS A 191 22.85 13.01 22.53
N LEU A 192 21.69 13.57 22.95
CA LEU A 192 21.27 14.94 22.64
C LEU A 192 22.07 15.97 23.47
N PRO A 193 22.57 17.07 22.86
CA PRO A 193 23.34 18.06 23.63
C PRO A 193 22.49 18.95 24.53
N ARG A 194 21.32 19.41 24.03
CA ARG A 194 20.40 20.28 24.77
C ARG A 194 19.06 19.62 25.07
N ALA A 195 18.45 19.99 26.21
CA ALA A 195 17.16 19.47 26.70
C ALA A 195 15.96 20.03 25.91
N LEU A 196 14.77 19.43 26.11
CA LEU A 196 13.52 19.84 25.48
C LEU A 196 12.47 20.18 26.54
N MET A 197 11.90 21.39 26.49
CA MET A 197 10.88 21.80 27.44
C MET A 197 9.59 22.29 26.78
N ARG A 198 8.47 21.57 27.06
CA ARG A 198 7.14 21.87 26.52
C ARG A 198 6.13 21.94 27.67
N SER A 199 5.34 23.02 27.74
CA SER A 199 4.34 23.22 28.79
C SER A 199 2.99 23.72 28.25
N THR A 200 1.88 23.21 28.81
CA THR A 200 0.53 23.60 28.39
C THR A 200 -0.40 23.95 29.56
N THR A 201 -1.35 24.86 29.32
CA THR A 201 -2.35 25.33 30.30
C THR A 201 -3.72 25.54 29.63
N LYS A 202 -4.74 25.92 30.43
CA LYS A 202 -6.10 26.21 29.95
C LYS A 202 -6.08 27.46 29.06
N THR A 203 -6.58 27.32 27.80
CA THR A 203 -6.63 28.39 26.81
C THR A 203 -7.66 29.45 27.23
N SER A 204 -7.18 30.50 27.93
CA SER A 204 -8.03 31.59 28.40
C SER A 204 -8.32 32.56 27.24
N GLY A 205 -9.60 32.70 26.91
CA GLY A 205 -10.06 33.55 25.81
C GLY A 205 -11.55 33.46 25.55
N PRO A 206 -12.01 33.67 24.28
CA PRO A 206 -13.46 33.63 24.01
C PRO A 206 -14.07 32.24 24.08
N ARG A 207 -15.32 32.16 24.56
CA ARG A 207 -16.07 30.91 24.70
C ARG A 207 -17.30 30.92 23.80
N ALA A 208 -17.51 29.82 23.03
CA ALA A 208 -18.63 29.65 22.11
C ALA A 208 -19.19 28.23 22.14
N ALA A 209 -20.53 28.10 22.12
CA ALA A 209 -21.23 26.81 22.14
C ALA A 209 -21.13 26.11 20.77
N PRO A 210 -20.79 24.79 20.73
CA PRO A 210 -20.65 24.10 19.44
C PRO A 210 -21.98 23.82 18.72
N GLU A 211 -21.95 23.80 17.38
CA GLU A 211 -23.10 23.54 16.52
C GLU A 211 -23.00 22.14 15.89
N VAL A 212 -23.77 21.19 16.42
CA VAL A 212 -23.77 19.79 15.98
C VAL A 212 -24.83 19.55 14.87
N TYR A 213 -24.41 18.87 13.78
CA TYR A 213 -25.26 18.52 12.64
C TYR A 213 -25.07 17.05 12.27
N ALA A 214 -26.17 16.28 12.23
CA ALA A 214 -26.16 14.85 11.90
C ALA A 214 -26.63 14.57 10.48
N PHE A 215 -25.90 13.71 9.75
CA PHE A 215 -26.22 13.33 8.37
C PHE A 215 -26.03 11.83 8.12
N ALA A 216 -26.85 11.28 7.21
CA ALA A 216 -26.81 9.86 6.83
C ALA A 216 -26.66 9.70 5.30
N THR A 217 -25.77 8.79 4.87
CA THR A 217 -25.49 8.53 3.45
C THR A 217 -26.53 7.58 2.82
N PRO A 218 -27.00 7.84 1.58
CA PRO A 218 -27.97 6.94 0.95
C PRO A 218 -27.32 5.68 0.37
N GLU A 219 -28.13 4.77 -0.21
CA GLU A 219 -27.68 3.51 -0.80
C GLU A 219 -26.83 3.76 -2.06
N TRP A 220 -25.63 3.17 -2.09
CA TRP A 220 -24.66 3.28 -3.19
C TRP A 220 -24.48 1.92 -3.88
N PRO A 221 -24.38 1.87 -5.24
CA PRO A 221 -24.21 0.57 -5.92
C PRO A 221 -22.92 -0.15 -5.54
N GLY A 222 -23.06 -1.39 -5.08
CA GLY A 222 -21.96 -2.23 -4.62
C GLY A 222 -22.12 -2.61 -3.15
N SER A 223 -22.39 -1.60 -2.30
CA SER A 223 -22.60 -1.76 -0.86
C SER A 223 -24.09 -1.90 -0.55
N ARG A 224 -24.44 -2.92 0.27
CA ARG A 224 -25.83 -3.20 0.65
C ARG A 224 -26.06 -3.27 2.16
N ASP A 225 -25.18 -4.01 2.88
CA ASP A 225 -25.26 -4.18 4.33
C ASP A 225 -24.66 -3.01 5.12
N LYS A 226 -23.52 -2.45 4.65
CA LYS A 226 -22.84 -1.34 5.33
C LYS A 226 -23.22 0.06 4.82
N ARG A 227 -23.41 1.00 5.77
CA ARG A 227 -23.74 2.40 5.52
C ARG A 227 -22.86 3.31 6.39
N THR A 228 -22.65 4.57 5.95
CA THR A 228 -21.81 5.53 6.67
C THR A 228 -22.61 6.71 7.22
N LEU A 229 -22.19 7.21 8.41
CA LEU A 229 -22.79 8.36 9.09
C LEU A 229 -21.79 9.51 9.20
N ALA A 230 -22.20 10.71 8.75
CA ALA A 230 -21.37 11.91 8.78
C ALA A 230 -21.89 12.93 9.79
N CYS A 231 -20.97 13.50 10.60
CA CYS A 231 -21.32 14.50 11.61
C CYS A 231 -20.41 15.73 11.53
N LEU A 232 -21.02 16.92 11.70
CA LEU A 232 -20.31 18.20 11.66
C LEU A 232 -20.53 19.01 12.94
N ILE A 233 -19.42 19.32 13.63
CA ILE A 233 -19.39 20.12 14.86
C ILE A 233 -18.56 21.38 14.55
N GLN A 234 -19.22 22.55 14.51
CA GLN A 234 -18.58 23.82 14.16
C GLN A 234 -18.88 24.99 15.11
N ASN A 235 -18.12 26.10 14.95
CA ASN A 235 -18.19 27.37 15.71
C ASN A 235 -18.06 27.20 17.23
N PHE A 236 -16.81 26.94 17.69
CA PHE A 236 -16.48 26.75 19.10
C PHE A 236 -15.04 27.11 19.43
N MET A 237 -14.81 27.69 20.61
CA MET A 237 -13.49 28.07 21.14
C MET A 237 -13.38 27.81 22.65
N PRO A 238 -12.29 27.19 23.18
CA PRO A 238 -11.08 26.72 22.49
C PRO A 238 -11.23 25.46 21.64
N GLU A 239 -10.14 25.05 20.95
CA GLU A 239 -10.08 23.88 20.06
C GLU A 239 -10.33 22.51 20.71
N ASP A 240 -10.31 22.44 22.05
CA ASP A 240 -10.54 21.20 22.82
C ASP A 240 -11.99 20.72 22.66
N ILE A 241 -12.17 19.52 22.07
CA ILE A 241 -13.47 18.92 21.80
C ILE A 241 -13.43 17.37 21.86
N SER A 242 -14.51 16.77 22.42
CA SER A 242 -14.67 15.33 22.54
C SER A 242 -15.85 14.88 21.69
N VAL A 243 -15.63 13.90 20.79
CA VAL A 243 -16.66 13.37 19.91
C VAL A 243 -17.00 11.93 20.30
N GLN A 244 -18.30 11.68 20.58
CA GLN A 244 -18.81 10.37 20.98
C GLN A 244 -19.97 9.93 20.09
N TRP A 245 -20.08 8.61 19.84
CA TRP A 245 -21.16 8.02 19.06
C TRP A 245 -21.98 7.08 19.94
N LEU A 246 -23.32 7.23 19.93
CA LEU A 246 -24.22 6.42 20.75
C LEU A 246 -25.24 5.60 19.96
N HIS A 247 -25.52 4.38 20.46
CA HIS A 247 -26.48 3.42 19.91
C HIS A 247 -26.97 2.53 21.06
N ASN A 248 -28.31 2.52 21.29
CA ASN A 248 -29.00 1.79 22.36
C ASN A 248 -28.54 2.26 23.76
N GLU A 249 -28.44 3.61 23.93
CA GLU A 249 -28.01 4.32 25.15
C GLU A 249 -26.56 4.05 25.60
N VAL A 250 -25.84 3.17 24.89
CA VAL A 250 -24.45 2.78 25.17
C VAL A 250 -23.51 3.43 24.15
N GLN A 251 -22.41 4.05 24.64
CA GLN A 251 -21.40 4.72 23.82
C GLN A 251 -20.52 3.74 23.03
N LEU A 252 -20.06 4.15 21.84
CA LEU A 252 -19.19 3.36 20.97
C LEU A 252 -17.71 3.66 21.25
N PRO A 253 -16.80 2.66 21.17
CA PRO A 253 -15.38 2.94 21.46
C PRO A 253 -14.65 3.71 20.34
N ASP A 254 -13.31 3.85 20.46
CA ASP A 254 -12.46 4.55 19.49
C ASP A 254 -12.44 3.91 18.09
N ALA A 255 -12.78 2.61 18.00
CA ALA A 255 -12.87 1.86 16.73
C ALA A 255 -14.12 2.32 15.97
N ARG A 256 -14.09 2.19 14.62
CA ARG A 256 -15.16 2.59 13.67
C ARG A 256 -15.29 4.11 13.53
N HIS A 257 -15.28 4.84 14.66
CA HIS A 257 -15.38 6.29 14.73
C HIS A 257 -14.03 6.95 14.44
N SER A 258 -14.02 7.99 13.58
CA SER A 258 -12.83 8.73 13.20
C SER A 258 -13.12 10.23 13.20
N THR A 259 -12.22 11.02 13.83
CA THR A 259 -12.38 12.47 13.96
C THR A 259 -11.15 13.22 13.43
N THR A 260 -11.38 14.27 12.63
CA THR A 260 -10.35 15.12 12.03
C THR A 260 -9.80 16.13 13.04
N GLN A 261 -8.59 16.67 12.77
CA GLN A 261 -7.90 17.67 13.60
C GLN A 261 -8.67 19.00 13.65
N PRO A 262 -8.66 19.73 14.80
CA PRO A 262 -9.41 21.01 14.85
C PRO A 262 -8.85 22.10 13.94
N ARG A 263 -9.61 22.42 12.88
CA ARG A 263 -9.27 23.42 11.88
C ARG A 263 -10.08 24.71 12.06
N LYS A 264 -9.45 25.87 11.76
CA LYS A 264 -10.06 27.20 11.91
C LYS A 264 -11.09 27.48 10.83
N THR A 265 -12.22 28.12 11.23
CA THR A 265 -13.31 28.52 10.34
C THR A 265 -12.99 29.88 9.69
N LYS A 266 -13.72 30.29 8.69
CA LYS A 266 -13.41 31.56 8.10
C LYS A 266 -14.16 32.51 8.98
N GLY A 267 -13.55 32.84 10.12
CA GLY A 267 -14.24 33.55 11.19
C GLY A 267 -13.37 33.48 12.41
N SER A 268 -13.98 33.54 13.61
CA SER A 268 -13.34 33.12 14.87
C SER A 268 -13.16 31.64 15.20
N GLY A 269 -14.21 30.86 15.00
CA GLY A 269 -14.44 29.53 15.55
C GLY A 269 -13.63 28.41 14.93
N PHE A 270 -13.89 27.16 15.40
CA PHE A 270 -13.23 25.94 14.94
C PHE A 270 -14.25 24.91 14.43
N PHE A 271 -13.80 23.96 13.57
CA PHE A 271 -14.67 22.92 13.03
C PHE A 271 -14.01 21.52 13.01
N VAL A 272 -14.82 20.48 13.30
CA VAL A 272 -14.40 19.07 13.32
C VAL A 272 -15.43 18.17 12.62
N PHE A 273 -14.94 17.17 11.87
CA PHE A 273 -15.78 16.21 11.15
C PHE A 273 -15.67 14.81 11.75
N SER A 274 -16.81 14.11 11.89
CA SER A 274 -16.86 12.75 12.45
C SER A 274 -17.46 11.77 11.44
N ARG A 275 -16.79 10.60 11.29
CA ARG A 275 -17.22 9.54 10.37
C ARG A 275 -17.38 8.21 11.12
N LEU A 276 -18.50 7.52 10.89
CA LEU A 276 -18.82 6.23 11.53
C LEU A 276 -19.51 5.28 10.53
N GLU A 277 -19.01 4.04 10.44
CA GLU A 277 -19.57 3.00 9.57
C GLU A 277 -20.43 2.01 10.35
N VAL A 278 -21.68 1.80 9.90
CA VAL A 278 -22.65 0.91 10.55
C VAL A 278 -23.18 -0.20 9.62
N THR A 279 -23.47 -1.38 10.20
CA THR A 279 -23.99 -2.56 9.49
C THR A 279 -25.53 -2.56 9.45
N ARG A 280 -26.13 -3.43 8.61
CA ARG A 280 -27.58 -3.58 8.43
C ARG A 280 -28.29 -4.03 9.72
N ALA A 281 -27.61 -4.85 10.56
CA ALA A 281 -28.12 -5.35 11.82
C ALA A 281 -28.28 -4.25 12.88
N GLU A 282 -27.53 -3.13 12.73
CA GLU A 282 -27.56 -1.99 13.64
C GLU A 282 -28.78 -1.10 13.47
N TRP A 283 -29.08 -0.65 12.23
CA TRP A 283 -30.23 0.23 11.98
C TRP A 283 -31.59 -0.46 12.03
N GLU A 284 -31.65 -1.78 11.71
CA GLU A 284 -32.88 -2.57 11.75
C GLU A 284 -33.34 -2.81 13.18
N GLN A 285 -32.39 -3.01 14.12
CA GLN A 285 -32.65 -3.22 15.54
C GLN A 285 -33.05 -1.89 16.20
N LYS A 286 -32.39 -0.79 15.80
CA LYS A 286 -32.65 0.57 16.30
C LYS A 286 -32.21 1.60 15.26
N ASP A 287 -33.18 2.34 14.69
CA ASP A 287 -32.93 3.36 13.68
C ASP A 287 -32.78 4.76 14.31
N GLU A 288 -31.76 4.90 15.18
CA GLU A 288 -31.43 6.15 15.89
C GLU A 288 -29.94 6.17 16.24
N PHE A 289 -29.22 7.18 15.72
CA PHE A 289 -27.79 7.35 15.96
C PHE A 289 -27.52 8.77 16.43
N ILE A 290 -27.18 8.91 17.73
CA ILE A 290 -26.93 10.20 18.37
C ILE A 290 -25.43 10.42 18.56
N CYS A 291 -24.92 11.57 18.09
CA CYS A 291 -23.52 11.94 18.22
C CYS A 291 -23.36 13.02 19.30
N ARG A 292 -22.67 12.66 20.40
CA ARG A 292 -22.45 13.55 21.54
C ARG A 292 -21.15 14.33 21.41
N ALA A 293 -21.22 15.65 21.72
CA ALA A 293 -20.08 16.55 21.68
C ALA A 293 -19.92 17.27 23.03
N VAL A 294 -18.72 17.14 23.63
CA VAL A 294 -18.40 17.76 24.92
C VAL A 294 -17.46 18.96 24.69
N HIS A 295 -17.83 20.13 25.23
CA HIS A 295 -17.08 21.38 25.11
C HIS A 295 -17.12 22.19 26.42
N GLU A 296 -16.13 23.09 26.61
CA GLU A 296 -16.00 23.96 27.78
C GLU A 296 -17.16 24.96 27.90
N ALA A 297 -17.63 25.50 26.75
CA ALA A 297 -18.72 26.48 26.67
C ALA A 297 -20.10 25.84 26.39
N ALA A 298 -20.15 24.51 26.21
CA ALA A 298 -21.37 23.75 25.91
C ALA A 298 -22.40 23.80 27.03
N SER A 299 -23.70 23.81 26.65
CA SER A 299 -24.85 23.85 27.55
C SER A 299 -26.02 23.03 26.98
N PRO A 300 -26.83 22.30 27.80
CA PRO A 300 -26.79 22.20 29.27
C PRO A 300 -25.83 21.13 29.81
N SER A 301 -25.18 21.45 30.96
CA SER A 301 -24.22 20.60 31.68
C SER A 301 -23.09 20.01 30.80
N GLN A 302 -22.54 20.86 29.90
CA GLN A 302 -21.47 20.52 28.94
C GLN A 302 -21.85 19.37 27.99
N THR A 303 -23.13 19.31 27.60
CA THR A 303 -23.67 18.26 26.72
C THR A 303 -24.51 18.85 25.57
N VAL A 304 -24.02 18.69 24.33
CA VAL A 304 -24.69 19.14 23.10
C VAL A 304 -24.77 17.93 22.17
N GLN A 305 -25.96 17.34 22.04
CA GLN A 305 -26.21 16.14 21.22
C GLN A 305 -27.32 16.34 20.18
N ARG A 306 -27.15 15.70 19.00
CA ARG A 306 -28.10 15.75 17.88
C ARG A 306 -28.30 14.37 17.26
N ALA A 307 -29.56 13.99 17.00
CA ALA A 307 -29.93 12.71 16.41
C ALA A 307 -30.05 12.79 14.89
N LYS B 2 14.60 47.17 17.84
CA LYS B 2 15.03 45.89 18.40
C LYS B 2 13.90 45.13 19.09
N ILE B 3 13.63 43.91 18.60
CA ILE B 3 12.57 43.04 19.12
C ILE B 3 13.00 42.41 20.46
N LEU B 4 12.09 42.43 21.46
CA LEU B 4 12.31 41.87 22.79
C LEU B 4 11.29 40.78 23.11
N GLN B 5 11.77 39.51 23.22
CA GLN B 5 10.94 38.34 23.49
C GLN B 5 10.67 38.10 24.97
N SER B 6 9.61 37.33 25.29
CA SER B 6 9.21 36.97 26.65
C SER B 6 10.20 35.97 27.24
N SER B 7 10.70 36.27 28.46
CA SER B 7 11.68 35.45 29.17
C SER B 7 11.06 34.21 29.80
N CYS B 8 11.83 33.11 29.85
CA CYS B 8 11.43 31.83 30.44
C CYS B 8 11.54 31.91 31.97
N ASP B 9 10.85 30.98 32.67
CA ASP B 9 10.85 30.91 34.14
C ASP B 9 12.17 30.39 34.73
N GLY B 10 12.21 30.21 36.06
CA GLY B 10 13.37 29.74 36.81
C GLY B 10 13.96 28.43 36.34
N GLY B 11 13.09 27.47 36.01
CA GLY B 11 13.49 26.15 35.52
C GLY B 11 14.00 26.15 34.09
N GLY B 12 13.55 27.12 33.29
CA GLY B 12 13.91 27.27 31.89
C GLY B 12 12.79 26.92 30.94
N HIS B 13 11.60 26.60 31.49
CA HIS B 13 10.39 26.22 30.74
C HIS B 13 9.79 27.42 30.03
N PHE B 14 9.28 27.20 28.81
CA PHE B 14 8.68 28.24 27.97
C PHE B 14 7.29 28.67 28.47
N PRO B 15 6.98 29.98 28.47
CA PRO B 15 5.65 30.42 28.92
C PRO B 15 4.56 30.13 27.88
N PRO B 16 3.25 30.01 28.26
CA PRO B 16 2.21 29.70 27.26
C PRO B 16 2.00 30.78 26.18
N THR B 17 2.20 32.06 26.55
CA THR B 17 2.04 33.20 25.64
C THR B 17 3.37 33.94 25.45
N ILE B 18 3.72 34.25 24.19
CA ILE B 18 4.95 34.94 23.83
C ILE B 18 4.64 36.36 23.32
N GLN B 19 5.30 37.38 23.91
CA GLN B 19 5.16 38.79 23.55
C GLN B 19 6.45 39.30 22.92
N LEU B 20 6.33 40.00 21.77
CA LEU B 20 7.46 40.49 20.97
C LEU B 20 7.41 42.01 20.66
N CYS B 21 8.47 42.50 19.96
CA CYS B 21 8.68 43.85 19.41
C CYS B 21 8.81 45.06 20.36
N LEU B 22 9.60 46.06 19.90
CA LEU B 22 9.89 47.36 20.49
C LEU B 22 10.58 48.21 19.41
N VAL B 23 9.98 49.36 19.05
CA VAL B 23 10.52 50.26 18.02
C VAL B 23 11.10 51.54 18.65
N SER B 24 12.35 51.89 18.28
CA SER B 24 13.09 53.06 18.76
C SER B 24 12.50 54.39 18.26
N GLY B 25 12.97 55.50 18.88
CA GLY B 25 12.54 56.86 18.57
C GLY B 25 12.86 57.32 17.16
N TYR B 26 11.94 58.12 16.57
CA TYR B 26 12.05 58.65 15.21
C TYR B 26 11.36 60.02 15.07
N THR B 27 11.54 60.69 13.90
CA THR B 27 10.96 62.00 13.56
C THR B 27 9.42 61.85 13.43
N PRO B 28 8.60 62.72 14.09
CA PRO B 28 7.13 62.58 13.99
C PRO B 28 6.54 62.48 12.59
N GLY B 29 5.73 61.44 12.38
CA GLY B 29 5.07 61.14 11.11
C GLY B 29 4.24 59.86 11.16
N THR B 30 3.49 59.59 10.08
CA THR B 30 2.64 58.39 9.96
C THR B 30 3.50 57.16 9.67
N ILE B 31 3.34 56.10 10.50
CA ILE B 31 4.09 54.85 10.38
C ILE B 31 3.18 53.63 10.08
N GLN B 32 3.75 52.61 9.42
CA GLN B 32 3.06 51.37 9.06
C GLN B 32 3.83 50.17 9.61
N ILE B 33 3.19 49.40 10.51
CA ILE B 33 3.78 48.21 11.13
C ILE B 33 3.03 46.97 10.64
N THR B 34 3.76 46.03 10.01
CA THR B 34 3.21 44.79 9.46
C THR B 34 3.96 43.57 10.01
N TRP B 35 3.21 42.56 10.50
CA TRP B 35 3.78 41.33 11.05
C TRP B 35 3.88 40.23 9.99
N LEU B 36 5.03 39.56 9.94
CA LEU B 36 5.31 38.48 8.98
C LEU B 36 5.62 37.15 9.66
N GLU B 37 5.32 36.04 8.97
CA GLU B 37 5.56 34.67 9.40
C GLU B 37 6.23 33.93 8.23
N ASP B 38 7.57 34.09 8.12
CA ASP B 38 8.43 33.54 7.07
C ASP B 38 7.99 33.94 5.64
N GLY B 39 7.66 35.22 5.49
CA GLY B 39 7.21 35.82 4.24
C GLY B 39 5.71 35.78 4.03
N GLN B 40 4.93 35.68 5.12
CA GLN B 40 3.47 35.64 5.10
C GLN B 40 2.89 36.63 6.11
N VAL B 41 2.06 37.58 5.63
CA VAL B 41 1.43 38.61 6.45
C VAL B 41 0.39 38.03 7.41
N MET B 42 0.61 38.24 8.72
CA MET B 42 -0.27 37.78 9.81
C MET B 42 -1.47 38.73 10.00
N ASP B 43 -2.48 38.29 10.78
CA ASP B 43 -3.70 39.07 11.06
C ASP B 43 -3.40 40.28 11.95
N VAL B 44 -4.01 41.44 11.60
CA VAL B 44 -3.86 42.71 12.32
C VAL B 44 -4.51 42.71 13.72
N ASP B 45 -5.56 41.87 13.92
CA ASP B 45 -6.29 41.75 15.19
C ASP B 45 -5.45 41.16 16.33
N LEU B 46 -4.45 40.31 16.00
CA LEU B 46 -3.56 39.66 16.97
C LEU B 46 -2.57 40.65 17.61
N SER B 47 -2.18 41.71 16.86
CA SER B 47 -1.24 42.73 17.33
C SER B 47 -1.92 44.02 17.79
N THR B 48 -1.33 44.69 18.80
CA THR B 48 -1.82 45.95 19.36
C THR B 48 -0.77 47.05 19.20
N ALA B 49 -1.17 48.19 18.61
CA ALA B 49 -0.29 49.34 18.38
C ALA B 49 -0.58 50.52 19.31
N SER B 50 0.49 51.16 19.82
CA SER B 50 0.42 52.31 20.72
C SER B 50 1.58 53.29 20.47
N THR B 51 1.26 54.56 20.23
CA THR B 51 2.24 55.62 19.95
C THR B 51 2.34 56.59 21.14
N THR B 52 3.58 56.87 21.59
CA THR B 52 3.87 57.77 22.71
C THR B 52 4.94 58.80 22.30
N GLN B 53 4.65 60.09 22.51
CA GLN B 53 5.55 61.20 22.20
C GLN B 53 6.41 61.56 23.41
N GLU B 54 7.74 61.52 23.26
CA GLU B 54 8.69 61.85 24.34
C GLU B 54 9.69 62.91 23.89
N GLY B 55 9.49 64.13 24.39
CA GLY B 55 10.32 65.29 24.07
C GLY B 55 10.13 65.80 22.66
N GLU B 56 10.99 65.34 21.73
CA GLU B 56 10.93 65.72 20.32
C GLU B 56 10.70 64.50 19.42
N LEU B 57 11.31 63.35 19.74
CA LEU B 57 11.19 62.10 19.00
C LEU B 57 9.98 61.28 19.44
N ALA B 58 9.32 60.62 18.48
CA ALA B 58 8.14 59.78 18.73
C ALA B 58 8.50 58.30 18.83
N SER B 59 7.92 57.59 19.81
CA SER B 59 8.16 56.17 20.04
C SER B 59 6.86 55.36 19.93
N THR B 60 6.94 54.21 19.22
CA THR B 60 5.80 53.31 18.99
C THR B 60 6.18 51.87 19.37
N GLN B 61 5.23 51.12 19.93
CA GLN B 61 5.45 49.71 20.32
C GLN B 61 4.31 48.79 19.90
N SER B 62 4.64 47.67 19.25
CA SER B 62 3.70 46.66 18.79
C SER B 62 3.86 45.38 19.61
N GLU B 63 2.75 44.75 20.02
CA GLU B 63 2.79 43.53 20.82
C GLU B 63 1.93 42.42 20.19
N LEU B 64 2.61 41.37 19.70
CA LEU B 64 1.98 40.20 19.06
C LEU B 64 1.99 39.02 20.02
N THR B 65 0.80 38.43 20.27
CA THR B 65 0.63 37.28 21.16
C THR B 65 0.67 35.98 20.35
N LEU B 66 1.53 35.04 20.77
CA LEU B 66 1.71 33.74 20.12
C LEU B 66 1.67 32.58 21.11
N SER B 67 1.05 31.46 20.70
CA SER B 67 0.95 30.24 21.50
C SER B 67 2.30 29.50 21.52
N GLN B 68 2.49 28.62 22.53
CA GLN B 68 3.73 27.85 22.69
C GLN B 68 4.00 26.87 21.54
N LYS B 69 2.93 26.32 20.93
CA LYS B 69 3.02 25.40 19.80
C LYS B 69 3.43 26.12 18.51
N HIS B 70 3.11 27.43 18.39
CA HIS B 70 3.44 28.26 17.23
C HIS B 70 4.88 28.77 17.27
N TRP B 71 5.37 29.14 18.47
CA TRP B 71 6.72 29.67 18.69
C TRP B 71 7.81 28.59 18.67
N LEU B 72 7.52 27.41 19.26
CA LEU B 72 8.47 26.29 19.32
C LEU B 72 8.47 25.37 18.08
N SER B 73 7.66 25.70 17.05
CA SER B 73 7.56 24.95 15.80
C SER B 73 8.67 25.32 14.78
N ASP B 74 9.65 26.15 15.22
CA ASP B 74 10.79 26.66 14.45
C ASP B 74 10.35 27.51 13.24
N ARG B 75 9.79 28.69 13.53
CA ARG B 75 9.31 29.65 12.52
C ARG B 75 9.79 31.06 12.85
N THR B 76 10.37 31.74 11.84
CA THR B 76 10.93 33.08 11.96
C THR B 76 9.86 34.16 11.74
N TYR B 77 9.75 35.10 12.68
CA TYR B 77 8.81 36.22 12.64
C TYR B 77 9.54 37.52 12.32
N THR B 78 9.01 38.28 11.36
CA THR B 78 9.62 39.55 10.92
C THR B 78 8.66 40.72 11.09
N CYS B 79 9.16 41.84 11.64
CA CYS B 79 8.38 43.06 11.85
C CYS B 79 8.74 44.08 10.77
N GLN B 80 7.87 44.23 9.76
CA GLN B 80 8.06 45.14 8.65
C GLN B 80 7.62 46.56 9.04
N VAL B 81 8.56 47.52 8.97
CA VAL B 81 8.32 48.92 9.31
C VAL B 81 8.40 49.76 8.03
N THR B 82 7.30 50.44 7.67
CA THR B 82 7.23 51.28 6.48
C THR B 82 7.09 52.75 6.87
N TYR B 83 8.15 53.54 6.63
CA TYR B 83 8.22 54.97 6.93
C TYR B 83 9.10 55.70 5.92
N GLN B 84 8.55 56.76 5.29
CA GLN B 84 9.20 57.60 4.26
C GLN B 84 9.58 56.88 2.94
N GLY B 85 9.07 55.66 2.76
CA GLY B 85 9.31 54.84 1.59
C GLY B 85 10.74 54.31 1.48
N HIS B 86 11.13 53.62 2.54
CA HIS B 86 12.27 52.79 2.53
C HIS B 86 11.90 51.41 2.97
N THR B 87 11.54 51.23 4.24
CA THR B 87 11.26 49.90 4.82
C THR B 87 12.36 49.38 5.70
N PHE B 88 12.10 49.15 6.99
CA PHE B 88 13.13 48.53 7.85
C PHE B 88 12.74 47.19 8.51
N GLU B 89 13.42 46.12 8.17
CA GLU B 89 13.18 44.74 8.59
C GLU B 89 14.03 44.30 9.78
N ASP B 90 13.41 43.51 10.68
CA ASP B 90 14.02 42.94 11.88
C ASP B 90 13.37 41.58 12.12
N SER B 91 14.17 40.50 12.17
CA SER B 91 13.69 39.13 12.34
C SER B 91 13.96 38.53 13.71
N THR B 92 13.03 37.70 14.20
CA THR B 92 13.11 37.00 15.48
C THR B 92 12.83 35.50 15.32
N LYS B 93 13.66 34.66 15.96
CA LYS B 93 13.54 33.20 15.90
C LYS B 93 13.81 32.55 17.26
N LYS B 94 13.28 31.34 17.45
CA LYS B 94 13.45 30.51 18.64
C LYS B 94 14.90 30.04 18.70
N CYS B 95 15.49 30.00 19.91
CA CYS B 95 16.87 29.59 20.18
C CYS B 95 17.21 28.25 19.53
N ALA B 96 18.15 28.26 18.57
CA ALA B 96 18.58 27.09 17.81
C ALA B 96 20.06 26.72 18.01
N ASP B 97 20.43 25.48 17.63
CA ASP B 97 21.78 24.94 17.72
C ASP B 97 22.72 25.53 16.65
N SER B 98 24.03 25.24 16.76
CA SER B 98 25.05 25.72 15.82
C SER B 98 24.98 24.96 14.47
N ASN B 99 23.91 25.25 13.70
CA ASN B 99 23.60 24.68 12.37
C ASN B 99 23.58 23.12 12.33
N PRO B 100 22.51 22.46 12.82
CA PRO B 100 22.47 20.99 12.80
C PRO B 100 21.90 20.40 11.50
N ARG B 101 22.00 19.06 11.34
CA ARG B 101 21.51 18.27 10.20
C ARG B 101 22.14 18.64 8.83
N GLY B 102 21.67 17.98 7.78
CA GLY B 102 22.14 18.19 6.41
C GLY B 102 21.10 18.84 5.51
N VAL B 103 21.42 18.91 4.21
CA VAL B 103 20.55 19.49 3.17
C VAL B 103 19.45 18.48 2.80
N SER B 104 18.17 18.88 2.89
CA SER B 104 17.04 18.01 2.57
C SER B 104 16.29 18.44 1.32
N ALA B 105 15.98 17.47 0.44
CA ALA B 105 15.26 17.68 -0.82
C ALA B 105 13.93 16.93 -0.82
N TYR B 106 12.87 17.58 -1.34
CA TYR B 106 11.53 17.01 -1.41
C TYR B 106 10.99 17.03 -2.84
N LEU B 107 10.57 15.86 -3.35
CA LEU B 107 10.02 15.70 -4.69
C LEU B 107 8.58 15.19 -4.60
N SER B 108 7.61 16.04 -4.99
CA SER B 108 6.19 15.75 -4.92
C SER B 108 5.59 15.32 -6.26
N ARG B 109 4.60 14.41 -6.21
CA ARG B 109 3.86 13.88 -7.36
C ARG B 109 2.90 14.96 -7.91
N PRO B 110 2.54 14.96 -9.23
CA PRO B 110 1.61 16.01 -9.71
C PRO B 110 0.18 15.77 -9.26
N SER B 111 -0.53 16.86 -8.92
CA SER B 111 -1.92 16.85 -8.46
C SER B 111 -2.88 16.29 -9.52
N PRO B 112 -3.96 15.54 -9.13
CA PRO B 112 -4.89 14.99 -10.15
C PRO B 112 -5.56 16.00 -11.08
N PHE B 113 -5.63 17.29 -10.69
CA PHE B 113 -6.20 18.37 -11.50
C PHE B 113 -5.31 18.63 -12.71
N ASP B 114 -3.98 18.66 -12.50
CA ASP B 114 -2.98 18.87 -13.55
C ASP B 114 -2.84 17.63 -14.45
N LEU B 115 -3.07 16.44 -13.88
CA LEU B 115 -2.96 15.15 -14.56
C LEU B 115 -4.16 14.80 -15.46
N PHE B 116 -5.39 15.26 -15.10
CA PHE B 116 -6.58 14.94 -15.89
C PHE B 116 -7.36 16.13 -16.45
N ILE B 117 -7.72 17.12 -15.60
CA ILE B 117 -8.48 18.30 -16.03
C ILE B 117 -7.62 19.27 -16.85
N ARG B 118 -6.51 19.77 -16.26
CA ARG B 118 -5.57 20.71 -16.87
C ARG B 118 -4.70 20.04 -17.96
N LYS B 119 -4.55 18.70 -17.89
CA LYS B 119 -3.76 17.86 -18.82
C LYS B 119 -2.26 18.21 -18.90
N SER B 120 -1.78 19.10 -17.99
CA SER B 120 -0.38 19.53 -17.92
C SER B 120 0.23 19.15 -16.56
N PRO B 121 0.66 17.88 -16.36
CA PRO B 121 1.25 17.51 -15.06
C PRO B 121 2.69 17.98 -14.90
N THR B 122 3.03 18.51 -13.72
CA THR B 122 4.36 19.03 -13.41
C THR B 122 4.86 18.56 -12.04
N ILE B 123 6.15 18.19 -11.96
CA ILE B 123 6.81 17.75 -10.72
C ILE B 123 7.75 18.83 -10.18
N THR B 124 7.54 19.24 -8.92
CA THR B 124 8.34 20.28 -8.27
C THR B 124 9.32 19.67 -7.26
N CYS B 125 10.61 20.04 -7.39
CA CYS B 125 11.68 19.57 -6.51
C CYS B 125 12.10 20.69 -5.55
N LEU B 126 11.51 20.69 -4.34
CA LEU B 126 11.77 21.69 -3.31
C LEU B 126 12.92 21.23 -2.39
N VAL B 127 14.07 21.91 -2.49
CA VAL B 127 15.26 21.60 -1.69
C VAL B 127 15.57 22.72 -0.68
N VAL B 128 15.63 22.36 0.62
CA VAL B 128 15.90 23.30 1.72
C VAL B 128 17.40 23.25 2.08
N ASP B 129 18.06 24.43 2.04
CA ASP B 129 19.47 24.58 2.37
C ASP B 129 19.65 25.56 3.53
N PRO B 132 23.46 29.64 3.45
CA PRO B 132 24.23 29.04 2.35
C PRO B 132 25.67 29.55 2.27
N SER B 133 26.62 28.65 1.97
CA SER B 133 28.03 28.97 1.85
C SER B 133 28.36 29.57 0.47
N LYS B 134 27.87 28.91 -0.61
CA LYS B 134 28.06 29.33 -1.99
C LYS B 134 26.89 28.84 -2.85
N GLY B 135 26.50 29.65 -3.84
CA GLY B 135 25.41 29.34 -4.76
C GLY B 135 25.77 28.29 -5.79
N THR B 136 26.02 27.05 -5.32
CA THR B 136 26.40 25.91 -6.16
C THR B 136 25.45 24.72 -5.94
N VAL B 137 24.14 24.97 -6.09
CA VAL B 137 23.09 23.94 -5.94
C VAL B 137 22.63 23.55 -7.35
N GLN B 138 22.99 22.33 -7.79
CA GLN B 138 22.66 21.81 -9.11
C GLN B 138 21.51 20.81 -9.04
N LEU B 139 20.55 20.91 -9.97
CA LEU B 139 19.40 19.99 -10.05
C LEU B 139 19.36 19.27 -11.40
N THR B 140 20.02 18.09 -11.46
CA THR B 140 20.10 17.26 -12.65
C THR B 140 18.86 16.37 -12.77
N TRP B 141 18.28 16.28 -13.99
CA TRP B 141 17.09 15.48 -14.27
C TRP B 141 17.38 14.31 -15.21
N SER B 142 16.83 13.12 -14.88
CA SER B 142 16.98 11.88 -15.65
C SER B 142 15.78 10.95 -15.46
N ARG B 143 15.63 9.97 -16.38
CA ARG B 143 14.54 8.98 -16.34
C ARG B 143 15.07 7.58 -16.00
N ALA B 144 14.18 6.70 -15.49
CA ALA B 144 14.50 5.32 -15.12
C ALA B 144 14.89 4.45 -16.32
N SER B 145 14.25 4.69 -17.47
CA SER B 145 14.51 3.95 -18.73
C SER B 145 15.70 4.54 -19.49
N GLY B 146 15.81 5.87 -19.49
CA GLY B 146 16.86 6.61 -20.17
C GLY B 146 16.36 7.47 -21.32
N LYS B 147 15.17 8.08 -21.14
CA LYS B 147 14.51 8.94 -22.14
C LYS B 147 14.84 10.42 -21.90
N PRO B 148 14.94 11.27 -22.95
CA PRO B 148 15.27 12.70 -22.73
C PRO B 148 14.17 13.50 -22.01
N VAL B 149 14.59 14.51 -21.23
CA VAL B 149 13.71 15.38 -20.46
C VAL B 149 13.88 16.86 -20.82
N GLN B 150 12.78 17.64 -20.72
CA GLN B 150 12.77 19.09 -21.00
C GLN B 150 13.44 19.86 -19.86
N HIS B 151 13.83 21.12 -20.12
CA HIS B 151 14.48 21.96 -19.10
C HIS B 151 13.48 22.45 -18.05
N SER B 152 13.85 22.33 -16.77
CA SER B 152 13.02 22.73 -15.63
C SER B 152 13.25 24.18 -15.21
N THR B 153 12.18 24.86 -14.73
CA THR B 153 12.23 26.24 -14.28
C THR B 153 12.93 26.31 -12.91
N ARG B 154 14.24 26.61 -12.93
CA ARG B 154 15.09 26.71 -11.74
C ARG B 154 15.01 28.12 -11.13
N LYS B 155 14.13 28.28 -10.13
CA LYS B 155 13.94 29.56 -9.44
C LYS B 155 14.36 29.46 -7.97
N GLU B 156 15.27 30.35 -7.56
CA GLU B 156 15.78 30.42 -6.18
C GLU B 156 15.20 31.60 -5.40
N GLU B 157 14.76 31.34 -4.16
CA GLU B 157 14.17 32.35 -3.29
C GLU B 157 14.90 32.36 -1.93
N LYS B 158 15.73 33.38 -1.70
CA LYS B 158 16.49 33.55 -0.45
C LYS B 158 15.54 34.03 0.64
N GLN B 159 15.37 33.21 1.69
CA GLN B 159 14.47 33.49 2.81
C GLN B 159 15.09 34.39 3.86
N ARG B 160 14.23 35.10 4.63
CA ARG B 160 14.63 36.03 5.70
C ARG B 160 15.36 35.37 6.88
N ASN B 161 15.18 34.05 7.07
CA ASN B 161 15.83 33.30 8.16
C ASN B 161 17.29 32.89 7.87
N GLY B 162 17.80 33.25 6.70
CA GLY B 162 19.17 32.97 6.28
C GLY B 162 19.37 31.64 5.57
N THR B 163 18.35 31.19 4.81
CA THR B 163 18.40 29.93 4.05
C THR B 163 18.00 30.16 2.59
N LEU B 164 18.60 29.37 1.67
CA LEU B 164 18.30 29.45 0.24
C LEU B 164 17.42 28.27 -0.17
N THR B 165 16.29 28.57 -0.81
CA THR B 165 15.34 27.56 -1.28
C THR B 165 15.14 27.67 -2.79
N VAL B 166 15.60 26.64 -3.52
CA VAL B 166 15.50 26.58 -4.98
C VAL B 166 14.55 25.45 -5.43
N THR B 167 13.57 25.80 -6.28
CA THR B 167 12.57 24.88 -6.81
C THR B 167 12.76 24.63 -8.30
N SER B 168 12.58 23.38 -8.73
CA SER B 168 12.71 22.96 -10.13
C SER B 168 11.41 22.28 -10.60
N THR B 169 10.67 22.96 -11.48
CA THR B 169 9.41 22.48 -12.03
C THR B 169 9.62 21.81 -13.39
N LEU B 170 9.55 20.47 -13.41
CA LEU B 170 9.75 19.66 -14.62
C LEU B 170 8.41 19.29 -15.27
N PRO B 171 8.19 19.59 -16.57
CA PRO B 171 6.92 19.22 -17.21
C PRO B 171 6.90 17.77 -17.68
N VAL B 172 6.11 16.93 -16.99
CA VAL B 172 5.98 15.49 -17.28
C VAL B 172 4.80 15.17 -18.20
N GLY B 173 4.90 14.06 -18.92
CA GLY B 173 3.86 13.59 -19.84
C GLY B 173 2.63 13.05 -19.14
N THR B 174 1.45 13.26 -19.76
CA THR B 174 0.16 12.81 -19.23
C THR B 174 0.04 11.29 -19.28
N ARG B 175 0.22 10.69 -20.48
CA ARG B 175 0.14 9.24 -20.70
C ARG B 175 1.29 8.48 -20.05
N ASP B 176 2.50 9.10 -19.99
CA ASP B 176 3.70 8.51 -19.41
C ASP B 176 3.59 8.25 -17.90
N TRP B 177 2.93 9.15 -17.16
CA TRP B 177 2.75 9.02 -15.70
C TRP B 177 1.82 7.87 -15.30
N ILE B 178 0.68 7.73 -16.01
CA ILE B 178 -0.33 6.67 -15.76
C ILE B 178 0.25 5.28 -16.09
N GLU B 179 1.12 5.19 -17.11
CA GLU B 179 1.76 3.94 -17.55
C GLU B 179 2.73 3.36 -16.52
N GLY B 180 3.39 4.24 -15.75
CA GLY B 180 4.32 3.85 -14.69
C GLY B 180 5.77 4.23 -14.91
N GLU B 181 6.02 5.51 -15.25
CA GLU B 181 7.37 6.05 -15.48
C GLU B 181 7.92 6.67 -14.20
N THR B 182 9.17 6.30 -13.84
CA THR B 182 9.85 6.82 -12.65
C THR B 182 10.81 7.94 -13.07
N TYR B 183 10.63 9.14 -12.48
CA TYR B 183 11.45 10.31 -12.76
C TYR B 183 12.48 10.53 -11.67
N GLN B 184 13.77 10.49 -12.05
CA GLN B 184 14.92 10.64 -11.14
C GLN B 184 15.41 12.09 -11.08
N CYS B 185 16.02 12.47 -9.94
CA CYS B 185 16.58 13.80 -9.71
C CYS B 185 17.88 13.73 -8.91
N ARG B 186 18.89 14.51 -9.31
CA ARG B 186 20.19 14.55 -8.65
C ARG B 186 20.51 15.95 -8.15
N VAL B 187 20.82 16.05 -6.84
CA VAL B 187 21.17 17.30 -6.16
C VAL B 187 22.58 17.16 -5.57
N THR B 188 23.51 18.03 -6.00
CA THR B 188 24.90 18.02 -5.55
C THR B 188 25.31 19.33 -4.87
N HIS B 189 26.08 19.23 -3.77
CA HIS B 189 26.56 20.37 -2.99
C HIS B 189 28.01 20.13 -2.52
N PRO B 190 28.90 21.16 -2.53
CA PRO B 190 30.29 20.94 -2.09
C PRO B 190 30.46 20.57 -0.62
N HIS B 191 29.55 21.04 0.26
CA HIS B 191 29.58 20.75 1.69
C HIS B 191 29.17 19.29 1.98
N LEU B 192 28.20 18.77 1.21
CA LEU B 192 27.70 17.39 1.33
C LEU B 192 28.70 16.38 0.72
N PRO B 193 29.00 15.25 1.42
CA PRO B 193 29.98 14.29 0.85
C PRO B 193 29.42 13.42 -0.28
N ARG B 194 28.23 12.81 -0.07
CA ARG B 194 27.56 11.95 -1.04
C ARG B 194 26.46 12.70 -1.78
N ALA B 195 26.28 12.39 -3.08
CA ALA B 195 25.27 13.03 -3.93
C ALA B 195 23.85 12.60 -3.53
N LEU B 196 23.00 13.58 -3.14
CA LEU B 196 21.63 13.34 -2.71
C LEU B 196 20.72 13.12 -3.93
N MET B 197 19.93 12.04 -3.90
CA MET B 197 19.04 11.64 -4.98
C MET B 197 17.64 11.26 -4.47
N ARG B 198 16.62 11.94 -5.03
CA ARG B 198 15.20 11.72 -4.68
C ARG B 198 14.40 11.48 -5.97
N SER B 199 13.63 10.38 -6.00
CA SER B 199 12.82 10.00 -7.18
C SER B 199 11.40 9.57 -6.80
N THR B 200 10.42 9.96 -7.61
CA THR B 200 9.01 9.61 -7.39
C THR B 200 8.31 9.09 -8.64
N THR B 201 7.32 8.19 -8.44
CA THR B 201 6.52 7.57 -9.51
C THR B 201 5.05 7.42 -9.07
N LYS B 202 4.20 6.91 -9.99
CA LYS B 202 2.77 6.66 -9.75
C LYS B 202 2.64 5.56 -8.68
N THR B 203 1.87 5.84 -7.61
CA THR B 203 1.67 4.91 -6.49
C THR B 203 0.96 3.63 -6.94
N SER B 204 1.77 2.62 -7.31
CA SER B 204 1.32 1.32 -7.80
C SER B 204 0.72 0.49 -6.67
N GLY B 205 -0.56 0.14 -6.85
CA GLY B 205 -1.32 -0.68 -5.91
C GLY B 205 -2.78 -0.81 -6.30
N PRO B 206 -3.68 -1.05 -5.32
CA PRO B 206 -5.12 -1.19 -5.67
C PRO B 206 -5.78 0.13 -6.07
N ARG B 207 -6.73 0.04 -7.02
CA ARG B 207 -7.47 1.19 -7.54
C ARG B 207 -8.96 1.08 -7.21
N ALA B 208 -9.54 2.16 -6.67
CA ALA B 208 -10.95 2.23 -6.29
C ALA B 208 -11.58 3.58 -6.62
N ALA B 209 -12.83 3.56 -7.14
CA ALA B 209 -13.58 4.75 -7.51
C ALA B 209 -14.10 5.50 -6.26
N PRO B 210 -13.93 6.83 -6.18
CA PRO B 210 -14.41 7.55 -4.97
C PRO B 210 -15.92 7.69 -4.87
N GLU B 211 -16.44 7.72 -3.62
CA GLU B 211 -17.86 7.85 -3.32
C GLU B 211 -18.15 9.26 -2.78
N VAL B 212 -18.75 10.12 -3.63
CA VAL B 212 -19.07 11.51 -3.29
C VAL B 212 -20.49 11.63 -2.73
N TYR B 213 -20.63 12.36 -1.60
CA TYR B 213 -21.90 12.61 -0.92
C TYR B 213 -22.02 14.11 -0.59
N ALA B 214 -23.12 14.75 -1.02
CA ALA B 214 -23.38 16.17 -0.79
C ALA B 214 -24.43 16.39 0.29
N PHE B 215 -24.14 17.31 1.23
CA PHE B 215 -25.02 17.65 2.35
C PHE B 215 -25.11 19.16 2.58
N ALA B 216 -26.29 19.64 2.98
CA ALA B 216 -26.56 21.05 3.26
C ALA B 216 -27.09 21.21 4.70
N THR B 217 -26.57 22.22 5.43
CA THR B 217 -26.95 22.50 6.82
C THR B 217 -28.24 23.33 6.90
N PRO B 218 -29.18 23.01 7.82
CA PRO B 218 -30.42 23.83 7.92
C PRO B 218 -30.21 25.14 8.68
N GLU B 219 -31.28 25.95 8.78
CA GLU B 219 -31.27 27.24 9.48
C GLU B 219 -31.06 27.07 10.99
N TRP B 220 -30.05 27.78 11.53
CA TRP B 220 -29.68 27.75 12.95
C TRP B 220 -29.95 29.13 13.59
N PRO B 221 -30.48 29.22 14.84
CA PRO B 221 -30.73 30.54 15.45
C PRO B 221 -29.47 31.36 15.65
N GLY B 222 -29.48 32.58 15.11
CA GLY B 222 -28.36 33.51 15.15
C GLY B 222 -27.87 33.86 13.75
N SER B 223 -27.65 32.83 12.91
CA SER B 223 -27.20 32.96 11.53
C SER B 223 -28.41 32.96 10.58
N ARG B 224 -28.45 33.92 9.65
CA ARG B 224 -29.53 34.05 8.67
C ARG B 224 -29.02 34.11 7.23
N ASP B 225 -28.05 35.00 6.96
CA ASP B 225 -27.47 35.18 5.62
C ASP B 225 -26.51 34.07 5.21
N LYS B 226 -25.64 33.63 6.15
CA LYS B 226 -24.65 32.59 5.87
C LYS B 226 -25.09 31.16 6.22
N ARG B 227 -24.75 30.21 5.33
CA ARG B 227 -25.03 28.78 5.46
C ARG B 227 -23.80 27.96 5.09
N THR B 228 -23.69 26.73 5.64
CA THR B 228 -22.54 25.84 5.42
C THR B 228 -22.91 24.59 4.60
N LEU B 229 -21.99 24.17 3.70
CA LEU B 229 -22.14 22.99 2.85
C LEU B 229 -21.07 21.95 3.21
N ALA B 230 -21.50 20.72 3.50
CA ALA B 230 -20.61 19.62 3.87
C ALA B 230 -20.57 18.54 2.77
N CYS B 231 -19.35 18.09 2.42
CA CYS B 231 -19.14 17.06 1.40
C CYS B 231 -18.23 15.94 1.90
N LEU B 232 -18.59 14.70 1.57
CA LEU B 232 -17.85 13.49 1.95
C LEU B 232 -17.43 12.67 0.73
N ILE B 233 -16.11 12.48 0.57
CA ILE B 233 -15.49 11.69 -0.50
C ILE B 233 -14.75 10.54 0.18
N GLN B 234 -15.25 9.31 0.02
CA GLN B 234 -14.68 8.12 0.67
C GLN B 234 -14.44 6.91 -0.26
N ASN B 235 -13.70 5.90 0.26
CA ASN B 235 -13.34 4.64 -0.39
C ASN B 235 -12.61 4.80 -1.74
N PHE B 236 -11.33 5.20 -1.68
CA PHE B 236 -10.48 5.42 -2.86
C PHE B 236 -8.99 5.23 -2.57
N MET B 237 -8.26 4.65 -3.53
CA MET B 237 -6.80 4.42 -3.45
C MET B 237 -6.13 4.65 -4.81
N PRO B 238 -4.99 5.38 -4.92
CA PRO B 238 -4.18 5.99 -3.85
C PRO B 238 -4.77 7.24 -3.20
N GLU B 239 -4.07 7.79 -2.18
CA GLU B 239 -4.47 8.96 -1.39
C GLU B 239 -4.60 10.29 -2.17
N ASP B 240 -4.03 10.36 -3.39
CA ASP B 240 -4.08 11.55 -4.26
C ASP B 240 -5.52 11.86 -4.70
N ILE B 241 -6.04 13.02 -4.25
CA ILE B 241 -7.41 13.48 -4.55
C ILE B 241 -7.48 15.03 -4.70
N SER B 242 -8.23 15.49 -5.71
CA SER B 242 -8.44 16.92 -5.99
C SER B 242 -9.90 17.28 -5.69
N VAL B 243 -10.11 18.22 -4.75
CA VAL B 243 -11.44 18.67 -4.32
C VAL B 243 -11.69 20.10 -4.81
N GLN B 244 -12.78 20.29 -5.56
CA GLN B 244 -13.21 21.58 -6.12
C GLN B 244 -14.72 21.76 -6.08
N TRP B 245 -15.18 22.99 -5.78
CA TRP B 245 -16.60 23.34 -5.72
C TRP B 245 -17.02 24.15 -6.94
N LEU B 246 -18.21 23.84 -7.50
CA LEU B 246 -18.75 24.52 -8.68
C LEU B 246 -20.07 25.24 -8.42
N HIS B 247 -20.18 26.46 -8.94
CA HIS B 247 -21.36 27.35 -8.86
C HIS B 247 -21.40 28.18 -10.14
N ASN B 248 -22.54 28.11 -10.88
CA ASN B 248 -22.78 28.77 -12.17
C ASN B 248 -21.78 28.30 -13.25
N GLU B 249 -21.56 26.96 -13.32
CA GLU B 249 -20.65 26.26 -14.24
C GLU B 249 -19.15 26.57 -14.07
N VAL B 250 -18.80 27.53 -13.20
CA VAL B 250 -17.42 27.94 -12.94
C VAL B 250 -16.90 27.52 -11.57
N GLN B 251 -15.60 27.19 -11.51
CA GLN B 251 -14.89 26.75 -10.30
C GLN B 251 -14.68 27.90 -9.32
N LEU B 252 -15.01 27.67 -8.04
CA LEU B 252 -14.84 28.64 -6.95
C LEU B 252 -13.36 28.69 -6.50
N PRO B 253 -12.86 29.82 -5.96
CA PRO B 253 -11.42 29.86 -5.56
C PRO B 253 -11.03 28.87 -4.48
N ASP B 254 -9.74 28.48 -4.48
CA ASP B 254 -9.14 27.52 -3.54
C ASP B 254 -9.14 28.00 -2.08
N ALA B 255 -9.13 29.31 -1.85
CA ALA B 255 -9.15 29.93 -0.51
C ALA B 255 -10.49 29.73 0.20
N ARG B 256 -11.60 29.72 -0.57
CA ARG B 256 -12.96 29.56 -0.06
C ARG B 256 -13.25 28.20 0.58
N HIS B 257 -12.92 27.10 -0.11
CA HIS B 257 -13.16 25.74 0.39
C HIS B 257 -12.00 25.15 1.19
N SER B 258 -12.31 24.43 2.28
CA SER B 258 -11.34 23.78 3.16
C SER B 258 -11.47 22.26 3.07
N THR B 259 -10.34 21.57 2.87
CA THR B 259 -10.29 20.11 2.76
C THR B 259 -9.30 19.50 3.78
N THR B 260 -9.74 18.43 4.46
CA THR B 260 -8.94 17.71 5.46
C THR B 260 -7.94 16.76 4.81
N GLN B 261 -6.89 16.37 5.56
CA GLN B 261 -5.82 15.47 5.13
C GLN B 261 -6.36 14.04 4.85
N PRO B 262 -5.82 13.31 3.83
CA PRO B 262 -6.33 11.96 3.55
C PRO B 262 -6.09 10.94 4.67
N ARG B 263 -7.18 10.54 5.34
CA ARG B 263 -7.16 9.59 6.45
C ARG B 263 -7.69 8.22 6.03
N LYS B 264 -7.11 7.15 6.60
CA LYS B 264 -7.49 5.76 6.29
C LYS B 264 -8.83 5.36 6.90
N THR B 265 -9.64 4.60 6.13
CA THR B 265 -10.95 4.09 6.56
C THR B 265 -10.76 2.79 7.35
N LYS B 266 -11.85 2.25 7.94
CA LYS B 266 -11.79 0.99 8.69
C LYS B 266 -11.95 -0.21 7.74
N GLY B 267 -10.98 -0.30 6.87
CA GLY B 267 -11.09 -1.05 5.67
C GLY B 267 -9.90 -0.62 4.86
N SER B 268 -9.91 -0.96 3.59
CA SER B 268 -8.83 -0.61 2.71
C SER B 268 -8.61 0.90 2.32
N GLY B 269 -9.69 1.60 2.06
CA GLY B 269 -9.82 2.90 1.41
C GLY B 269 -9.44 4.12 2.22
N PHE B 270 -9.57 5.32 1.61
CA PHE B 270 -9.27 6.62 2.20
C PHE B 270 -10.52 7.52 2.21
N PHE B 271 -10.55 8.53 3.12
CA PHE B 271 -11.66 9.47 3.22
C PHE B 271 -11.22 10.93 3.42
N VAL B 272 -11.94 11.87 2.77
CA VAL B 272 -11.69 13.32 2.85
C VAL B 272 -13.01 14.10 3.03
N PHE B 273 -12.98 15.15 3.86
CA PHE B 273 -14.13 16.01 4.14
C PHE B 273 -13.92 17.41 3.56
N SER B 274 -14.96 17.96 2.92
CA SER B 274 -14.93 19.30 2.33
C SER B 274 -15.98 20.22 2.96
N ARG B 275 -15.57 21.46 3.31
CA ARG B 275 -16.43 22.46 3.93
C ARG B 275 -16.41 23.77 3.10
N LEU B 276 -17.61 24.31 2.83
CA LEU B 276 -17.79 25.55 2.06
C LEU B 276 -18.88 26.43 2.70
N GLU B 277 -18.52 27.69 3.01
CA GLU B 277 -19.42 28.67 3.61
C GLU B 277 -19.99 29.57 2.51
N VAL B 278 -21.34 29.59 2.37
CA VAL B 278 -22.02 30.38 1.35
C VAL B 278 -22.99 31.43 1.91
N THR B 279 -23.10 32.57 1.21
CA THR B 279 -23.98 33.69 1.58
C THR B 279 -25.37 33.54 0.94
N ARG B 280 -26.34 34.36 1.41
CA ARG B 280 -27.74 34.37 0.93
C ARG B 280 -27.86 34.73 -0.55
N ALA B 281 -26.96 35.61 -1.05
CA ALA B 281 -26.91 36.06 -2.44
C ALA B 281 -26.51 34.94 -3.40
N GLU B 282 -25.80 33.90 -2.90
CA GLU B 282 -25.35 32.76 -3.70
C GLU B 282 -26.46 31.76 -4.03
N TRP B 283 -27.22 31.28 -3.02
CA TRP B 283 -28.28 30.31 -3.23
C TRP B 283 -29.55 30.87 -3.89
N GLU B 284 -29.84 32.17 -3.68
CA GLU B 284 -31.00 32.85 -4.26
C GLU B 284 -30.83 33.04 -5.77
N GLN B 285 -29.59 33.33 -6.22
CA GLN B 285 -29.23 33.50 -7.62
C GLN B 285 -29.21 32.14 -8.34
N LYS B 286 -28.71 31.10 -7.66
CA LYS B 286 -28.63 29.72 -8.16
C LYS B 286 -28.58 28.73 -6.99
N ASP B 287 -29.65 27.92 -6.85
CA ASP B 287 -29.77 26.92 -5.77
C ASP B 287 -29.26 25.54 -6.23
N GLU B 288 -27.96 25.48 -6.59
CA GLU B 288 -27.28 24.26 -7.05
C GLU B 288 -25.79 24.37 -6.75
N PHE B 289 -25.27 23.46 -5.91
CA PHE B 289 -23.87 23.41 -5.53
C PHE B 289 -23.32 22.00 -5.75
N ILE B 290 -22.44 21.85 -6.74
CA ILE B 290 -21.84 20.57 -7.12
C ILE B 290 -20.35 20.54 -6.75
N CYS B 291 -19.93 19.52 -5.98
CA CYS B 291 -18.54 19.33 -5.57
C CYS B 291 -17.91 18.23 -6.44
N ARG B 292 -16.93 18.63 -7.28
CA ARG B 292 -16.24 17.74 -8.21
C ARG B 292 -14.98 17.14 -7.57
N ALA B 293 -14.82 15.81 -7.70
CA ALA B 293 -13.68 15.06 -7.18
C ALA B 293 -12.91 14.37 -8.31
N VAL B 294 -11.59 14.62 -8.38
CA VAL B 294 -10.71 14.06 -9.40
C VAL B 294 -9.85 12.95 -8.78
N HIS B 295 -9.90 11.74 -9.36
CA HIS B 295 -9.16 10.57 -8.88
C HIS B 295 -8.59 9.74 -10.05
N GLU B 296 -7.55 8.94 -9.76
CA GLU B 296 -6.84 8.05 -10.68
C GLU B 296 -7.76 6.95 -11.25
N ALA B 297 -8.60 6.35 -10.38
CA ALA B 297 -9.53 5.26 -10.71
C ALA B 297 -10.96 5.76 -11.03
N ALA B 298 -11.19 7.08 -10.96
CA ALA B 298 -12.49 7.72 -11.20
C ALA B 298 -12.99 7.55 -12.65
N SER B 299 -14.32 7.41 -12.80
CA SER B 299 -15.01 7.24 -14.09
C SER B 299 -16.38 7.95 -14.06
N PRO B 300 -16.86 8.58 -15.16
CA PRO B 300 -16.26 8.69 -16.49
C PRO B 300 -15.26 9.83 -16.68
N SER B 301 -14.19 9.57 -17.46
CA SER B 301 -13.09 10.51 -17.81
C SER B 301 -12.47 11.20 -16.58
N GLN B 302 -12.27 10.42 -15.49
CA GLN B 302 -11.70 10.85 -14.20
C GLN B 302 -12.48 11.98 -13.54
N THR B 303 -13.83 11.94 -13.67
CA THR B 303 -14.75 12.95 -13.12
C THR B 303 -15.92 12.28 -12.39
N VAL B 304 -16.00 12.50 -11.06
CA VAL B 304 -17.07 12.00 -10.20
C VAL B 304 -17.64 13.21 -9.44
N GLN B 305 -18.85 13.66 -9.84
CA GLN B 305 -19.51 14.82 -9.25
C GLN B 305 -20.93 14.52 -8.74
N ARG B 306 -21.32 15.18 -7.63
CA ARG B 306 -22.63 15.03 -7.00
C ARG B 306 -23.19 16.39 -6.58
N ALA B 307 -24.47 16.64 -6.91
CA ALA B 307 -25.16 17.90 -6.60
C ALA B 307 -25.72 17.87 -5.17
N LYS C 2 -19.92 -36.59 -15.35
CA LYS C 2 -19.02 -36.08 -16.39
C LYS C 2 -18.95 -37.00 -17.61
N ILE C 3 -19.30 -36.45 -18.79
CA ILE C 3 -19.30 -37.17 -20.07
C ILE C 3 -17.87 -37.36 -20.59
N LEU C 4 -17.54 -38.59 -21.04
CA LEU C 4 -16.23 -38.95 -21.60
C LEU C 4 -16.37 -39.46 -23.04
N GLN C 5 -15.82 -38.70 -24.01
CA GLN C 5 -15.87 -39.01 -25.44
C GLN C 5 -14.75 -39.95 -25.92
N SER C 6 -14.97 -40.61 -27.08
CA SER C 6 -14.00 -41.51 -27.71
C SER C 6 -12.83 -40.72 -28.28
N SER C 7 -11.59 -41.14 -27.94
CA SER C 7 -10.36 -40.50 -28.38
C SER C 7 -9.99 -40.84 -29.83
N CYS C 8 -9.37 -39.87 -30.52
CA CYS C 8 -8.90 -40.03 -31.90
C CYS C 8 -7.60 -40.83 -31.95
N ASP C 9 -7.27 -41.39 -33.14
CA ASP C 9 -6.05 -42.18 -33.34
C ASP C 9 -4.76 -41.33 -33.35
N GLY C 10 -3.62 -41.98 -33.62
CA GLY C 10 -2.30 -41.38 -33.68
C GLY C 10 -2.17 -40.17 -34.59
N GLY C 11 -2.76 -40.25 -35.77
CA GLY C 11 -2.76 -39.19 -36.76
C GLY C 11 -3.65 -38.01 -36.42
N GLY C 12 -4.69 -38.28 -35.64
CA GLY C 12 -5.67 -37.28 -35.23
C GLY C 12 -7.02 -37.44 -35.91
N HIS C 13 -7.16 -38.50 -36.73
CA HIS C 13 -8.38 -38.83 -37.47
C HIS C 13 -9.49 -39.33 -36.54
N PHE C 14 -10.73 -38.94 -36.83
CA PHE C 14 -11.90 -39.30 -36.04
C PHE C 14 -12.32 -40.77 -36.24
N PRO C 15 -12.68 -41.50 -35.16
CA PRO C 15 -13.10 -42.90 -35.33
C PRO C 15 -14.51 -43.02 -35.93
N PRO C 16 -14.88 -44.15 -36.60
CA PRO C 16 -16.23 -44.24 -37.20
C PRO C 16 -17.39 -44.20 -36.19
N THR C 17 -17.18 -44.76 -34.97
CA THR C 17 -18.18 -44.80 -33.90
C THR C 17 -17.72 -44.00 -32.69
N ILE C 18 -18.61 -43.16 -32.14
CA ILE C 18 -18.34 -42.32 -30.97
C ILE C 18 -19.14 -42.80 -29.76
N GLN C 19 -18.45 -43.03 -28.62
CA GLN C 19 -19.03 -43.49 -27.35
C GLN C 19 -18.91 -42.37 -26.31
N LEU C 20 -20.02 -42.08 -25.59
CA LEU C 20 -20.07 -40.99 -24.60
C LEU C 20 -20.67 -41.40 -23.23
N CYS C 21 -20.71 -40.44 -22.28
CA CYS C 21 -21.27 -40.47 -20.92
C CYS C 21 -20.64 -41.39 -19.87
N LEU C 22 -20.76 -40.95 -18.59
CA LEU C 22 -20.31 -41.59 -17.35
C LEU C 22 -20.96 -40.82 -16.18
N VAL C 23 -21.75 -41.51 -15.33
CA VAL C 23 -22.45 -40.90 -14.20
C VAL C 23 -21.81 -41.33 -12.87
N SER C 24 -21.49 -40.35 -12.00
CA SER C 24 -20.88 -40.53 -10.68
C SER C 24 -21.81 -41.22 -9.66
N GLY C 25 -21.23 -41.65 -8.54
CA GLY C 25 -21.92 -42.33 -7.44
C GLY C 25 -22.98 -41.49 -6.75
N TYR C 26 -24.09 -42.15 -6.35
CA TYR C 26 -25.24 -41.53 -5.67
C TYR C 26 -25.95 -42.49 -4.70
N THR C 27 -26.91 -41.98 -3.91
CA THR C 27 -27.70 -42.73 -2.93
C THR C 27 -28.64 -43.73 -3.68
N PRO C 28 -28.67 -45.03 -3.29
CA PRO C 28 -29.52 -45.99 -4.03
C PRO C 28 -30.99 -45.61 -4.21
N GLY C 29 -31.45 -45.68 -5.46
CA GLY C 29 -32.80 -45.34 -5.88
C GLY C 29 -33.02 -45.48 -7.38
N THR C 30 -34.28 -45.31 -7.82
CA THR C 30 -34.65 -45.40 -9.24
C THR C 30 -34.22 -44.12 -9.98
N ILE C 31 -33.46 -44.30 -11.08
CA ILE C 31 -32.95 -43.20 -11.90
C ILE C 31 -33.50 -43.22 -13.34
N GLN C 32 -33.58 -42.04 -13.98
CA GLN C 32 -34.06 -41.88 -15.35
C GLN C 32 -33.01 -41.13 -16.19
N ILE C 33 -32.49 -41.80 -17.23
CA ILE C 33 -31.47 -41.24 -18.13
C ILE C 33 -32.08 -41.04 -19.52
N THR C 34 -32.07 -39.79 -20.01
CA THR C 34 -32.62 -39.40 -21.30
C THR C 34 -31.57 -38.69 -22.16
N TRP C 35 -31.42 -39.12 -23.42
CA TRP C 35 -30.48 -38.54 -24.37
C TRP C 35 -31.12 -37.44 -25.22
N LEU C 36 -30.44 -36.30 -25.37
CA LEU C 36 -30.91 -35.15 -26.14
C LEU C 36 -29.98 -34.78 -27.29
N GLU C 37 -30.56 -34.20 -28.36
CA GLU C 37 -29.86 -33.74 -29.55
C GLU C 37 -30.35 -32.31 -29.84
N ASP C 38 -29.72 -31.32 -29.16
CA ASP C 38 -30.04 -29.89 -29.23
C ASP C 38 -31.51 -29.59 -28.89
N GLY C 39 -32.00 -30.23 -27.81
CA GLY C 39 -33.36 -30.09 -27.31
C GLY C 39 -34.36 -31.06 -27.93
N GLN C 40 -33.87 -32.21 -28.44
CA GLN C 40 -34.70 -33.25 -29.06
C GLN C 40 -34.33 -34.62 -28.50
N VAL C 41 -35.31 -35.33 -27.93
CA VAL C 41 -35.13 -36.65 -27.32
C VAL C 41 -34.83 -37.73 -28.37
N MET C 42 -33.66 -38.38 -28.22
CA MET C 42 -33.18 -39.45 -29.11
C MET C 42 -33.81 -40.80 -28.74
N ASP C 43 -33.66 -41.81 -29.62
CA ASP C 43 -34.19 -43.16 -29.44
C ASP C 43 -33.50 -43.92 -28.30
N VAL C 44 -34.28 -44.62 -27.46
CA VAL C 44 -33.80 -45.39 -26.31
C VAL C 44 -33.00 -46.65 -26.71
N ASP C 45 -33.26 -47.21 -27.91
CA ASP C 45 -32.60 -48.39 -28.46
C ASP C 45 -31.11 -48.19 -28.76
N LEU C 46 -30.72 -46.94 -29.11
CA LEU C 46 -29.34 -46.57 -29.43
C LEU C 46 -28.42 -46.58 -28.20
N SER C 47 -28.98 -46.29 -27.00
CA SER C 47 -28.24 -46.24 -25.74
C SER C 47 -28.42 -47.51 -24.90
N THR C 48 -27.37 -47.89 -24.14
CA THR C 48 -27.36 -49.05 -23.27
C THR C 48 -27.08 -48.63 -21.82
N ALA C 49 -27.97 -49.04 -20.88
CA ALA C 49 -27.85 -48.70 -19.46
C ALA C 49 -27.42 -49.90 -18.61
N SER C 50 -26.52 -49.64 -17.64
CA SER C 50 -25.98 -50.65 -16.71
C SER C 50 -25.71 -50.04 -15.34
N THR C 51 -26.28 -50.63 -14.28
CA THR C 51 -26.13 -50.18 -12.90
C THR C 51 -25.26 -51.14 -12.09
N THR C 52 -24.26 -50.59 -11.38
CA THR C 52 -23.32 -51.34 -10.55
C THR C 52 -23.24 -50.73 -9.15
N GLN C 53 -23.43 -51.58 -8.10
CA GLN C 53 -23.38 -51.18 -6.70
C GLN C 53 -21.96 -51.37 -6.15
N GLU C 54 -21.37 -50.29 -5.60
CA GLU C 54 -20.02 -50.32 -5.03
C GLU C 54 -20.02 -49.75 -3.60
N GLY C 55 -19.93 -50.65 -2.63
CA GLY C 55 -19.91 -50.32 -1.20
C GLY C 55 -21.26 -49.87 -0.69
N GLU C 56 -21.48 -48.54 -0.67
CA GLU C 56 -22.73 -47.92 -0.21
C GLU C 56 -23.41 -47.13 -1.33
N LEU C 57 -22.62 -46.41 -2.16
CA LEU C 57 -23.10 -45.61 -3.28
C LEU C 57 -23.27 -46.43 -4.55
N ALA C 58 -24.32 -46.12 -5.33
CA ALA C 58 -24.62 -46.80 -6.60
C ALA C 58 -24.12 -46.00 -7.80
N SER C 59 -23.50 -46.69 -8.78
CA SER C 59 -22.96 -46.09 -10.00
C SER C 59 -23.62 -46.65 -11.25
N THR C 60 -24.01 -45.75 -12.19
CA THR C 60 -24.67 -46.11 -13.44
C THR C 60 -23.93 -45.48 -14.63
N GLN C 61 -23.86 -46.19 -15.77
CA GLN C 61 -23.21 -45.70 -16.98
C GLN C 61 -24.02 -45.96 -18.25
N SER C 62 -24.20 -44.90 -19.06
CA SER C 62 -24.94 -44.95 -20.32
C SER C 62 -23.97 -44.78 -21.49
N GLU C 63 -24.15 -45.59 -22.55
CA GLU C 63 -23.28 -45.54 -23.73
C GLU C 63 -24.10 -45.38 -25.02
N LEU C 64 -23.99 -44.20 -25.66
CA LEU C 64 -24.69 -43.87 -26.90
C LEU C 64 -23.71 -43.94 -28.07
N THR C 65 -24.06 -44.73 -29.11
CA THR C 65 -23.25 -44.91 -30.32
C THR C 65 -23.70 -43.93 -31.40
N LEU C 66 -22.74 -43.16 -31.96
CA LEU C 66 -22.99 -42.17 -33.00
C LEU C 66 -22.02 -42.31 -34.17
N SER C 67 -22.54 -42.10 -35.39
CA SER C 67 -21.75 -42.16 -36.63
C SER C 67 -20.88 -40.90 -36.77
N GLN C 68 -19.81 -40.98 -37.60
CA GLN C 68 -18.88 -39.87 -37.84
C GLN C 68 -19.55 -38.66 -38.49
N LYS C 69 -20.55 -38.89 -39.36
CA LYS C 69 -21.30 -37.83 -40.05
C LYS C 69 -22.25 -37.09 -39.10
N HIS C 70 -22.71 -37.75 -38.02
CA HIS C 70 -23.61 -37.19 -37.01
C HIS C 70 -22.86 -36.35 -35.97
N TRP C 71 -21.66 -36.80 -35.56
CA TRP C 71 -20.81 -36.13 -34.56
C TRP C 71 -20.08 -34.91 -35.12
N LEU C 72 -19.57 -35.00 -36.37
CA LEU C 72 -18.83 -33.91 -37.02
C LEU C 72 -19.71 -32.84 -37.68
N SER C 73 -21.04 -32.96 -37.50
CA SER C 73 -22.02 -31.99 -37.98
C SER C 73 -22.27 -30.94 -36.88
N ASP C 74 -21.31 -30.80 -35.94
CA ASP C 74 -21.25 -29.89 -34.79
C ASP C 74 -22.54 -29.78 -33.95
N ARG C 75 -23.19 -30.93 -33.69
CA ARG C 75 -24.43 -31.01 -32.90
C ARG C 75 -24.11 -31.21 -31.42
N THR C 76 -24.79 -30.45 -30.54
CA THR C 76 -24.59 -30.58 -29.09
C THR C 76 -25.51 -31.66 -28.52
N TYR C 77 -24.93 -32.63 -27.80
CA TYR C 77 -25.65 -33.73 -27.16
C TYR C 77 -25.71 -33.52 -25.65
N THR C 78 -26.91 -33.67 -25.07
CA THR C 78 -27.14 -33.46 -23.63
C THR C 78 -27.70 -34.71 -22.96
N CYS C 79 -27.14 -35.09 -21.80
CA CYS C 79 -27.58 -36.24 -21.03
C CYS C 79 -28.42 -35.77 -19.84
N GLN C 80 -29.75 -35.92 -19.96
CA GLN C 80 -30.70 -35.52 -18.92
C GLN C 80 -30.85 -36.62 -17.87
N VAL C 81 -30.55 -36.27 -16.60
CA VAL C 81 -30.63 -37.18 -15.46
C VAL C 81 -31.80 -36.74 -14.57
N THR C 82 -32.82 -37.60 -14.46
CA THR C 82 -34.03 -37.34 -13.66
C THR C 82 -34.05 -38.30 -12.47
N TYR C 83 -33.99 -37.74 -11.25
CA TYR C 83 -33.98 -38.49 -10.01
C TYR C 83 -34.98 -37.89 -9.00
N GLN C 84 -36.16 -38.55 -8.87
CA GLN C 84 -37.26 -38.18 -7.97
C GLN C 84 -37.77 -36.74 -8.15
N GLY C 85 -37.85 -36.29 -9.40
CA GLY C 85 -38.33 -34.95 -9.77
C GLY C 85 -37.27 -33.88 -9.88
N HIS C 86 -35.99 -34.27 -9.87
CA HIS C 86 -34.84 -33.34 -9.97
C HIS C 86 -34.14 -33.51 -11.31
N THR C 87 -33.97 -32.40 -12.06
CA THR C 87 -33.33 -32.39 -13.38
C THR C 87 -31.83 -32.06 -13.27
N PHE C 88 -30.99 -32.86 -13.94
CA PHE C 88 -29.54 -32.72 -13.97
C PHE C 88 -29.07 -32.73 -15.43
N GLU C 89 -28.36 -31.67 -15.86
CA GLU C 89 -27.91 -31.54 -17.25
C GLU C 89 -26.40 -31.41 -17.42
N ASP C 90 -25.87 -32.05 -18.48
CA ASP C 90 -24.47 -32.05 -18.88
C ASP C 90 -24.42 -32.14 -20.40
N SER C 91 -23.77 -31.15 -21.06
CA SER C 91 -23.69 -31.09 -22.51
C SER C 91 -22.31 -31.40 -23.09
N THR C 92 -22.29 -32.05 -24.27
CA THR C 92 -21.08 -32.43 -25.01
C THR C 92 -21.15 -31.97 -26.48
N LYS C 93 -20.04 -31.40 -26.99
CA LYS C 93 -19.92 -30.90 -28.36
C LYS C 93 -18.53 -31.19 -28.96
N LYS C 94 -18.41 -31.13 -30.30
CA LYS C 94 -17.18 -31.36 -31.08
C LYS C 94 -16.05 -30.38 -30.70
N CYS C 95 -14.80 -30.87 -30.74
CA CYS C 95 -13.59 -30.12 -30.41
C CYS C 95 -13.05 -29.36 -31.62
N ALA C 96 -12.77 -28.07 -31.44
CA ALA C 96 -12.21 -27.20 -32.49
C ALA C 96 -10.70 -27.42 -32.63
N ASP C 97 -10.15 -27.15 -33.83
CA ASP C 97 -8.72 -27.32 -34.12
C ASP C 97 -7.85 -26.29 -33.39
N SER C 98 -6.77 -26.76 -32.74
CA SER C 98 -5.83 -25.92 -31.99
C SER C 98 -4.96 -25.06 -32.89
N ASN C 99 -4.44 -25.63 -33.99
CA ASN C 99 -3.59 -24.92 -34.95
C ASN C 99 -4.10 -25.05 -36.41
N PRO C 100 -5.22 -24.38 -36.78
CA PRO C 100 -5.71 -24.49 -38.15
C PRO C 100 -4.96 -23.56 -39.11
N ARG C 101 -4.43 -24.14 -40.21
CA ARG C 101 -3.66 -23.46 -41.28
C ARG C 101 -2.34 -22.79 -40.84
N GLY C 102 -1.99 -22.93 -39.55
CA GLY C 102 -0.77 -22.37 -38.97
C GLY C 102 -1.00 -21.14 -38.11
N VAL C 103 -2.09 -21.16 -37.31
CA VAL C 103 -2.46 -20.06 -36.41
C VAL C 103 -2.46 -20.59 -34.96
N SER C 104 -1.70 -19.95 -34.06
CA SER C 104 -1.60 -20.34 -32.65
C SER C 104 -1.97 -19.21 -31.70
N ALA C 105 -2.72 -19.54 -30.62
CA ALA C 105 -3.15 -18.59 -29.59
C ALA C 105 -2.66 -18.99 -28.22
N TYR C 106 -2.18 -18.01 -27.43
CA TYR C 106 -1.65 -18.22 -26.09
C TYR C 106 -2.39 -17.37 -25.06
N LEU C 107 -2.97 -18.03 -24.04
CA LEU C 107 -3.69 -17.37 -22.94
C LEU C 107 -2.94 -17.63 -21.63
N SER C 108 -2.35 -16.56 -21.07
CA SER C 108 -1.55 -16.62 -19.84
C SER C 108 -2.31 -16.17 -18.60
N ARG C 109 -1.99 -16.81 -17.46
CA ARG C 109 -2.56 -16.53 -16.13
C ARG C 109 -2.00 -15.19 -15.60
N PRO C 110 -2.72 -14.44 -14.73
CA PRO C 110 -2.17 -13.16 -14.24
C PRO C 110 -1.04 -13.34 -13.23
N SER C 111 -0.01 -12.49 -13.32
CA SER C 111 1.17 -12.50 -12.45
C SER C 111 0.82 -12.25 -10.98
N PRO C 112 1.50 -12.89 -10.00
CA PRO C 112 1.16 -12.67 -8.57
C PRO C 112 1.23 -11.24 -8.07
N PHE C 113 1.99 -10.34 -8.75
CA PHE C 113 2.09 -8.92 -8.40
C PHE C 113 0.74 -8.23 -8.64
N ASP C 114 0.09 -8.53 -9.79
CA ASP C 114 -1.21 -7.99 -10.17
C ASP C 114 -2.35 -8.59 -9.33
N LEU C 115 -2.18 -9.82 -8.84
CA LEU C 115 -3.16 -10.53 -8.03
C LEU C 115 -3.15 -10.14 -6.54
N PHE C 116 -1.95 -9.94 -5.95
CA PHE C 116 -1.83 -9.61 -4.52
C PHE C 116 -1.45 -8.17 -4.19
N ILE C 117 -0.36 -7.65 -4.79
CA ILE C 117 0.16 -6.30 -4.52
C ILE C 117 -0.66 -5.21 -5.22
N ARG C 118 -0.73 -5.27 -6.56
CA ARG C 118 -1.45 -4.32 -7.42
C ARG C 118 -2.97 -4.47 -7.31
N LYS C 119 -3.46 -5.66 -6.89
CA LYS C 119 -4.89 -6.03 -6.72
C LYS C 119 -5.74 -5.92 -7.99
N SER C 120 -5.09 -5.72 -9.17
CA SER C 120 -5.75 -5.61 -10.46
C SER C 120 -5.24 -6.72 -11.42
N PRO C 121 -5.78 -7.97 -11.30
CA PRO C 121 -5.31 -9.04 -12.19
C PRO C 121 -5.91 -8.96 -13.59
N THR C 122 -5.06 -9.19 -14.61
CA THR C 122 -5.46 -9.12 -16.03
C THR C 122 -4.92 -10.32 -16.82
N ILE C 123 -5.77 -10.86 -17.72
CA ILE C 123 -5.42 -11.98 -18.60
C ILE C 123 -5.22 -11.51 -20.04
N THR C 124 -4.04 -11.81 -20.60
CA THR C 124 -3.68 -11.40 -21.96
C THR C 124 -3.75 -12.59 -22.93
N CYS C 125 -4.48 -12.41 -24.05
CA CYS C 125 -4.63 -13.43 -25.08
C CYS C 125 -3.80 -13.06 -26.30
N LEU C 126 -2.57 -13.61 -26.38
CA LEU C 126 -1.62 -13.37 -27.46
C LEU C 126 -1.81 -14.39 -28.59
N VAL C 127 -2.34 -13.92 -29.74
CA VAL C 127 -2.59 -14.77 -30.90
C VAL C 127 -1.62 -14.44 -32.06
N VAL C 128 -0.88 -15.46 -32.52
CA VAL C 128 0.09 -15.34 -33.61
C VAL C 128 -0.58 -15.79 -34.92
N ASP C 129 -0.63 -14.87 -35.90
CA ASP C 129 -1.23 -15.11 -37.21
C ASP C 129 -0.18 -14.92 -38.31
N LEU C 130 0.09 -16.00 -39.07
CA LEU C 130 1.08 -16.00 -40.16
C LEU C 130 0.58 -15.42 -41.47
N ALA C 131 -0.74 -15.55 -41.76
CA ALA C 131 -1.36 -15.04 -42.99
C ALA C 131 -2.30 -13.85 -42.69
N PRO C 132 -1.80 -12.59 -42.79
CA PRO C 132 -2.67 -11.45 -42.48
C PRO C 132 -3.55 -10.96 -43.63
N SER C 133 -4.87 -10.88 -43.36
CA SER C 133 -5.89 -10.42 -44.30
C SER C 133 -6.67 -9.25 -43.71
N LYS C 134 -7.05 -8.27 -44.56
CA LYS C 134 -7.79 -7.07 -44.17
C LYS C 134 -9.24 -7.40 -43.80
N GLY C 135 -9.69 -6.88 -42.67
CA GLY C 135 -11.04 -7.07 -42.15
C GLY C 135 -11.11 -7.06 -40.64
N THR C 136 -11.33 -8.22 -40.04
CA THR C 136 -11.45 -8.36 -38.61
C THR C 136 -10.48 -9.37 -38.09
N VAL C 137 -10.75 -9.77 -36.84
CA VAL C 137 -10.01 -10.80 -36.16
C VAL C 137 -10.85 -11.50 -35.12
N GLN C 138 -11.14 -10.78 -34.06
CA GLN C 138 -12.20 -11.10 -33.09
C GLN C 138 -11.85 -12.08 -32.02
N LEU C 139 -11.76 -11.62 -30.78
CA LEU C 139 -11.66 -12.49 -29.66
C LEU C 139 -12.91 -12.25 -28.87
N THR C 140 -13.74 -13.27 -28.81
CA THR C 140 -14.94 -13.38 -27.98
C THR C 140 -14.58 -13.87 -26.58
N TRP C 141 -15.15 -13.23 -25.55
CA TRP C 141 -14.91 -13.56 -24.14
C TRP C 141 -16.17 -14.09 -23.44
N SER C 142 -16.01 -15.17 -22.66
CA SER C 142 -17.09 -15.83 -21.91
C SER C 142 -16.57 -16.54 -20.65
N ARG C 143 -17.47 -16.85 -19.70
CA ARG C 143 -17.15 -17.54 -18.45
C ARG C 143 -17.71 -18.96 -18.42
N ALA C 144 -17.12 -19.84 -17.59
CA ALA C 144 -17.51 -21.24 -17.42
C ALA C 144 -18.92 -21.39 -16.83
N SER C 145 -19.29 -20.48 -15.90
CA SER C 145 -20.60 -20.47 -15.24
C SER C 145 -21.66 -19.75 -16.08
N GLY C 146 -21.26 -18.65 -16.73
CA GLY C 146 -22.12 -17.83 -17.56
C GLY C 146 -22.35 -16.44 -17.01
N LYS C 147 -21.30 -15.85 -16.41
CA LYS C 147 -21.32 -14.52 -15.81
C LYS C 147 -20.82 -13.44 -16.80
N PRO C 148 -21.35 -12.19 -16.75
CA PRO C 148 -20.89 -11.16 -17.72
C PRO C 148 -19.45 -10.72 -17.52
N VAL C 149 -18.78 -10.34 -18.63
CA VAL C 149 -17.38 -9.89 -18.66
C VAL C 149 -17.24 -8.49 -19.28
N GLN C 150 -16.25 -7.71 -18.79
CA GLN C 150 -15.94 -6.36 -19.27
C GLN C 150 -15.24 -6.42 -20.64
N HIS C 151 -15.22 -5.30 -21.37
CA HIS C 151 -14.58 -5.23 -22.70
C HIS C 151 -13.05 -5.21 -22.59
N SER C 152 -12.38 -6.04 -23.40
CA SER C 152 -10.92 -6.18 -23.43
C SER C 152 -10.26 -5.23 -24.41
N THR C 153 -9.04 -4.75 -24.06
CA THR C 153 -8.25 -3.84 -24.88
C THR C 153 -7.64 -4.60 -26.07
N ARG C 154 -8.31 -4.54 -27.23
CA ARG C 154 -7.91 -5.21 -28.47
C ARG C 154 -6.92 -4.34 -29.26
N LYS C 155 -5.61 -4.60 -29.08
CA LYS C 155 -4.54 -3.87 -29.75
C LYS C 155 -3.74 -4.79 -30.68
N GLU C 156 -3.62 -4.40 -31.96
CA GLU C 156 -2.89 -5.16 -32.97
C GLU C 156 -1.53 -4.53 -33.31
N GLU C 157 -0.48 -5.37 -33.39
CA GLU C 157 0.88 -4.94 -33.69
C GLU C 157 1.44 -5.75 -34.87
N LYS C 158 1.51 -5.11 -36.06
CA LYS C 158 2.02 -5.73 -37.28
C LYS C 158 3.55 -5.76 -37.20
N GLN C 159 4.12 -6.98 -37.20
CA GLN C 159 5.57 -7.20 -37.09
C GLN C 159 6.29 -7.07 -38.43
N ARG C 160 7.60 -6.76 -38.37
CA ARG C 160 8.50 -6.58 -39.52
C ARG C 160 8.71 -7.84 -40.37
N ASN C 161 8.46 -9.04 -39.81
CA ASN C 161 8.61 -10.31 -40.49
C ASN C 161 7.41 -10.73 -41.36
N GLY C 162 6.37 -9.89 -41.39
CA GLY C 162 5.16 -10.11 -42.18
C GLY C 162 4.05 -10.88 -41.49
N THR C 163 3.93 -10.73 -40.15
CA THR C 163 2.91 -11.40 -39.34
C THR C 163 2.16 -10.39 -38.47
N LEU C 164 0.85 -10.65 -38.22
CA LEU C 164 0.02 -9.80 -37.38
C LEU C 164 -0.20 -10.45 -36.01
N THR C 165 0.08 -9.70 -34.93
CA THR C 165 -0.07 -10.16 -33.55
C THR C 165 -1.08 -9.26 -32.81
N VAL C 166 -2.21 -9.85 -32.40
CA VAL C 166 -3.30 -9.14 -31.71
C VAL C 166 -3.38 -9.61 -30.25
N THR C 167 -3.40 -8.66 -29.30
CA THR C 167 -3.51 -8.97 -27.87
C THR C 167 -4.80 -8.42 -27.27
N SER C 168 -5.44 -9.22 -26.41
CA SER C 168 -6.68 -8.84 -25.71
C SER C 168 -6.49 -8.97 -24.20
N THR C 169 -6.46 -7.82 -23.51
CA THR C 169 -6.26 -7.74 -22.06
C THR C 169 -7.61 -7.62 -21.34
N LEU C 170 -8.06 -8.72 -20.71
CA LEU C 170 -9.33 -8.78 -19.99
C LEU C 170 -9.12 -8.55 -18.48
N PRO C 171 -9.85 -7.58 -17.85
CA PRO C 171 -9.67 -7.36 -16.41
C PRO C 171 -10.50 -8.33 -15.57
N VAL C 172 -9.82 -9.28 -14.89
CA VAL C 172 -10.46 -10.30 -14.05
C VAL C 172 -10.51 -9.91 -12.57
N GLY C 173 -11.48 -10.48 -11.85
CA GLY C 173 -11.68 -10.24 -10.42
C GLY C 173 -10.62 -10.88 -9.55
N THR C 174 -10.27 -10.20 -8.43
CA THR C 174 -9.26 -10.66 -7.47
C THR C 174 -9.74 -11.88 -6.69
N ARG C 175 -10.93 -11.80 -6.05
CA ARG C 175 -11.52 -12.88 -5.27
C ARG C 175 -12.00 -14.04 -6.14
N ASP C 176 -12.48 -13.73 -7.36
CA ASP C 176 -12.99 -14.72 -8.33
C ASP C 176 -11.93 -15.71 -8.81
N TRP C 177 -10.69 -15.23 -9.03
CA TRP C 177 -9.56 -16.05 -9.50
C TRP C 177 -9.09 -17.08 -8.47
N ILE C 178 -8.96 -16.67 -7.18
CA ILE C 178 -8.52 -17.53 -6.08
C ILE C 178 -9.56 -18.62 -5.77
N GLU C 179 -10.86 -18.31 -5.93
CA GLU C 179 -11.97 -19.22 -5.70
C GLU C 179 -12.02 -20.40 -6.69
N GLY C 180 -11.60 -20.16 -7.93
CA GLY C 180 -11.55 -21.18 -8.97
C GLY C 180 -12.46 -20.97 -10.16
N GLU C 181 -12.44 -19.75 -10.74
CA GLU C 181 -13.25 -19.40 -11.91
C GLU C 181 -12.44 -19.62 -13.20
N THR C 182 -13.06 -20.30 -14.19
CA THR C 182 -12.44 -20.59 -15.49
C THR C 182 -12.93 -19.57 -16.53
N TYR C 183 -11.98 -18.86 -17.16
CA TYR C 183 -12.26 -17.85 -18.18
C TYR C 183 -12.00 -18.41 -19.58
N GLN C 184 -13.06 -18.41 -20.42
CA GLN C 184 -13.04 -18.93 -21.78
C GLN C 184 -12.78 -17.83 -22.83
N CYS C 185 -12.19 -18.21 -23.98
CA CYS C 185 -11.90 -17.30 -25.09
C CYS C 185 -12.11 -17.98 -26.44
N ARG C 186 -12.72 -17.24 -27.39
CA ARG C 186 -13.01 -17.73 -28.74
C ARG C 186 -12.35 -16.84 -29.81
N VAL C 187 -11.56 -17.45 -30.71
CA VAL C 187 -10.88 -16.74 -31.80
C VAL C 187 -11.46 -17.23 -33.14
N THR C 188 -12.14 -16.34 -33.87
CA THR C 188 -12.77 -16.67 -35.16
C THR C 188 -12.36 -15.69 -36.26
N HIS C 189 -11.52 -16.16 -37.21
CA HIS C 189 -11.03 -15.38 -38.35
C HIS C 189 -11.90 -15.68 -39.58
N PRO C 190 -12.26 -14.67 -40.43
CA PRO C 190 -13.12 -14.97 -41.59
C PRO C 190 -12.49 -15.86 -42.66
N HIS C 191 -11.16 -15.76 -42.85
CA HIS C 191 -10.42 -16.57 -43.82
C HIS C 191 -10.26 -18.02 -43.34
N LEU C 192 -10.10 -18.20 -42.01
CA LEU C 192 -9.95 -19.49 -41.35
C LEU C 192 -11.31 -20.22 -41.26
N PRO C 193 -11.39 -21.53 -41.60
CA PRO C 193 -12.69 -22.24 -41.54
C PRO C 193 -13.14 -22.60 -40.13
N ARG C 194 -12.24 -23.14 -39.28
CA ARG C 194 -12.55 -23.54 -37.91
C ARG C 194 -12.01 -22.56 -36.87
N ALA C 195 -12.81 -22.31 -35.82
CA ALA C 195 -12.48 -21.40 -34.72
C ALA C 195 -11.40 -21.97 -33.79
N LEU C 196 -10.77 -21.09 -32.98
CA LEU C 196 -9.73 -21.43 -32.02
C LEU C 196 -10.21 -21.12 -30.60
N MET C 197 -10.16 -22.10 -29.68
CA MET C 197 -10.61 -21.89 -28.30
C MET C 197 -9.56 -22.29 -27.25
N ARG C 198 -9.13 -21.30 -26.44
CA ARG C 198 -8.14 -21.46 -25.38
C ARG C 198 -8.71 -20.89 -24.06
N SER C 199 -8.65 -21.66 -22.97
CA SER C 199 -9.15 -21.24 -21.66
C SER C 199 -8.19 -21.58 -20.52
N THR C 200 -8.06 -20.67 -19.53
CA THR C 200 -7.18 -20.86 -18.38
C THR C 200 -7.85 -20.56 -17.03
N THR C 201 -7.41 -21.26 -15.98
CA THR C 201 -7.90 -21.12 -14.60
C THR C 201 -6.75 -21.26 -13.58
N LYS C 202 -7.05 -21.08 -12.27
CA LYS C 202 -6.08 -21.19 -11.17
C LYS C 202 -5.57 -22.62 -11.05
N THR C 203 -4.23 -22.79 -11.06
CA THR C 203 -3.58 -24.10 -10.97
C THR C 203 -3.70 -24.68 -9.54
N SER C 204 -4.75 -25.47 -9.30
CA SER C 204 -5.01 -26.10 -8.01
C SER C 204 -4.10 -27.33 -7.83
N GLY C 205 -3.27 -27.28 -6.79
CA GLY C 205 -2.32 -28.32 -6.47
C GLY C 205 -1.43 -28.01 -5.28
N PRO C 206 -0.19 -28.55 -5.23
CA PRO C 206 0.68 -28.30 -4.07
C PRO C 206 1.22 -26.86 -4.02
N ARG C 207 1.38 -26.32 -2.80
CA ARG C 207 1.88 -24.97 -2.55
C ARG C 207 3.22 -25.00 -1.79
N ALA C 208 4.21 -24.25 -2.30
CA ALA C 208 5.55 -24.16 -1.71
C ALA C 208 6.10 -22.73 -1.73
N ALA C 209 6.75 -22.31 -0.63
CA ALA C 209 7.34 -20.98 -0.48
C ALA C 209 8.64 -20.85 -1.30
N PRO C 210 8.81 -19.75 -2.08
CA PRO C 210 10.04 -19.63 -2.89
C PRO C 210 11.30 -19.31 -2.10
N GLU C 211 12.46 -19.78 -2.61
CA GLU C 211 13.77 -19.59 -2.00
C GLU C 211 14.58 -18.57 -2.82
N VAL C 212 14.69 -17.33 -2.30
CA VAL C 212 15.39 -16.22 -2.96
C VAL C 212 16.87 -16.15 -2.53
N TYR C 213 17.77 -16.03 -3.51
CA TYR C 213 19.22 -15.93 -3.30
C TYR C 213 19.79 -14.77 -4.13
N ALA C 214 20.49 -13.83 -3.46
CA ALA C 214 21.09 -12.65 -4.11
C ALA C 214 22.60 -12.79 -4.29
N PHE C 215 23.11 -12.45 -5.49
CA PHE C 215 24.53 -12.53 -5.82
C PHE C 215 25.02 -11.32 -6.62
N ALA C 216 26.30 -10.95 -6.44
CA ALA C 216 26.95 -9.83 -7.12
C ALA C 216 28.22 -10.28 -7.82
N THR C 217 28.42 -9.82 -9.08
CA THR C 217 29.58 -10.17 -9.91
C THR C 217 30.80 -9.29 -9.59
N PRO C 218 32.04 -9.87 -9.51
CA PRO C 218 33.22 -9.04 -9.23
C PRO C 218 33.72 -8.29 -10.46
N GLU C 219 34.79 -7.47 -10.29
CA GLU C 219 35.40 -6.67 -11.36
C GLU C 219 36.05 -7.55 -12.44
N TRP C 220 35.66 -7.33 -13.71
CA TRP C 220 36.14 -8.07 -14.88
C TRP C 220 36.99 -7.14 -15.78
N PRO C 221 38.12 -7.62 -16.36
CA PRO C 221 38.94 -6.73 -17.21
C PRO C 221 38.19 -6.24 -18.46
N GLY C 222 38.16 -4.93 -18.63
CA GLY C 222 37.47 -4.26 -19.73
C GLY C 222 36.35 -3.36 -19.24
N SER C 223 35.50 -3.88 -18.34
CA SER C 223 34.38 -3.18 -17.73
C SER C 223 34.79 -2.58 -16.38
N ARG C 224 34.46 -1.29 -16.16
CA ARG C 224 34.79 -0.58 -14.93
C ARG C 224 33.56 0.06 -14.29
N ASP C 225 32.78 0.84 -15.07
CA ASP C 225 31.59 1.55 -14.59
C ASP C 225 30.39 0.63 -14.38
N LYS C 226 30.16 -0.32 -15.31
CA LYS C 226 29.03 -1.24 -15.24
C LYS C 226 29.32 -2.59 -14.57
N ARG C 227 28.38 -3.06 -13.73
CA ARG C 227 28.42 -4.32 -13.01
C ARG C 227 27.07 -5.04 -13.11
N THR C 228 27.07 -6.38 -12.98
CA THR C 228 25.86 -7.19 -13.09
C THR C 228 25.45 -7.86 -11.76
N LEU C 229 24.13 -7.98 -11.54
CA LEU C 229 23.54 -8.61 -10.35
C LEU C 229 22.73 -9.84 -10.76
N ALA C 230 23.03 -10.99 -10.13
CA ALA C 230 22.35 -12.26 -10.40
C ALA C 230 21.47 -12.69 -9.22
N CYS C 231 20.23 -13.13 -9.52
CA CYS C 231 19.27 -13.57 -8.52
C CYS C 231 18.66 -14.93 -8.89
N LEU C 232 18.52 -15.80 -7.88
CA LEU C 232 17.95 -17.14 -8.03
C LEU C 232 16.75 -17.36 -7.11
N ILE C 233 15.59 -17.66 -7.72
CA ILE C 233 14.33 -17.95 -7.02
C ILE C 233 13.96 -19.39 -7.40
N GLN C 234 14.02 -20.31 -6.41
CA GLN C 234 13.75 -21.74 -6.62
C GLN C 234 12.79 -22.39 -5.62
N ASN C 235 12.34 -23.63 -5.94
CA ASN C 235 11.44 -24.48 -5.16
C ASN C 235 10.09 -23.82 -4.80
N PHE C 236 9.20 -23.71 -5.80
CA PHE C 236 7.86 -23.10 -5.66
C PHE C 236 6.86 -23.65 -6.67
N MET C 237 5.60 -23.82 -6.25
CA MET C 237 4.48 -24.29 -7.08
C MET C 237 3.18 -23.54 -6.73
N PRO C 238 2.38 -23.05 -7.71
CA PRO C 238 2.54 -23.15 -9.18
C PRO C 238 3.63 -22.27 -9.79
N GLU C 239 3.81 -22.37 -11.12
CA GLU C 239 4.79 -21.65 -11.93
C GLU C 239 4.65 -20.11 -11.95
N ASP C 240 3.49 -19.56 -11.51
CA ASP C 240 3.23 -18.12 -11.47
C ASP C 240 4.13 -17.42 -10.45
N ILE C 241 5.00 -16.53 -10.95
CA ILE C 241 5.96 -15.78 -10.14
C ILE C 241 6.22 -14.37 -10.70
N SER C 242 6.29 -13.37 -9.79
CA SER C 242 6.57 -11.98 -10.12
C SER C 242 7.94 -11.57 -9.60
N VAL C 243 8.67 -10.79 -10.41
CA VAL C 243 10.03 -10.34 -10.09
C VAL C 243 10.18 -8.84 -10.12
N GLN C 244 10.82 -8.29 -9.08
CA GLN C 244 11.07 -6.85 -8.92
C GLN C 244 12.46 -6.60 -8.33
N TRP C 245 13.11 -5.53 -8.80
CA TRP C 245 14.42 -5.11 -8.32
C TRP C 245 14.28 -3.73 -7.66
N LEU C 246 14.72 -3.61 -6.40
CA LEU C 246 14.61 -2.37 -5.64
C LEU C 246 15.93 -1.67 -5.36
N HIS C 247 15.90 -0.33 -5.42
CA HIS C 247 17.03 0.57 -5.17
C HIS C 247 16.45 1.90 -4.67
N ASN C 248 16.87 2.33 -3.45
CA ASN C 248 16.40 3.54 -2.75
C ASN C 248 14.90 3.50 -2.47
N GLU C 249 14.41 2.33 -1.98
CA GLU C 249 13.01 2.02 -1.63
C GLU C 249 12.01 2.02 -2.80
N VAL C 250 12.46 2.39 -4.02
CA VAL C 250 11.63 2.44 -5.22
C VAL C 250 11.99 1.34 -6.24
N GLN C 251 10.98 0.78 -6.92
CA GLN C 251 11.18 -0.30 -7.91
C GLN C 251 11.84 0.18 -9.21
N LEU C 252 12.70 -0.67 -9.79
CA LEU C 252 13.40 -0.42 -11.05
C LEU C 252 12.53 -0.84 -12.25
N PRO C 253 12.66 -0.19 -13.44
CA PRO C 253 11.78 -0.57 -14.58
C PRO C 253 11.93 -2.01 -15.07
N ASP C 254 10.85 -2.55 -15.68
CA ASP C 254 10.80 -3.92 -16.20
C ASP C 254 11.72 -4.18 -17.39
N ALA C 255 12.10 -3.11 -18.14
CA ALA C 255 12.99 -3.21 -19.30
C ALA C 255 14.45 -3.49 -18.87
N ARG C 256 14.89 -2.89 -17.75
CA ARG C 256 16.24 -3.04 -17.20
C ARG C 256 16.59 -4.47 -16.78
N HIS C 257 15.66 -5.16 -16.09
CA HIS C 257 15.86 -6.54 -15.64
C HIS C 257 15.21 -7.59 -16.54
N SER C 258 15.92 -8.72 -16.75
CA SER C 258 15.45 -9.83 -17.57
C SER C 258 15.27 -11.10 -16.74
N THR C 259 14.14 -11.79 -16.93
CA THR C 259 13.79 -13.02 -16.22
C THR C 259 13.53 -14.17 -17.19
N THR C 260 14.09 -15.35 -16.86
CA THR C 260 13.94 -16.59 -17.65
C THR C 260 12.59 -17.27 -17.41
N GLN C 261 12.15 -18.12 -18.36
CA GLN C 261 10.89 -18.87 -18.31
C GLN C 261 10.85 -19.87 -17.14
N PRO C 262 9.69 -20.10 -16.48
CA PRO C 262 9.65 -21.06 -15.37
C PRO C 262 9.91 -22.52 -15.77
N ARG C 263 11.08 -23.04 -15.39
CA ARG C 263 11.50 -24.41 -15.68
C ARG C 263 11.44 -25.28 -14.42
N LYS C 264 11.12 -26.58 -14.59
CA LYS C 264 10.99 -27.55 -13.51
C LYS C 264 12.35 -27.92 -12.90
N THR C 265 12.39 -28.05 -11.56
CA THR C 265 13.59 -28.45 -10.80
C THR C 265 13.73 -29.97 -10.82
N LYS C 266 14.85 -30.50 -10.27
CA LYS C 266 15.09 -31.93 -10.18
C LYS C 266 14.41 -32.51 -8.93
N GLY C 267 13.08 -32.45 -8.99
CA GLY C 267 12.15 -32.62 -7.90
C GLY C 267 10.78 -32.17 -8.38
N SER C 268 9.89 -31.82 -7.44
CA SER C 268 8.61 -31.10 -7.68
C SER C 268 8.56 -29.64 -8.15
N GLY C 269 9.42 -28.80 -7.61
CA GLY C 269 9.32 -27.34 -7.73
C GLY C 269 9.75 -26.74 -9.05
N PHE C 270 9.80 -25.40 -9.08
CA PHE C 270 10.20 -24.59 -10.25
C PHE C 270 11.34 -23.62 -9.91
N PHE C 271 12.10 -23.19 -10.94
CA PHE C 271 13.22 -22.24 -10.77
C PHE C 271 13.23 -21.13 -11.83
N VAL C 272 13.57 -19.91 -11.39
CA VAL C 272 13.70 -18.72 -12.26
C VAL C 272 14.96 -17.92 -11.94
N PHE C 273 15.64 -17.40 -12.98
CA PHE C 273 16.85 -16.59 -12.85
C PHE C 273 16.60 -15.14 -13.26
N SER C 274 17.12 -14.19 -12.47
CA SER C 274 16.97 -12.75 -12.72
C SER C 274 18.33 -12.08 -12.91
N ARG C 275 18.44 -11.22 -13.94
CA ARG C 275 19.67 -10.49 -14.28
C ARG C 275 19.40 -8.98 -14.36
N LEU C 276 20.26 -8.17 -13.71
CA LEU C 276 20.17 -6.71 -13.69
C LEU C 276 21.56 -6.07 -13.83
N GLU C 277 21.68 -5.10 -14.75
CA GLU C 277 22.93 -4.38 -15.01
C GLU C 277 22.88 -2.99 -14.36
N VAL C 278 23.83 -2.71 -13.46
CA VAL C 278 23.92 -1.43 -12.73
C VAL C 278 25.21 -0.64 -13.02
N THR C 279 25.10 0.70 -13.00
CA THR C 279 26.22 1.63 -13.24
C THR C 279 26.94 1.99 -11.93
N ARG C 280 28.14 2.62 -12.04
CA ARG C 280 28.98 3.04 -10.91
C ARG C 280 28.29 4.08 -10.01
N ALA C 281 27.44 4.96 -10.61
CA ALA C 281 26.70 5.99 -9.90
C ALA C 281 25.60 5.41 -8.98
N GLU C 282 25.15 4.17 -9.27
CA GLU C 282 24.12 3.48 -8.49
C GLU C 282 24.63 2.90 -7.17
N TRP C 283 25.73 2.12 -7.19
CA TRP C 283 26.27 1.53 -5.96
C TRP C 283 27.00 2.50 -5.03
N GLU C 284 27.59 3.58 -5.59
CA GLU C 284 28.30 4.60 -4.82
C GLU C 284 27.32 5.45 -3.99
N GLN C 285 26.13 5.73 -4.56
CA GLN C 285 25.07 6.49 -3.91
C GLN C 285 24.38 5.63 -2.83
N LYS C 286 24.18 4.33 -3.12
CA LYS C 286 23.56 3.34 -2.22
C LYS C 286 24.03 1.93 -2.58
N ASP C 287 24.80 1.30 -1.68
CA ASP C 287 25.33 -0.05 -1.88
C ASP C 287 24.40 -1.12 -1.27
N GLU C 288 23.16 -1.18 -1.79
CA GLU C 288 22.13 -2.13 -1.36
C GLU C 288 21.15 -2.39 -2.51
N PHE C 289 21.00 -3.67 -2.91
CA PHE C 289 20.10 -4.10 -3.98
C PHE C 289 19.26 -5.28 -3.50
N ILE C 290 17.93 -5.11 -3.49
CA ILE C 290 16.95 -6.11 -3.02
C ILE C 290 16.28 -6.84 -4.19
N CYS C 291 16.25 -8.18 -4.13
CA CYS C 291 15.61 -9.05 -5.12
C CYS C 291 14.24 -9.47 -4.57
N ARG C 292 13.16 -8.89 -5.12
CA ARG C 292 11.77 -9.14 -4.69
C ARG C 292 11.09 -10.23 -5.53
N ALA C 293 10.36 -11.14 -4.85
CA ALA C 293 9.62 -12.23 -5.46
C ALA C 293 8.23 -12.38 -4.83
N VAL C 294 7.17 -12.35 -5.67
CA VAL C 294 5.78 -12.48 -5.25
C VAL C 294 5.25 -13.86 -5.70
N HIS C 295 4.69 -14.63 -4.75
CA HIS C 295 4.15 -15.98 -4.99
C HIS C 295 2.85 -16.23 -4.21
N GLU C 296 2.05 -17.20 -4.67
CA GLU C 296 0.77 -17.61 -4.07
C GLU C 296 0.96 -18.19 -2.66
N ALA C 297 2.05 -18.99 -2.45
CA ALA C 297 2.37 -19.64 -1.18
C ALA C 297 3.37 -18.85 -0.32
N ALA C 298 3.85 -17.69 -0.82
CA ALA C 298 4.82 -16.83 -0.15
C ALA C 298 4.30 -16.22 1.17
N SER C 299 5.20 -16.07 2.15
CA SER C 299 4.91 -15.51 3.48
C SER C 299 6.12 -14.70 3.99
N PRO C 300 5.93 -13.57 4.71
CA PRO C 300 4.66 -12.95 5.15
C PRO C 300 4.01 -12.01 4.12
N SER C 301 2.66 -12.04 4.06
CA SER C 301 1.79 -11.25 3.18
C SER C 301 2.20 -11.29 1.69
N GLN C 302 2.54 -12.51 1.20
CA GLN C 302 2.98 -12.80 -0.18
C GLN C 302 4.22 -12.01 -0.60
N THR C 303 5.16 -11.79 0.36
CA THR C 303 6.38 -11.03 0.13
C THR C 303 7.62 -11.78 0.68
N VAL C 304 8.51 -12.21 -0.23
CA VAL C 304 9.78 -12.89 0.09
C VAL C 304 10.90 -12.10 -0.62
N GLN C 305 11.67 -11.33 0.16
CA GLN C 305 12.76 -10.50 -0.34
C GLN C 305 14.11 -10.77 0.32
N ARG C 306 15.20 -10.66 -0.46
CA ARG C 306 16.58 -10.88 -0.01
C ARG C 306 17.52 -9.81 -0.55
N ALA C 307 18.40 -9.28 0.32
CA ALA C 307 19.39 -8.25 -0.04
C ALA C 307 20.73 -8.89 -0.36
N LYS D 2 -9.51 -49.32 -25.46
CA LYS D 2 -9.90 -48.07 -26.11
C LYS D 2 -9.82 -46.87 -25.17
N ILE D 3 -9.00 -45.87 -25.56
CA ILE D 3 -8.79 -44.63 -24.79
C ILE D 3 -9.99 -43.70 -24.93
N LEU D 4 -10.46 -43.12 -23.80
CA LEU D 4 -11.59 -42.20 -23.76
C LEU D 4 -11.16 -40.85 -23.16
N GLN D 5 -11.17 -39.79 -23.99
CA GLN D 5 -10.77 -38.43 -23.60
C GLN D 5 -11.89 -37.60 -22.95
N SER D 6 -11.52 -36.55 -22.20
CA SER D 6 -12.45 -35.64 -21.53
C SER D 6 -13.17 -34.76 -22.55
N SER D 7 -14.50 -34.70 -22.46
CA SER D 7 -15.35 -33.94 -23.37
C SER D 7 -15.35 -32.44 -23.07
N CYS D 8 -15.46 -31.62 -24.13
CA CYS D 8 -15.50 -30.16 -24.05
C CYS D 8 -16.90 -29.70 -23.61
N ASP D 9 -17.00 -28.45 -23.11
CA ASP D 9 -18.25 -27.86 -22.64
C ASP D 9 -19.22 -27.49 -23.78
N GLY D 10 -20.34 -26.86 -23.44
CA GLY D 10 -21.39 -26.42 -24.36
C GLY D 10 -20.92 -25.56 -25.52
N GLY D 11 -20.05 -24.60 -25.22
CA GLY D 11 -19.48 -23.69 -26.20
C GLY D 11 -18.45 -24.32 -27.12
N GLY D 12 -17.79 -25.37 -26.64
CA GLY D 12 -16.77 -26.11 -27.37
C GLY D 12 -15.36 -25.86 -26.84
N HIS D 13 -15.26 -25.09 -25.73
CA HIS D 13 -14.00 -24.75 -25.08
C HIS D 13 -13.39 -25.95 -24.36
N PHE D 14 -12.06 -26.06 -24.41
CA PHE D 14 -11.31 -27.16 -23.79
C PHE D 14 -11.25 -27.04 -22.27
N PRO D 15 -11.42 -28.16 -21.51
CA PRO D 15 -11.34 -28.07 -20.05
C PRO D 15 -9.89 -27.93 -19.56
N PRO D 16 -9.63 -27.37 -18.34
CA PRO D 16 -8.23 -27.22 -17.88
C PRO D 16 -7.46 -28.52 -17.67
N THR D 17 -8.16 -29.60 -17.25
CA THR D 17 -7.57 -30.91 -17.01
C THR D 17 -8.15 -31.96 -17.96
N ILE D 18 -7.28 -32.78 -18.58
CA ILE D 18 -7.67 -33.83 -19.52
C ILE D 18 -7.42 -35.22 -18.91
N GLN D 19 -8.45 -36.07 -18.91
CA GLN D 19 -8.41 -37.44 -18.39
C GLN D 19 -8.56 -38.44 -19.55
N LEU D 20 -7.68 -39.47 -19.59
CA LEU D 20 -7.66 -40.46 -20.68
C LEU D 20 -7.63 -41.92 -20.21
N CYS D 21 -7.63 -42.87 -21.18
CA CYS D 21 -7.53 -44.34 -21.05
C CYS D 21 -8.67 -45.12 -20.39
N LEU D 22 -8.85 -46.38 -20.85
CA LEU D 22 -9.80 -47.40 -20.41
C LEU D 22 -9.37 -48.73 -21.05
N VAL D 23 -9.07 -49.76 -20.24
CA VAL D 23 -8.63 -51.07 -20.72
C VAL D 23 -9.73 -52.13 -20.54
N SER D 24 -10.04 -52.88 -21.62
CA SER D 24 -11.06 -53.93 -21.66
C SER D 24 -10.68 -55.17 -20.83
N GLY D 25 -11.66 -56.05 -20.62
CA GLY D 25 -11.53 -57.29 -19.86
C GLY D 25 -10.55 -58.30 -20.45
N TYR D 26 -9.83 -59.01 -19.56
CA TYR D 26 -8.82 -60.02 -19.92
C TYR D 26 -8.71 -61.14 -18.86
N THR D 27 -7.93 -62.20 -19.18
CA THR D 27 -7.69 -63.35 -18.31
C THR D 27 -6.86 -62.92 -17.07
N PRO D 28 -7.27 -63.27 -15.83
CA PRO D 28 -6.52 -62.82 -14.63
C PRO D 28 -5.02 -63.09 -14.64
N GLY D 29 -4.25 -62.04 -14.38
CA GLY D 29 -2.79 -62.06 -14.34
C GLY D 29 -2.16 -60.70 -14.08
N THR D 30 -0.82 -60.66 -13.90
CA THR D 30 -0.09 -59.42 -13.64
C THR D 30 0.08 -58.62 -14.93
N ILE D 31 -0.32 -57.34 -14.90
CA ILE D 31 -0.25 -56.43 -16.05
C ILE D 31 0.70 -55.23 -15.82
N GLN D 32 1.25 -54.68 -16.91
CA GLN D 32 2.16 -53.53 -16.89
C GLN D 32 1.61 -52.43 -17.82
N ILE D 33 1.30 -51.26 -17.24
CA ILE D 33 0.77 -50.10 -17.98
C ILE D 33 1.82 -48.98 -17.95
N THR D 34 2.26 -48.54 -19.14
CA THR D 34 3.27 -47.49 -19.31
C THR D 34 2.74 -46.37 -20.21
N TRP D 35 2.89 -45.10 -19.77
CA TRP D 35 2.45 -43.92 -20.52
C TRP D 35 3.59 -43.35 -21.36
N LEU D 36 3.28 -43.03 -22.63
CA LEU D 36 4.24 -42.47 -23.58
C LEU D 36 3.83 -41.10 -24.11
N GLU D 37 4.83 -40.27 -24.47
CA GLU D 37 4.66 -38.94 -25.04
C GLU D 37 5.55 -38.85 -26.29
N ASP D 38 5.03 -39.35 -27.43
CA ASP D 38 5.70 -39.42 -28.73
C ASP D 38 7.03 -40.20 -28.68
N GLY D 39 6.99 -41.35 -28.00
CA GLY D 39 8.13 -42.23 -27.82
C GLY D 39 8.99 -41.93 -26.61
N GLN D 40 8.40 -41.25 -25.59
CA GLN D 40 9.08 -40.89 -24.34
C GLN D 40 8.23 -41.28 -23.14
N VAL D 41 8.79 -42.11 -22.24
CA VAL D 41 8.11 -42.60 -21.04
C VAL D 41 7.86 -41.48 -20.01
N MET D 42 6.59 -41.24 -19.67
CA MET D 42 6.14 -40.22 -18.71
C MET D 42 6.27 -40.73 -17.27
N ASP D 43 6.15 -39.82 -16.28
CA ASP D 43 6.24 -40.12 -14.85
C ASP D 43 5.06 -40.96 -14.36
N VAL D 44 5.36 -41.98 -13.53
CA VAL D 44 4.38 -42.92 -12.96
C VAL D 44 3.44 -42.25 -11.91
N ASP D 45 3.92 -41.17 -11.25
CA ASP D 45 3.17 -40.42 -10.23
C ASP D 45 1.95 -39.68 -10.78
N LEU D 46 2.00 -39.27 -12.06
CA LEU D 46 0.92 -38.54 -12.75
C LEU D 46 -0.30 -39.44 -13.04
N SER D 47 -0.07 -40.75 -13.23
CA SER D 47 -1.12 -41.73 -13.52
C SER D 47 -1.52 -42.56 -12.31
N THR D 48 -2.82 -42.94 -12.23
CA THR D 48 -3.38 -43.76 -11.15
C THR D 48 -3.96 -45.06 -11.71
N ALA D 49 -3.54 -46.20 -11.14
CA ALA D 49 -3.99 -47.52 -11.57
C ALA D 49 -4.94 -48.18 -10.57
N SER D 50 -6.01 -48.84 -11.09
CA SER D 50 -7.02 -49.53 -10.29
C SER D 50 -7.55 -50.77 -11.03
N THR D 51 -7.49 -51.93 -10.36
CA THR D 51 -7.93 -53.22 -10.92
C THR D 51 -9.23 -53.69 -10.25
N THR D 52 -10.23 -54.08 -11.06
CA THR D 52 -11.54 -54.56 -10.61
C THR D 52 -11.89 -55.88 -11.30
N GLN D 53 -12.25 -56.90 -10.50
CA GLN D 53 -12.62 -58.24 -10.98
C GLN D 53 -14.14 -58.32 -11.17
N GLU D 54 -14.58 -58.67 -12.39
CA GLU D 54 -16.01 -58.80 -12.72
C GLU D 54 -16.31 -60.17 -13.35
N GLY D 55 -16.92 -61.05 -12.56
CA GLY D 55 -17.28 -62.40 -12.96
C GLY D 55 -16.08 -63.32 -13.10
N GLU D 56 -15.56 -63.44 -14.33
CA GLU D 56 -14.41 -64.28 -14.65
C GLU D 56 -13.23 -63.44 -15.19
N LEU D 57 -13.54 -62.44 -16.03
CA LEU D 57 -12.54 -61.54 -16.64
C LEU D 57 -12.19 -60.36 -15.72
N ALA D 58 -10.92 -59.94 -15.72
CA ALA D 58 -10.42 -58.82 -14.92
C ALA D 58 -10.31 -57.54 -15.75
N SER D 59 -10.75 -56.41 -15.17
CA SER D 59 -10.72 -55.09 -15.81
C SER D 59 -9.87 -54.10 -15.04
N THR D 60 -9.02 -53.34 -15.76
CA THR D 60 -8.10 -52.35 -15.18
C THR D 60 -8.27 -51.00 -15.91
N GLN D 61 -8.16 -49.88 -15.17
CA GLN D 61 -8.27 -48.54 -15.75
C GLN D 61 -7.19 -47.59 -15.23
N SER D 62 -6.52 -46.88 -16.16
CA SER D 62 -5.47 -45.91 -15.87
C SER D 62 -5.97 -44.51 -16.21
N GLU D 63 -5.68 -43.53 -15.33
CA GLU D 63 -6.11 -42.14 -15.52
C GLU D 63 -4.93 -41.17 -15.41
N LEU D 64 -4.55 -40.55 -16.55
CA LEU D 64 -3.45 -39.60 -16.65
C LEU D 64 -4.01 -38.18 -16.75
N THR D 65 -3.57 -37.28 -15.85
CA THR D 65 -4.00 -35.87 -15.82
C THR D 65 -3.01 -35.01 -16.60
N LEU D 66 -3.54 -34.21 -17.55
CA LEU D 66 -2.74 -33.32 -18.39
C LEU D 66 -3.32 -31.91 -18.44
N SER D 67 -2.43 -30.90 -18.45
CA SER D 67 -2.80 -29.48 -18.53
C SER D 67 -3.24 -29.12 -19.95
N GLN D 68 -3.99 -28.01 -20.11
CA GLN D 68 -4.49 -27.54 -21.40
C GLN D 68 -3.37 -27.14 -22.38
N LYS D 69 -2.25 -26.60 -21.84
CA LYS D 69 -1.09 -26.20 -22.64
C LYS D 69 -0.32 -27.41 -23.17
N HIS D 70 -0.38 -28.56 -22.47
CA HIS D 70 0.30 -29.80 -22.85
C HIS D 70 -0.49 -30.60 -23.90
N TRP D 71 -1.83 -30.62 -23.78
CA TRP D 71 -2.73 -31.33 -24.69
C TRP D 71 -2.92 -30.61 -26.03
N LEU D 72 -3.04 -29.28 -26.01
CA LEU D 72 -3.24 -28.46 -27.22
C LEU D 72 -1.94 -28.09 -27.97
N SER D 73 -0.78 -28.56 -27.48
CA SER D 73 0.54 -28.30 -28.09
C SER D 73 0.86 -29.26 -29.25
N ASP D 74 -0.13 -30.10 -29.65
CA ASP D 74 -0.04 -31.11 -30.72
C ASP D 74 1.01 -32.20 -30.43
N ARG D 75 0.70 -33.05 -29.44
CA ARG D 75 1.54 -34.18 -29.01
C ARG D 75 0.71 -35.44 -28.82
N THR D 76 1.14 -36.54 -29.44
CA THR D 76 0.46 -37.84 -29.40
C THR D 76 0.87 -38.64 -28.17
N TYR D 77 -0.13 -39.13 -27.41
CA TYR D 77 0.07 -39.92 -26.19
C TYR D 77 -0.28 -41.39 -26.47
N THR D 78 0.61 -42.31 -26.06
CA THR D 78 0.43 -43.75 -26.28
C THR D 78 0.43 -44.52 -24.95
N CYS D 79 -0.54 -45.43 -24.79
CA CYS D 79 -0.67 -46.28 -23.60
C CYS D 79 -0.14 -47.69 -23.90
N GLN D 80 1.10 -47.97 -23.46
CA GLN D 80 1.75 -49.27 -23.66
C GLN D 80 1.28 -50.28 -22.63
N VAL D 81 0.71 -51.40 -23.10
CA VAL D 81 0.20 -52.48 -22.25
C VAL D 81 1.09 -53.72 -22.46
N THR D 82 1.76 -54.17 -21.39
CA THR D 82 2.65 -55.34 -21.43
C THR D 82 1.99 -56.53 -20.70
N TYR D 83 1.35 -57.41 -21.48
CA TYR D 83 0.66 -58.60 -20.98
C TYR D 83 1.19 -59.84 -21.71
N GLN D 84 1.66 -60.84 -20.94
CA GLN D 84 2.25 -62.11 -21.39
C GLN D 84 3.59 -62.01 -22.13
N GLY D 85 3.69 -61.04 -23.05
CA GLY D 85 4.90 -60.79 -23.84
C GLY D 85 4.62 -60.64 -25.31
N HIS D 86 3.70 -59.70 -25.63
CA HIS D 86 3.44 -59.18 -26.96
C HIS D 86 3.41 -57.67 -27.16
N THR D 87 3.28 -56.88 -26.11
CA THR D 87 3.14 -55.42 -26.25
C THR D 87 1.93 -55.00 -27.08
N PHE D 88 0.87 -54.44 -26.46
CA PHE D 88 -0.23 -53.79 -27.21
C PHE D 88 -0.42 -52.27 -27.01
N GLU D 89 -0.38 -51.55 -28.12
CA GLU D 89 -0.33 -50.10 -28.29
C GLU D 89 -1.63 -49.47 -28.78
N ASP D 90 -1.96 -48.30 -28.23
CA ASP D 90 -3.13 -47.49 -28.56
C ASP D 90 -2.73 -46.02 -28.40
N SER D 91 -2.88 -45.23 -29.47
CA SER D 91 -2.48 -43.82 -29.47
C SER D 91 -3.66 -42.84 -29.48
N THR D 92 -3.48 -41.70 -28.78
CA THR D 92 -4.46 -40.62 -28.68
C THR D 92 -3.84 -39.26 -29.03
N LYS D 93 -4.58 -38.46 -29.81
CA LYS D 93 -4.16 -37.13 -30.27
C LYS D 93 -5.34 -36.18 -30.32
N LYS D 94 -5.08 -34.87 -30.13
CA LYS D 94 -6.10 -33.82 -30.21
C LYS D 94 -6.59 -33.70 -31.65
N CYS D 95 -7.89 -33.41 -31.82
CA CYS D 95 -8.58 -33.28 -33.12
C CYS D 95 -7.81 -32.41 -34.14
N ALA D 96 -7.59 -32.96 -35.32
CA ALA D 96 -6.88 -32.27 -36.37
C ALA D 96 -7.59 -32.23 -37.71
N ASP D 97 -6.83 -31.75 -38.70
CA ASP D 97 -7.24 -31.41 -40.06
C ASP D 97 -6.51 -32.14 -41.18
N SER D 98 -6.22 -33.42 -41.07
CA SER D 98 -5.45 -34.09 -42.13
C SER D 98 -4.13 -33.41 -42.30
N ASN D 99 -3.97 -32.77 -43.45
CA ASN D 99 -2.88 -31.84 -43.64
C ASN D 99 -3.35 -30.44 -44.00
N PRO D 100 -2.83 -29.44 -43.32
CA PRO D 100 -2.81 -28.10 -43.92
C PRO D 100 -1.41 -27.58 -44.25
N ARG D 101 -0.42 -27.87 -43.39
CA ARG D 101 0.98 -27.44 -43.54
C ARG D 101 1.75 -28.43 -44.43
N GLY D 102 2.72 -27.91 -45.18
CA GLY D 102 3.56 -28.70 -46.07
C GLY D 102 4.72 -29.38 -45.37
N VAL D 103 5.59 -30.04 -46.16
CA VAL D 103 6.77 -30.75 -45.66
C VAL D 103 7.84 -29.72 -45.28
N SER D 104 8.25 -29.72 -44.00
CA SER D 104 9.24 -28.78 -43.48
C SER D 104 10.57 -29.45 -43.12
N ALA D 105 11.68 -28.80 -43.53
CA ALA D 105 13.05 -29.27 -43.27
C ALA D 105 13.80 -28.28 -42.39
N TYR D 106 14.59 -28.81 -41.43
CA TYR D 106 15.38 -28.01 -40.49
C TYR D 106 16.85 -28.43 -40.53
N LEU D 107 17.75 -27.46 -40.77
CA LEU D 107 19.19 -27.68 -40.83
C LEU D 107 19.87 -26.85 -39.73
N SER D 108 20.44 -27.53 -38.73
CA SER D 108 21.09 -26.92 -37.58
C SER D 108 22.61 -26.87 -37.68
N ARG D 109 23.21 -25.80 -37.13
CA ARG D 109 24.66 -25.56 -37.08
C ARG D 109 25.31 -26.52 -36.06
N PRO D 110 26.60 -26.91 -36.20
CA PRO D 110 27.20 -27.82 -35.20
C PRO D 110 27.51 -27.11 -33.88
N SER D 111 27.26 -27.80 -32.76
CA SER D 111 27.48 -27.30 -31.40
C SER D 111 28.96 -26.95 -31.14
N PRO D 112 29.27 -25.89 -30.33
CA PRO D 112 30.68 -25.54 -30.08
C PRO D 112 31.57 -26.62 -29.48
N PHE D 113 30.96 -27.63 -28.80
CA PHE D 113 31.68 -28.77 -28.21
C PHE D 113 32.27 -29.65 -29.31
N ASP D 114 31.49 -29.91 -30.38
CA ASP D 114 31.91 -30.70 -31.53
C ASP D 114 32.90 -29.94 -32.41
N LEU D 115 32.79 -28.61 -32.44
CA LEU D 115 33.63 -27.70 -33.24
C LEU D 115 35.01 -27.44 -32.63
N PHE D 116 35.14 -27.43 -31.29
CA PHE D 116 36.42 -27.15 -30.64
C PHE D 116 36.99 -28.24 -29.73
N ILE D 117 36.20 -28.75 -28.78
CA ILE D 117 36.63 -29.80 -27.84
C ILE D 117 36.74 -31.16 -28.52
N ARG D 118 35.62 -31.66 -29.09
CA ARG D 118 35.51 -32.95 -29.78
C ARG D 118 36.22 -32.94 -31.15
N LYS D 119 36.40 -31.74 -31.75
CA LYS D 119 37.06 -31.50 -33.05
C LYS D 119 36.37 -32.19 -34.25
N SER D 120 35.17 -32.77 -34.03
CA SER D 120 34.39 -33.47 -35.06
C SER D 120 33.03 -32.78 -35.25
N PRO D 121 32.95 -31.66 -36.02
CA PRO D 121 31.65 -31.00 -36.20
C PRO D 121 30.77 -31.70 -37.23
N THR D 122 29.47 -31.84 -36.91
CA THR D 122 28.49 -32.50 -37.78
C THR D 122 27.19 -31.69 -37.91
N ILE D 123 26.63 -31.65 -39.13
CA ILE D 123 25.37 -30.94 -39.42
C ILE D 123 24.24 -31.95 -39.67
N THR D 124 23.15 -31.82 -38.89
CA THR D 124 21.99 -32.72 -38.98
C THR D 124 20.83 -32.03 -39.69
N CYS D 125 20.28 -32.71 -40.72
CA CYS D 125 19.14 -32.22 -41.50
C CYS D 125 17.87 -32.99 -41.12
N LEU D 126 17.09 -32.41 -40.19
CA LEU D 126 15.85 -32.99 -39.69
C LEU D 126 14.65 -32.51 -40.52
N VAL D 127 14.07 -33.42 -41.31
CA VAL D 127 12.91 -33.13 -42.16
C VAL D 127 11.65 -33.86 -41.67
N VAL D 128 10.58 -33.09 -41.37
CA VAL D 128 9.30 -33.60 -40.89
C VAL D 128 8.35 -33.78 -42.08
N ASP D 129 7.92 -35.02 -42.33
CA ASP D 129 7.01 -35.35 -43.44
C ASP D 129 5.61 -35.68 -42.94
N PRO D 132 0.65 -39.34 -44.61
CA PRO D 132 1.25 -39.77 -45.88
C PRO D 132 1.19 -41.28 -46.08
N SER D 133 0.88 -41.71 -47.32
CA SER D 133 0.78 -43.12 -47.69
C SER D 133 2.04 -43.60 -48.41
N LYS D 134 2.41 -42.94 -49.53
CA LYS D 134 3.60 -43.27 -50.32
C LYS D 134 4.33 -42.01 -50.79
N GLY D 135 5.64 -41.98 -50.57
CA GLY D 135 6.51 -40.87 -50.95
C GLY D 135 7.95 -41.08 -50.51
N THR D 136 8.89 -40.93 -51.46
CA THR D 136 10.32 -41.11 -51.22
C THR D 136 11.01 -39.76 -51.02
N VAL D 137 11.78 -39.62 -49.93
CA VAL D 137 12.52 -38.41 -49.59
C VAL D 137 14.01 -38.60 -49.91
N GLN D 138 14.58 -37.68 -50.71
CA GLN D 138 15.98 -37.71 -51.12
C GLN D 138 16.72 -36.50 -50.56
N LEU D 139 17.87 -36.73 -49.88
CA LEU D 139 18.66 -35.65 -49.27
C LEU D 139 20.02 -35.47 -49.97
N THR D 140 20.05 -34.59 -50.97
CA THR D 140 21.24 -34.27 -51.77
C THR D 140 22.10 -33.22 -51.05
N TRP D 141 23.43 -33.44 -51.03
CA TRP D 141 24.38 -32.54 -50.37
C TRP D 141 25.33 -31.89 -51.37
N SER D 142 25.57 -30.56 -51.21
CA SER D 142 26.45 -29.76 -52.05
C SER D 142 27.03 -28.56 -51.30
N ARG D 143 28.12 -27.97 -51.83
CA ARG D 143 28.79 -26.81 -51.23
C ARG D 143 28.58 -25.53 -52.08
N ALA D 144 28.74 -24.35 -51.44
CA ALA D 144 28.58 -23.04 -52.08
C ALA D 144 29.65 -22.78 -53.15
N SER D 145 30.89 -23.26 -52.92
CA SER D 145 32.01 -23.10 -53.85
C SER D 145 32.01 -24.19 -54.93
N GLY D 146 31.66 -25.41 -54.54
CA GLY D 146 31.61 -26.57 -55.43
C GLY D 146 32.64 -27.64 -55.09
N LYS D 147 32.88 -27.84 -53.78
CA LYS D 147 33.83 -28.83 -53.26
C LYS D 147 33.15 -30.17 -52.91
N PRO D 148 33.82 -31.33 -53.07
CA PRO D 148 33.16 -32.61 -52.76
C PRO D 148 32.84 -32.83 -51.29
N VAL D 149 31.75 -33.56 -51.02
CA VAL D 149 31.28 -33.88 -49.66
C VAL D 149 31.16 -35.38 -49.40
N GLN D 150 31.40 -35.80 -48.14
CA GLN D 150 31.32 -37.21 -47.70
C GLN D 150 29.86 -37.65 -47.60
N HIS D 151 29.61 -38.97 -47.58
CA HIS D 151 28.25 -39.52 -47.48
C HIS D 151 27.68 -39.37 -46.07
N SER D 152 26.43 -38.87 -45.99
CA SER D 152 25.72 -38.64 -44.73
C SER D 152 24.92 -39.86 -44.25
N THR D 153 24.83 -40.05 -42.93
CA THR D 153 24.10 -41.15 -42.31
C THR D 153 22.59 -40.89 -42.40
N ARG D 154 21.95 -41.47 -43.44
CA ARG D 154 20.53 -41.33 -43.72
C ARG D 154 19.72 -42.36 -42.93
N LYS D 155 19.20 -41.96 -41.75
CA LYS D 155 18.42 -42.82 -40.88
C LYS D 155 16.98 -42.32 -40.75
N GLU D 156 16.01 -43.20 -41.07
CA GLU D 156 14.59 -42.90 -40.99
C GLU D 156 13.93 -43.57 -39.78
N GLU D 157 13.11 -42.80 -39.04
CA GLU D 157 12.41 -43.27 -37.86
C GLU D 157 10.91 -42.99 -38.00
N LYS D 158 10.11 -44.04 -38.26
CA LYS D 158 8.67 -43.93 -38.41
C LYS D 158 8.02 -43.77 -37.03
N GLN D 159 7.38 -42.61 -36.82
CA GLN D 159 6.74 -42.26 -35.55
C GLN D 159 5.35 -42.86 -35.38
N ARG D 160 4.92 -43.00 -34.12
CA ARG D 160 3.64 -43.58 -33.71
C ARG D 160 2.42 -42.76 -34.17
N ASN D 161 2.61 -41.45 -34.45
CA ASN D 161 1.55 -40.56 -34.90
C ASN D 161 1.23 -40.61 -36.41
N GLY D 162 1.94 -41.48 -37.13
CA GLY D 162 1.75 -41.68 -38.57
C GLY D 162 2.58 -40.78 -39.47
N THR D 163 3.79 -40.39 -39.03
CA THR D 163 4.70 -39.53 -39.79
C THR D 163 6.10 -40.15 -39.89
N LEU D 164 6.77 -39.92 -41.03
CA LEU D 164 8.12 -40.44 -41.31
C LEU D 164 9.15 -39.31 -41.14
N THR D 165 10.12 -39.52 -40.24
CA THR D 165 11.17 -38.54 -39.96
C THR D 165 12.54 -39.11 -40.33
N VAL D 166 13.21 -38.49 -41.31
CA VAL D 166 14.53 -38.91 -41.78
C VAL D 166 15.61 -37.84 -41.55
N THR D 167 16.67 -38.21 -40.82
CA THR D 167 17.79 -37.33 -40.47
C THR D 167 19.05 -37.69 -41.26
N SER D 168 19.79 -36.65 -41.70
CA SER D 168 21.05 -36.82 -42.44
C SER D 168 22.18 -36.06 -41.74
N THR D 169 23.12 -36.83 -41.16
CA THR D 169 24.27 -36.30 -40.42
C THR D 169 25.51 -36.22 -41.34
N LEU D 170 25.86 -35.00 -41.77
CA LEU D 170 27.01 -34.76 -42.64
C LEU D 170 28.25 -34.33 -41.84
N PRO D 171 29.40 -35.02 -42.01
CA PRO D 171 30.60 -34.62 -41.26
C PRO D 171 31.34 -33.47 -41.93
N VAL D 172 31.30 -32.28 -41.30
CA VAL D 172 31.94 -31.06 -41.82
C VAL D 172 33.33 -30.82 -41.21
N GLY D 173 34.17 -30.11 -41.95
CA GLY D 173 35.54 -29.76 -41.55
C GLY D 173 35.60 -28.74 -40.43
N THR D 174 36.60 -28.88 -39.55
CA THR D 174 36.82 -27.98 -38.40
C THR D 174 37.27 -26.59 -38.86
N ARG D 175 38.36 -26.52 -39.66
CA ARG D 175 38.92 -25.28 -40.19
C ARG D 175 38.01 -24.62 -41.23
N ASP D 176 37.29 -25.44 -42.03
CA ASP D 176 36.38 -24.98 -43.08
C ASP D 176 35.19 -24.18 -42.56
N TRP D 177 34.62 -24.57 -41.40
CA TRP D 177 33.48 -23.90 -40.78
C TRP D 177 33.81 -22.50 -40.24
N ILE D 178 34.97 -22.36 -39.55
CA ILE D 178 35.43 -21.08 -38.98
C ILE D 178 35.78 -20.06 -40.09
N GLU D 179 36.30 -20.55 -41.23
CA GLU D 179 36.68 -19.73 -42.38
C GLU D 179 35.48 -19.07 -43.07
N GLY D 180 34.33 -19.74 -43.08
CA GLY D 180 33.09 -19.21 -43.65
C GLY D 180 32.55 -19.98 -44.84
N GLU D 181 32.43 -21.32 -44.71
CA GLU D 181 31.92 -22.19 -45.76
C GLU D 181 30.41 -22.43 -45.58
N THR D 182 29.64 -22.26 -46.67
CA THR D 182 28.19 -22.45 -46.66
C THR D 182 27.86 -23.84 -47.23
N TYR D 183 27.17 -24.67 -46.44
CA TYR D 183 26.77 -26.03 -46.82
C TYR D 183 25.31 -26.07 -47.26
N GLN D 184 25.07 -26.47 -48.52
CA GLN D 184 23.75 -26.55 -49.15
C GLN D 184 23.14 -27.95 -49.03
N CYS D 185 21.79 -28.03 -49.01
CA CYS D 185 21.04 -29.27 -48.93
C CYS D 185 19.79 -29.22 -49.80
N ARG D 186 19.50 -30.31 -50.53
CA ARG D 186 18.35 -30.42 -51.43
C ARG D 186 17.44 -31.58 -51.01
N VAL D 187 16.15 -31.27 -50.78
CA VAL D 187 15.11 -32.23 -50.38
C VAL D 187 14.03 -32.29 -51.47
N THR D 188 13.80 -33.50 -52.01
CA THR D 188 12.80 -33.74 -53.05
C THR D 188 11.74 -34.75 -52.61
N HIS D 189 10.46 -34.45 -52.88
CA HIS D 189 9.31 -35.29 -52.53
C HIS D 189 8.33 -35.41 -53.71
N PRO D 190 7.76 -36.61 -54.00
CA PRO D 190 6.84 -36.73 -55.15
C PRO D 190 5.53 -35.97 -55.06
N HIS D 191 5.01 -35.73 -53.82
CA HIS D 191 3.76 -35.01 -53.60
C HIS D 191 3.89 -33.51 -53.86
N LEU D 192 4.96 -32.88 -53.33
CA LEU D 192 5.21 -31.44 -53.51
C LEU D 192 5.82 -31.15 -54.89
N PRO D 193 5.32 -30.13 -55.63
CA PRO D 193 5.90 -29.85 -56.96
C PRO D 193 7.24 -29.11 -56.90
N ARG D 194 7.34 -28.09 -56.02
CA ARG D 194 8.54 -27.26 -55.83
C ARG D 194 9.62 -27.99 -55.05
N ALA D 195 10.90 -27.71 -55.35
CA ALA D 195 12.05 -28.32 -54.67
C ALA D 195 12.41 -27.51 -53.42
N LEU D 196 12.50 -28.21 -52.27
CA LEU D 196 12.83 -27.59 -50.98
C LEU D 196 14.33 -27.60 -50.74
N MET D 197 14.90 -26.42 -50.42
CA MET D 197 16.33 -26.22 -50.18
C MET D 197 16.60 -25.38 -48.93
N ARG D 198 17.39 -25.93 -47.99
CA ARG D 198 17.78 -25.28 -46.73
C ARG D 198 19.30 -25.33 -46.59
N SER D 199 19.93 -24.17 -46.33
CA SER D 199 21.39 -24.06 -46.17
C SER D 199 21.79 -23.20 -44.98
N THR D 200 22.85 -23.62 -44.26
CA THR D 200 23.36 -22.91 -43.09
C THR D 200 24.88 -22.71 -43.11
N THR D 201 25.35 -21.60 -42.51
CA THR D 201 26.77 -21.24 -42.41
C THR D 201 27.08 -20.60 -41.05
N LYS D 202 28.38 -20.28 -40.81
CA LYS D 202 28.85 -19.64 -39.59
C LYS D 202 28.25 -18.23 -39.49
N THR D 203 27.59 -17.91 -38.36
CA THR D 203 26.93 -16.63 -38.12
C THR D 203 27.93 -15.48 -38.13
N SER D 204 28.13 -14.87 -39.32
CA SER D 204 29.05 -13.77 -39.56
C SER D 204 28.55 -12.47 -38.94
N GLY D 205 29.35 -11.93 -38.03
CA GLY D 205 29.07 -10.68 -37.33
C GLY D 205 30.09 -10.37 -36.24
N PRO D 206 29.71 -9.59 -35.21
CA PRO D 206 30.66 -9.26 -34.14
C PRO D 206 31.01 -10.44 -33.24
N ARG D 207 32.27 -10.49 -32.77
CA ARG D 207 32.78 -11.54 -31.89
C ARG D 207 33.17 -10.98 -30.52
N ALA D 208 32.71 -11.64 -29.44
CA ALA D 208 32.99 -11.22 -28.06
C ALA D 208 33.24 -12.43 -27.15
N ALA D 209 34.25 -12.30 -26.26
CA ALA D 209 34.63 -13.34 -25.30
C ALA D 209 33.60 -13.44 -24.16
N PRO D 210 33.14 -14.67 -23.78
CA PRO D 210 32.15 -14.78 -22.71
C PRO D 210 32.68 -14.52 -21.30
N GLU D 211 31.82 -13.99 -20.42
CA GLU D 211 32.14 -13.67 -19.03
C GLU D 211 31.48 -14.68 -18.08
N VAL D 212 32.29 -15.62 -17.55
CA VAL D 212 31.82 -16.69 -16.66
C VAL D 212 31.92 -16.27 -15.18
N TYR D 213 30.82 -16.50 -14.42
CA TYR D 213 30.73 -16.19 -13.00
C TYR D 213 30.15 -17.39 -12.24
N ALA D 214 30.86 -17.87 -11.20
CA ALA D 214 30.45 -19.02 -10.39
C ALA D 214 29.91 -18.60 -9.03
N PHE D 215 28.77 -19.18 -8.62
CA PHE D 215 28.11 -18.90 -7.33
C PHE D 215 27.60 -20.16 -6.64
N ALA D 216 27.59 -20.15 -5.30
CA ALA D 216 27.13 -21.26 -4.46
C ALA D 216 26.06 -20.80 -3.46
N THR D 217 24.99 -21.59 -3.32
CA THR D 217 23.86 -21.28 -2.41
C THR D 217 24.15 -21.73 -0.97
N PRO D 218 23.80 -20.91 0.06
CA PRO D 218 24.04 -21.32 1.45
C PRO D 218 22.99 -22.30 1.98
N GLU D 219 23.16 -22.76 3.23
CA GLU D 219 22.25 -23.70 3.90
C GLU D 219 20.88 -23.08 4.16
N TRP D 220 19.81 -23.76 3.70
CA TRP D 220 18.42 -23.34 3.84
C TRP D 220 17.66 -24.32 4.76
N PRO D 221 16.78 -23.85 5.68
CA PRO D 221 16.05 -24.79 6.56
C PRO D 221 15.15 -25.76 5.79
N GLY D 222 15.35 -27.05 6.03
CA GLY D 222 14.62 -28.13 5.36
C GLY D 222 15.56 -29.04 4.60
N SER D 223 16.45 -28.44 3.78
CA SER D 223 17.45 -29.13 2.98
C SER D 223 18.78 -29.19 3.72
N ARG D 224 19.40 -30.39 3.79
CA ARG D 224 20.68 -30.58 4.47
C ARG D 224 21.72 -31.25 3.57
N ASP D 225 21.35 -32.39 2.93
CA ASP D 225 22.26 -33.14 2.06
C ASP D 225 22.46 -32.49 0.69
N LYS D 226 21.38 -31.97 0.09
CA LYS D 226 21.44 -31.34 -1.24
C LYS D 226 21.64 -29.82 -1.23
N ARG D 227 22.51 -29.33 -2.15
CA ARG D 227 22.83 -27.92 -2.35
C ARG D 227 22.82 -27.58 -3.84
N THR D 228 22.57 -26.31 -4.19
CA THR D 228 22.52 -25.87 -5.58
C THR D 228 23.65 -24.92 -5.97
N LEU D 229 24.12 -25.03 -7.22
CA LEU D 229 25.19 -24.20 -7.79
C LEU D 229 24.64 -23.38 -8.96
N ALA D 230 24.86 -22.06 -8.93
CA ALA D 230 24.40 -21.14 -9.98
C ALA D 230 25.57 -20.57 -10.76
N CYS D 231 25.46 -20.56 -12.10
CA CYS D 231 26.49 -20.04 -13.01
C CYS D 231 25.91 -19.06 -14.03
N LEU D 232 26.65 -17.96 -14.28
CA LEU D 232 26.25 -16.92 -15.23
C LEU D 232 27.32 -16.70 -16.30
N ILE D 233 26.94 -16.89 -17.56
CA ILE D 233 27.79 -16.69 -18.74
C ILE D 233 27.13 -15.58 -19.57
N GLN D 234 27.77 -14.40 -19.64
CA GLN D 234 27.23 -13.23 -20.34
C GLN D 234 28.21 -12.52 -21.29
N ASN D 235 27.67 -11.60 -22.12
CA ASN D 235 28.36 -10.76 -23.11
C ASN D 235 29.18 -11.56 -24.13
N PHE D 236 28.48 -12.20 -25.09
CA PHE D 236 29.08 -13.00 -26.16
C PHE D 236 28.21 -13.07 -27.41
N MET D 237 28.86 -13.07 -28.59
CA MET D 237 28.21 -13.16 -29.91
C MET D 237 29.04 -14.01 -30.87
N PRO D 238 28.46 -14.97 -31.65
CA PRO D 238 27.02 -15.33 -31.76
C PRO D 238 26.44 -16.09 -30.56
N GLU D 239 25.12 -16.37 -30.62
CA GLU D 239 24.35 -17.07 -29.58
C GLU D 239 24.80 -18.50 -29.25
N ASP D 240 25.55 -19.15 -30.15
CA ASP D 240 26.07 -20.53 -30.00
C ASP D 240 27.01 -20.63 -28.79
N ILE D 241 26.60 -21.41 -27.77
CA ILE D 241 27.36 -21.64 -26.53
C ILE D 241 27.16 -23.05 -25.96
N SER D 242 28.25 -23.66 -25.46
CA SER D 242 28.24 -24.99 -24.85
C SER D 242 28.58 -24.87 -23.35
N VAL D 243 27.68 -25.37 -22.48
CA VAL D 243 27.84 -25.32 -21.03
C VAL D 243 28.19 -26.71 -20.48
N GLN D 244 29.33 -26.81 -19.79
CA GLN D 244 29.84 -28.04 -19.19
C GLN D 244 30.14 -27.85 -17.70
N TRP D 245 29.83 -28.85 -16.87
CA TRP D 245 30.10 -28.83 -15.43
C TRP D 245 31.13 -29.90 -15.07
N LEU D 246 32.19 -29.50 -14.35
CA LEU D 246 33.29 -30.39 -13.96
C LEU D 246 33.42 -30.63 -12.46
N HIS D 247 33.77 -31.89 -12.10
CA HIS D 247 34.00 -32.38 -10.74
C HIS D 247 34.96 -33.56 -10.85
N ASN D 248 36.13 -33.48 -10.16
CA ASN D 248 37.22 -34.46 -10.17
C ASN D 248 37.82 -34.64 -11.58
N GLU D 249 38.07 -33.51 -12.27
CA GLU D 249 38.62 -33.40 -13.63
C GLU D 249 37.76 -33.99 -14.76
N VAL D 250 36.63 -34.65 -14.42
CA VAL D 250 35.71 -35.25 -15.38
C VAL D 250 34.38 -34.51 -15.49
N GLN D 251 33.82 -34.48 -16.71
CA GLN D 251 32.56 -33.81 -17.03
C GLN D 251 31.36 -34.58 -16.46
N LEU D 252 30.45 -33.86 -15.79
CA LEU D 252 29.22 -34.40 -15.21
C LEU D 252 28.20 -34.65 -16.32
N PRO D 253 27.28 -35.65 -16.20
CA PRO D 253 26.30 -35.91 -17.28
C PRO D 253 25.41 -34.73 -17.65
N ASP D 254 24.99 -34.67 -18.93
CA ASP D 254 24.14 -33.62 -19.50
C ASP D 254 22.73 -33.54 -18.91
N ALA D 255 22.22 -34.65 -18.36
CA ALA D 255 20.89 -34.75 -17.77
C ALA D 255 20.72 -33.97 -16.46
N ARG D 256 21.77 -33.95 -15.60
CA ARG D 256 21.71 -33.26 -14.31
C ARG D 256 21.76 -31.73 -14.37
N HIS D 257 22.57 -31.14 -15.28
CA HIS D 257 22.67 -29.69 -15.40
C HIS D 257 21.66 -29.10 -16.38
N SER D 258 21.02 -28.00 -15.98
CA SER D 258 20.00 -27.29 -16.78
C SER D 258 20.50 -25.93 -17.24
N THR D 259 20.32 -25.64 -18.54
CA THR D 259 20.75 -24.37 -19.15
C THR D 259 19.57 -23.69 -19.87
N THR D 260 19.41 -22.38 -19.64
CA THR D 260 18.36 -21.55 -20.24
C THR D 260 18.71 -21.15 -21.68
N GLN D 261 17.68 -20.78 -22.47
CA GLN D 261 17.80 -20.36 -23.87
C GLN D 261 18.60 -19.05 -24.01
N PRO D 262 19.42 -18.88 -25.09
CA PRO D 262 20.20 -17.63 -25.22
C PRO D 262 19.34 -16.36 -25.42
N ARG D 263 19.33 -15.50 -24.38
CA ARG D 263 18.57 -14.25 -24.35
C ARG D 263 19.49 -13.04 -24.53
N LYS D 264 18.98 -11.99 -25.21
CA LYS D 264 19.73 -10.76 -25.48
C LYS D 264 19.87 -9.86 -24.27
N THR D 265 21.03 -9.18 -24.15
CA THR D 265 21.34 -8.24 -23.06
C THR D 265 20.93 -6.81 -23.47
N LYS D 266 20.86 -5.88 -22.49
CA LYS D 266 20.54 -4.48 -22.73
C LYS D 266 21.78 -3.75 -23.30
N GLY D 267 22.15 -4.13 -24.53
CA GLY D 267 23.28 -3.59 -25.26
C GLY D 267 23.46 -4.24 -26.61
N SER D 268 24.19 -5.38 -26.65
CA SER D 268 24.46 -6.13 -27.87
C SER D 268 24.70 -7.63 -27.66
N GLY D 269 25.30 -7.99 -26.51
CA GLY D 269 25.63 -9.36 -26.16
C GLY D 269 24.49 -10.27 -25.77
N PHE D 270 24.82 -11.54 -25.45
CA PHE D 270 23.87 -12.59 -25.04
C PHE D 270 24.20 -13.11 -23.63
N PHE D 271 23.20 -13.69 -22.94
CA PHE D 271 23.39 -14.25 -21.59
C PHE D 271 22.68 -15.61 -21.39
N VAL D 272 23.34 -16.52 -20.65
CA VAL D 272 22.84 -17.86 -20.32
C VAL D 272 23.08 -18.20 -18.84
N PHE D 273 22.09 -18.85 -18.20
CA PHE D 273 22.17 -19.27 -16.80
C PHE D 273 22.25 -20.80 -16.68
N SER D 274 23.14 -21.29 -15.79
CA SER D 274 23.34 -22.72 -15.55
C SER D 274 23.03 -23.08 -14.10
N ARG D 275 22.27 -24.16 -13.89
CA ARG D 275 21.87 -24.66 -12.56
C ARG D 275 22.28 -26.13 -12.40
N LEU D 276 22.93 -26.44 -11.26
CA LEU D 276 23.38 -27.80 -10.93
C LEU D 276 23.12 -28.12 -9.45
N GLU D 277 22.44 -29.25 -9.20
CA GLU D 277 22.11 -29.72 -7.85
C GLU D 277 23.11 -30.80 -7.44
N VAL D 278 23.83 -30.57 -6.32
CA VAL D 278 24.85 -31.48 -5.79
C VAL D 278 24.51 -32.02 -4.39
N THR D 279 24.92 -33.28 -4.13
CA THR D 279 24.71 -33.97 -2.85
C THR D 279 25.88 -33.72 -1.88
N ARG D 280 25.69 -34.08 -0.59
CA ARG D 280 26.68 -33.93 0.49
C ARG D 280 27.95 -34.75 0.24
N ALA D 281 27.82 -35.94 -0.41
CA ALA D 281 28.92 -36.83 -0.75
C ALA D 281 29.86 -36.23 -1.81
N GLU D 282 29.36 -35.28 -2.61
CA GLU D 282 30.12 -34.61 -3.67
C GLU D 282 31.10 -33.55 -3.16
N TRP D 283 30.62 -32.60 -2.31
CA TRP D 283 31.49 -31.53 -1.79
C TRP D 283 32.48 -31.98 -0.70
N GLU D 284 32.11 -33.03 0.08
CA GLU D 284 32.96 -33.58 1.13
C GLU D 284 34.17 -34.31 0.55
N GLN D 285 33.99 -35.01 -0.59
CA GLN D 285 35.03 -35.73 -1.31
C GLN D 285 35.96 -34.74 -2.03
N LYS D 286 35.38 -33.67 -2.62
CA LYS D 286 36.08 -32.61 -3.34
C LYS D 286 35.26 -31.32 -3.33
N ASP D 287 35.75 -30.27 -2.63
CA ASP D 287 35.09 -28.98 -2.51
C ASP D 287 35.57 -28.00 -3.60
N GLU D 288 35.33 -28.37 -4.87
CA GLU D 288 35.70 -27.58 -6.05
C GLU D 288 34.78 -27.92 -7.22
N PHE D 289 34.09 -26.90 -7.75
CA PHE D 289 33.17 -27.04 -8.89
C PHE D 289 33.48 -25.99 -9.95
N ILE D 290 33.96 -26.43 -11.12
CA ILE D 290 34.35 -25.56 -12.23
C ILE D 290 33.38 -25.74 -13.41
N CYS D 291 32.83 -24.61 -13.90
CA CYS D 291 31.91 -24.61 -15.04
C CYS D 291 32.63 -24.09 -16.28
N ARG D 292 32.70 -24.92 -17.33
CA ARG D 292 33.38 -24.61 -18.59
C ARG D 292 32.41 -24.11 -19.66
N ALA D 293 32.81 -23.06 -20.39
CA ALA D 293 32.01 -22.46 -21.46
C ALA D 293 32.81 -22.44 -22.77
N VAL D 294 32.20 -22.98 -23.84
CA VAL D 294 32.83 -23.06 -25.17
C VAL D 294 32.17 -22.03 -26.11
N HIS D 295 32.99 -21.14 -26.69
CA HIS D 295 32.53 -20.08 -27.60
C HIS D 295 33.53 -19.88 -28.75
N GLU D 296 33.04 -19.34 -29.89
CA GLU D 296 33.82 -19.08 -31.09
C GLU D 296 34.91 -18.02 -30.89
N ALA D 297 34.64 -17.01 -30.04
CA ALA D 297 35.57 -15.91 -29.74
C ALA D 297 36.35 -16.13 -28.43
N ALA D 298 36.07 -17.22 -27.70
CA ALA D 298 36.72 -17.58 -26.43
C ALA D 298 38.22 -17.83 -26.56
N SER D 299 38.97 -17.45 -25.51
CA SER D 299 40.42 -17.59 -25.41
C SER D 299 40.84 -17.90 -23.95
N PRO D 300 41.87 -18.76 -23.70
CA PRO D 300 42.74 -19.46 -24.66
C PRO D 300 42.20 -20.80 -25.17
N SER D 301 42.46 -21.10 -26.46
CA SER D 301 42.06 -22.31 -27.18
C SER D 301 40.56 -22.65 -27.05
N GLN D 302 39.70 -21.60 -27.14
CA GLN D 302 38.24 -21.66 -27.03
C GLN D 302 37.75 -22.26 -25.70
N THR D 303 38.47 -21.97 -24.61
CA THR D 303 38.18 -22.46 -23.26
C THR D 303 38.21 -21.33 -22.22
N VAL D 304 37.04 -21.03 -21.62
CA VAL D 304 36.86 -20.02 -20.58
C VAL D 304 36.17 -20.71 -19.39
N GLN D 305 36.94 -20.99 -18.32
CA GLN D 305 36.44 -21.68 -17.12
C GLN D 305 36.69 -20.90 -15.83
N ARG D 306 35.74 -21.00 -14.87
CA ARG D 306 35.79 -20.34 -13.57
C ARG D 306 35.37 -21.28 -12.44
N ALA D 307 36.13 -21.28 -11.33
CA ALA D 307 35.85 -22.10 -10.15
C ALA D 307 35.06 -21.31 -9.11
N LYS E 2 0.49 39.32 62.54
CA LYS E 2 0.69 39.89 61.21
C LYS E 2 -0.63 40.17 60.51
N TRP E 3 -1.63 39.28 60.70
CA TRP E 3 -2.96 39.36 60.13
C TRP E 3 -3.78 40.46 60.80
N ILE E 4 -4.29 41.43 60.01
CA ILE E 4 -5.11 42.55 60.51
C ILE E 4 -6.52 42.04 60.80
N ASN E 5 -6.99 42.24 62.05
CA ASN E 5 -8.29 41.78 62.53
C ASN E 5 -9.44 42.77 62.32
N PHE E 6 -10.63 42.22 61.99
CA PHE E 6 -11.90 42.94 61.78
C PHE E 6 -13.03 41.97 62.14
N GLN E 7 -13.99 42.42 62.98
CA GLN E 7 -15.14 41.66 63.50
C GLN E 7 -14.65 40.53 64.43
N ARG E 8 -14.06 39.47 63.85
CA ARG E 8 -13.50 38.29 64.52
C ARG E 8 -12.51 37.58 63.61
N LYS E 9 -12.77 37.61 62.28
CA LYS E 9 -11.94 36.99 61.24
C LYS E 9 -10.64 37.76 61.02
N CYS E 10 -9.54 37.02 60.77
CA CYS E 10 -8.21 37.58 60.51
C CYS E 10 -8.00 37.74 59.00
N TYR E 11 -7.39 38.86 58.58
CA TYR E 11 -7.14 39.16 57.16
C TYR E 11 -5.69 39.52 56.87
N TYR E 12 -5.12 38.92 55.81
CA TYR E 12 -3.75 39.16 55.36
C TYR E 12 -3.76 39.79 53.97
N PHE E 13 -3.06 40.93 53.80
CA PHE E 13 -2.99 41.64 52.53
C PHE E 13 -1.61 41.43 51.88
N GLY E 14 -1.50 40.33 51.13
CA GLY E 14 -0.28 39.93 50.44
C GLY E 14 -0.01 40.71 49.17
N LYS E 15 1.26 40.90 48.84
CA LYS E 15 1.71 41.63 47.64
C LYS E 15 2.68 40.80 46.80
N GLY E 16 2.54 40.88 45.48
CA GLY E 16 3.37 40.17 44.52
C GLY E 16 2.61 39.75 43.28
N THR E 17 3.27 39.84 42.10
CA THR E 17 2.70 39.50 40.80
C THR E 17 2.48 37.98 40.68
N LYS E 18 1.21 37.54 40.83
CA LYS E 18 0.79 36.13 40.77
C LYS E 18 -0.60 35.99 40.16
N GLN E 19 -0.90 34.82 39.56
CA GLN E 19 -2.20 34.47 38.98
C GLN E 19 -3.18 34.13 40.12
N TRP E 20 -4.50 34.01 39.82
CA TRP E 20 -5.54 33.68 40.80
C TRP E 20 -5.27 32.36 41.52
N VAL E 21 -4.86 31.31 40.77
CA VAL E 21 -4.56 29.99 41.33
C VAL E 21 -3.26 30.01 42.17
N HIS E 22 -2.23 30.79 41.74
CA HIS E 22 -0.96 30.93 42.44
C HIS E 22 -1.13 31.73 43.74
N ALA E 23 -2.07 32.68 43.76
CA ALA E 23 -2.41 33.49 44.93
C ALA E 23 -3.21 32.65 45.94
N ARG E 24 -3.98 31.66 45.43
CA ARG E 24 -4.79 30.74 46.22
C ARG E 24 -3.89 29.78 47.02
N TYR E 25 -2.77 29.33 46.43
CA TYR E 25 -1.80 28.44 47.07
C TYR E 25 -1.08 29.13 48.23
N ALA E 26 -0.85 30.45 48.10
CA ALA E 26 -0.18 31.29 49.10
C ALA E 26 -1.00 31.37 50.40
N CYS E 27 -2.34 31.43 50.28
CA CYS E 27 -3.28 31.47 51.42
C CYS E 27 -3.28 30.13 52.16
N ASP E 28 -3.15 29.01 51.41
CA ASP E 28 -3.10 27.65 51.94
C ASP E 28 -1.81 27.38 52.72
N ASP E 29 -0.66 27.90 52.21
CA ASP E 29 0.65 27.75 52.85
C ASP E 29 0.76 28.57 54.14
N MET E 30 0.03 29.69 54.22
CA MET E 30 -0.01 30.59 55.38
C MET E 30 -1.15 30.22 56.35
N GLU E 31 -1.67 28.98 56.22
CA GLU E 31 -2.77 28.40 57.02
C GLU E 31 -4.08 29.19 56.90
N GLY E 32 -4.86 28.85 55.87
CA GLY E 32 -6.13 29.48 55.57
C GLY E 32 -6.56 29.33 54.12
N GLN E 33 -7.40 30.27 53.64
CA GLN E 33 -7.92 30.28 52.26
C GLN E 33 -8.23 31.72 51.77
N LEU E 34 -8.63 31.85 50.49
CA LEU E 34 -8.98 33.13 49.85
C LEU E 34 -10.20 33.79 50.50
N VAL E 35 -10.20 35.14 50.55
CA VAL E 35 -11.24 35.98 51.16
C VAL E 35 -12.67 35.74 50.60
N SER E 36 -13.64 35.61 51.51
CA SER E 36 -15.05 35.40 51.20
C SER E 36 -15.90 36.47 51.90
N ILE E 37 -16.66 37.26 51.12
CA ILE E 37 -17.49 38.35 51.63
C ILE E 37 -18.97 37.97 51.68
N HIS E 38 -19.60 38.16 52.86
CA HIS E 38 -21.02 37.87 53.10
C HIS E 38 -21.76 39.05 53.71
N SER E 39 -21.06 39.85 54.55
CA SER E 39 -21.62 41.02 55.22
C SER E 39 -21.31 42.33 54.46
N PRO E 40 -22.24 43.33 54.44
CA PRO E 40 -21.95 44.58 53.72
C PRO E 40 -20.89 45.45 54.40
N GLU E 41 -20.79 45.36 55.74
CA GLU E 41 -19.82 46.11 56.56
C GLU E 41 -18.40 45.57 56.37
N GLU E 42 -18.25 44.29 55.97
CA GLU E 42 -16.98 43.61 55.73
C GLU E 42 -16.22 44.20 54.53
N GLN E 43 -16.97 44.70 53.52
CA GLN E 43 -16.42 45.31 52.30
C GLN E 43 -15.74 46.66 52.60
N ASP E 44 -16.24 47.41 53.62
CA ASP E 44 -15.72 48.70 54.06
C ASP E 44 -14.28 48.61 54.59
N PHE E 45 -13.95 47.51 55.28
CA PHE E 45 -12.62 47.24 55.83
C PHE E 45 -11.60 46.94 54.73
N LEU E 46 -12.02 46.17 53.71
CA LEU E 46 -11.17 45.76 52.57
C LEU E 46 -10.80 46.94 51.68
N THR E 47 -11.69 47.95 51.55
CA THR E 47 -11.50 49.16 50.75
C THR E 47 -10.38 50.04 51.34
N LYS E 48 -10.24 50.03 52.69
CA LYS E 48 -9.23 50.78 53.44
C LYS E 48 -7.80 50.33 53.11
N HIS E 49 -7.61 49.01 52.90
CA HIS E 49 -6.31 48.41 52.57
C HIS E 49 -6.24 47.91 51.11
N ALA E 50 -7.20 48.35 50.27
CA ALA E 50 -7.27 47.97 48.85
C ALA E 50 -6.15 48.58 48.01
N SER E 51 -5.63 47.80 47.04
CA SER E 51 -4.57 48.20 46.14
C SER E 51 -5.15 48.90 44.91
N HIS E 52 -4.41 49.87 44.34
CA HIS E 52 -4.80 50.64 43.16
C HIS E 52 -4.85 49.78 41.89
N THR E 53 -3.97 48.76 41.80
CA THR E 53 -3.91 47.82 40.67
C THR E 53 -5.09 46.85 40.68
N GLY E 54 -5.38 46.29 41.85
CA GLY E 54 -6.46 45.34 42.07
C GLY E 54 -6.03 44.14 42.88
N SER E 55 -6.98 43.56 43.66
CA SER E 55 -6.74 42.40 44.51
C SER E 55 -7.67 41.25 44.13
N TRP E 56 -7.12 40.01 44.05
CA TRP E 56 -7.90 38.81 43.71
C TRP E 56 -8.77 38.37 44.89
N ILE E 57 -10.06 38.11 44.63
CA ILE E 57 -11.03 37.64 45.63
C ILE E 57 -11.43 36.18 45.36
N GLY E 58 -11.91 35.50 46.40
CA GLY E 58 -12.31 34.09 46.35
C GLY E 58 -13.54 33.74 45.53
N LEU E 59 -13.81 34.48 44.44
CA LEU E 59 -14.94 34.24 43.55
C LEU E 59 -14.45 33.59 42.25
N ARG E 60 -14.97 32.39 41.94
CA ARG E 60 -14.60 31.62 40.75
C ARG E 60 -15.78 30.91 40.08
N ASN E 61 -15.57 30.40 38.85
CA ASN E 61 -16.58 29.70 38.06
C ASN E 61 -16.17 28.24 37.81
N LEU E 62 -17.09 27.29 38.11
CA LEU E 62 -16.88 25.85 37.92
C LEU E 62 -17.34 25.39 36.52
N ASP E 63 -18.16 26.22 35.84
CA ASP E 63 -18.74 26.01 34.49
C ASP E 63 -19.87 24.99 34.40
N LEU E 64 -19.86 23.94 35.25
CA LEU E 64 -20.86 22.87 35.29
C LEU E 64 -22.24 23.40 35.72
N LYS E 65 -22.28 24.27 36.75
CA LYS E 65 -23.51 24.87 37.26
C LYS E 65 -23.83 26.20 36.57
N GLY E 66 -22.78 26.96 36.24
CA GLY E 66 -22.90 28.26 35.59
C GLY E 66 -22.78 29.42 36.56
N GLU E 67 -23.48 29.33 37.71
CA GLU E 67 -23.48 30.33 38.77
C GLU E 67 -22.16 30.37 39.55
N PHE E 68 -21.80 31.56 40.05
CA PHE E 68 -20.57 31.78 40.83
C PHE E 68 -20.75 31.36 42.28
N ILE E 69 -19.77 30.62 42.83
CA ILE E 69 -19.75 30.11 44.20
C ILE E 69 -18.37 30.44 44.82
N TRP E 70 -18.36 30.85 46.12
CA TRP E 70 -17.14 31.17 46.88
C TRP E 70 -16.22 29.95 47.05
N VAL E 71 -14.92 30.18 47.31
CA VAL E 71 -13.87 29.16 47.49
C VAL E 71 -14.19 28.07 48.53
N ASP E 72 -14.81 28.44 49.65
CA ASP E 72 -15.17 27.52 50.73
C ASP E 72 -16.34 26.60 50.35
N GLY E 73 -17.25 27.10 49.51
CA GLY E 73 -18.42 26.36 49.03
C GLY E 73 -19.75 27.07 49.25
N SER E 74 -19.73 28.19 49.99
CA SER E 74 -20.93 28.99 50.29
C SER E 74 -21.41 29.78 49.07
N HIS E 75 -22.74 29.92 48.95
CA HIS E 75 -23.38 30.66 47.85
C HIS E 75 -23.20 32.17 48.01
N VAL E 76 -23.04 32.88 46.87
CA VAL E 76 -22.85 34.33 46.84
C VAL E 76 -24.15 35.05 47.16
N ASP E 77 -24.15 35.89 48.21
CA ASP E 77 -25.30 36.67 48.64
C ASP E 77 -25.08 38.17 48.45
N TYR E 78 -24.06 38.75 49.12
CA TYR E 78 -23.72 40.16 49.00
C TYR E 78 -22.70 40.39 47.88
N SER E 79 -22.95 41.41 47.05
CA SER E 79 -22.08 41.78 45.92
C SER E 79 -21.97 43.29 45.76
N ASP E 94 -13.76 31.91 34.49
CA ASP E 94 -13.41 33.30 34.74
C ASP E 94 -13.19 33.58 36.23
N CYS E 95 -12.03 34.17 36.56
CA CYS E 95 -11.66 34.54 37.93
C CYS E 95 -11.98 36.01 38.16
N VAL E 96 -12.77 36.31 39.21
CA VAL E 96 -13.22 37.65 39.56
C VAL E 96 -12.26 38.36 40.53
N MET E 97 -11.90 39.61 40.20
CA MET E 97 -11.01 40.49 40.97
C MET E 97 -11.77 41.66 41.62
N MET E 98 -11.12 42.35 42.58
CA MET E 98 -11.68 43.50 43.29
C MET E 98 -10.96 44.78 42.85
N ARG E 99 -11.72 45.80 42.43
CA ARG E 99 -11.20 47.10 41.99
C ARG E 99 -10.81 47.99 43.17
N GLY E 100 -10.13 49.10 42.87
CA GLY E 100 -9.69 50.09 43.85
C GLY E 100 -10.83 50.80 44.56
N SER E 101 -11.97 50.97 43.85
CA SER E 101 -13.18 51.62 44.37
C SER E 101 -13.90 50.74 45.39
N GLY E 102 -13.98 49.44 45.11
CA GLY E 102 -14.62 48.47 45.98
C GLY E 102 -15.36 47.35 45.25
N ARG E 103 -16.09 47.71 44.17
CA ARG E 103 -16.89 46.79 43.35
C ARG E 103 -16.04 45.77 42.59
N TRP E 104 -16.64 44.59 42.29
CA TRP E 104 -15.97 43.50 41.57
C TRP E 104 -16.33 43.46 40.08
N ASN E 105 -15.48 42.79 39.26
CA ASN E 105 -15.67 42.62 37.82
C ASN E 105 -15.03 41.32 37.30
N ASP E 106 -15.53 40.80 36.16
CA ASP E 106 -15.03 39.58 35.52
C ASP E 106 -13.67 39.80 34.88
N ALA E 107 -12.72 38.87 35.11
CA ALA E 107 -11.36 38.92 34.58
C ALA E 107 -10.86 37.54 34.13
N PHE E 108 -9.74 37.51 33.37
CA PHE E 108 -9.12 36.29 32.85
C PHE E 108 -8.44 35.46 33.95
N CYS E 109 -8.37 34.13 33.74
CA CYS E 109 -7.75 33.19 34.68
C CYS E 109 -6.23 33.29 34.70
N ASP E 110 -5.62 33.50 33.51
CA ASP E 110 -4.15 33.63 33.33
C ASP E 110 -3.61 35.02 33.67
N ARG E 111 -4.51 36.01 33.92
CA ARG E 111 -4.19 37.39 34.26
C ARG E 111 -3.45 37.48 35.60
N LYS E 112 -2.43 38.35 35.68
CA LYS E 112 -1.61 38.55 36.88
C LYS E 112 -1.84 39.90 37.54
N LEU E 113 -1.86 39.91 38.89
CA LEU E 113 -2.03 41.10 39.73
C LEU E 113 -1.04 41.08 40.90
N GLY E 114 -0.60 42.26 41.32
CA GLY E 114 0.36 42.43 42.39
C GLY E 114 -0.19 42.49 43.81
N ALA E 115 -1.42 41.96 44.03
CA ALA E 115 -2.06 41.95 45.35
C ALA E 115 -3.04 40.78 45.53
N TRP E 116 -3.03 40.18 46.74
CA TRP E 116 -3.93 39.07 47.11
C TRP E 116 -4.39 39.18 48.57
N VAL E 117 -5.63 38.75 48.86
CA VAL E 117 -6.22 38.80 50.20
C VAL E 117 -6.61 37.39 50.67
N CYS E 118 -6.12 36.99 51.87
CA CYS E 118 -6.41 35.69 52.50
C CYS E 118 -7.18 35.90 53.82
N ASP E 119 -8.03 34.93 54.20
CA ASP E 119 -8.82 35.01 55.44
C ASP E 119 -8.84 33.69 56.23
N ARG E 120 -8.92 33.79 57.57
CA ARG E 120 -8.96 32.65 58.48
C ARG E 120 -9.79 32.95 59.73
N GLU F 1 -43.22 -22.37 0.91
CA GLU F 1 -41.81 -22.10 1.18
C GLU F 1 -40.95 -23.32 0.83
N LYS F 2 -40.05 -23.15 -0.16
CA LYS F 2 -39.12 -24.19 -0.62
C LYS F 2 -37.97 -24.38 0.37
N TRP F 3 -37.49 -23.29 0.97
CA TRP F 3 -36.39 -23.26 1.95
C TRP F 3 -36.84 -23.84 3.29
N ILE F 4 -36.13 -24.87 3.79
CA ILE F 4 -36.44 -25.52 5.06
C ILE F 4 -35.94 -24.64 6.21
N ASN F 5 -36.85 -24.27 7.13
CA ASN F 5 -36.57 -23.39 8.27
C ASN F 5 -36.08 -24.09 9.53
N PHE F 6 -35.14 -23.44 10.24
CA PHE F 6 -34.55 -23.86 11.50
C PHE F 6 -34.13 -22.60 12.27
N GLN F 7 -34.51 -22.50 13.56
CA GLN F 7 -34.29 -21.35 14.46
C GLN F 7 -35.06 -20.12 13.98
N ARG F 8 -34.59 -19.49 12.89
CA ARG F 8 -35.18 -18.32 12.22
C ARG F 8 -34.69 -18.22 10.77
N LYS F 9 -33.42 -18.66 10.54
CA LYS F 9 -32.76 -18.64 9.22
C LYS F 9 -33.33 -19.72 8.29
N CYS F 10 -33.46 -19.39 7.00
CA CYS F 10 -33.95 -20.30 5.96
C CYS F 10 -32.78 -21.02 5.28
N TYR F 11 -32.94 -22.33 5.01
CA TYR F 11 -31.89 -23.15 4.39
C TYR F 11 -32.37 -23.91 3.16
N TYR F 12 -31.59 -23.88 2.08
CA TYR F 12 -31.89 -24.57 0.82
C TYR F 12 -30.81 -25.62 0.54
N PHE F 13 -31.23 -26.87 0.31
CA PHE F 13 -30.32 -27.98 0.02
C PHE F 13 -30.34 -28.33 -1.47
N GLY F 14 -29.50 -27.63 -2.23
CA GLY F 14 -29.37 -27.79 -3.67
C GLY F 14 -28.55 -29.00 -4.08
N LYS F 15 -28.90 -29.59 -5.24
CA LYS F 15 -28.22 -30.77 -5.79
C LYS F 15 -27.76 -30.54 -7.22
N GLY F 16 -26.58 -31.04 -7.55
CA GLY F 16 -25.96 -30.91 -8.87
C GLY F 16 -24.45 -30.79 -8.82
N THR F 17 -23.77 -31.45 -9.78
CA THR F 17 -22.30 -31.46 -9.88
C THR F 17 -21.76 -30.07 -10.28
N LYS F 18 -21.24 -29.32 -9.30
CA LYS F 18 -20.67 -27.98 -9.46
C LYS F 18 -19.48 -27.73 -8.52
N GLN F 19 -18.58 -26.81 -8.92
CA GLN F 19 -17.41 -26.40 -8.13
C GLN F 19 -17.88 -25.46 -6.99
N TRP F 20 -16.99 -25.16 -6.01
CA TRP F 20 -17.30 -24.27 -4.89
C TRP F 20 -17.76 -22.88 -5.33
N VAL F 21 -17.07 -22.29 -6.33
CA VAL F 21 -17.40 -20.97 -6.86
C VAL F 21 -18.73 -20.99 -7.66
N HIS F 22 -18.97 -22.08 -8.42
CA HIS F 22 -20.19 -22.26 -9.22
C HIS F 22 -21.41 -22.49 -8.31
N ALA F 23 -21.20 -23.13 -7.15
CA ALA F 23 -22.25 -23.38 -6.14
C ALA F 23 -22.57 -22.08 -5.39
N ARG F 24 -21.57 -21.18 -5.28
CA ARG F 24 -21.68 -19.88 -4.62
C ARG F 24 -22.57 -18.93 -5.44
N TYR F 25 -22.47 -19.00 -6.79
CA TYR F 25 -23.28 -18.18 -7.70
C TYR F 25 -24.75 -18.57 -7.66
N ALA F 26 -25.03 -19.87 -7.43
CA ALA F 26 -26.38 -20.44 -7.34
C ALA F 26 -27.14 -19.86 -6.14
N CYS F 27 -26.45 -19.65 -5.00
CA CYS F 27 -27.02 -19.07 -3.77
C CYS F 27 -27.36 -17.60 -3.98
N ASP F 28 -26.53 -16.88 -4.77
CA ASP F 28 -26.71 -15.47 -5.10
C ASP F 28 -27.91 -15.24 -6.03
N ASP F 29 -28.12 -16.15 -7.01
CA ASP F 29 -29.22 -16.09 -7.97
C ASP F 29 -30.57 -16.42 -7.30
N MET F 30 -30.55 -17.24 -6.24
CA MET F 30 -31.72 -17.65 -5.47
C MET F 30 -31.97 -16.71 -4.26
N GLU F 31 -31.36 -15.50 -4.30
CA GLU F 31 -31.42 -14.44 -3.28
C GLU F 31 -30.89 -14.90 -1.92
N GLY F 32 -29.58 -14.77 -1.74
CA GLY F 32 -28.87 -15.15 -0.52
C GLY F 32 -27.39 -15.42 -0.74
N GLN F 33 -26.80 -16.25 0.15
CA GLN F 33 -25.38 -16.63 0.10
C GLN F 33 -25.12 -18.03 0.70
N LEU F 34 -23.86 -18.51 0.64
CA LEU F 34 -23.43 -19.81 1.16
C LEU F 34 -23.59 -19.90 2.68
N VAL F 35 -23.92 -21.11 3.19
CA VAL F 35 -24.16 -21.42 4.60
C VAL F 35 -22.98 -21.06 5.53
N SER F 36 -23.28 -20.41 6.67
CA SER F 36 -22.33 -20.00 7.70
C SER F 36 -22.78 -20.53 9.05
N ILE F 37 -21.93 -21.33 9.71
CA ILE F 37 -22.23 -21.97 11.00
C ILE F 37 -21.52 -21.26 12.16
N HIS F 38 -22.30 -20.88 13.19
CA HIS F 38 -21.79 -20.20 14.39
C HIS F 38 -22.25 -20.89 15.69
N SER F 39 -23.46 -21.48 15.68
CA SER F 39 -24.05 -22.18 16.82
C SER F 39 -23.82 -23.70 16.74
N PRO F 40 -23.59 -24.40 17.89
CA PRO F 40 -23.37 -25.87 17.83
C PRO F 40 -24.63 -26.66 17.47
N GLU F 41 -25.82 -26.13 17.84
CA GLU F 41 -27.13 -26.74 17.57
C GLU F 41 -27.50 -26.66 16.08
N GLU F 42 -26.93 -25.67 15.36
CA GLU F 42 -27.15 -25.42 13.93
C GLU F 42 -26.59 -26.56 13.07
N GLN F 43 -25.49 -27.19 13.51
CA GLN F 43 -24.82 -28.30 12.83
C GLN F 43 -25.68 -29.57 12.82
N ASP F 44 -26.49 -29.78 13.90
CA ASP F 44 -27.39 -30.92 14.06
C ASP F 44 -28.48 -30.99 12.99
N PHE F 45 -28.99 -29.82 12.55
CA PHE F 45 -30.02 -29.70 11.52
C PHE F 45 -29.46 -30.04 10.13
N LEU F 46 -28.22 -29.60 9.85
CA LEU F 46 -27.53 -29.83 8.57
C LEU F 46 -27.19 -31.30 8.33
N THR F 47 -26.90 -32.04 9.42
CA THR F 47 -26.55 -33.48 9.39
C THR F 47 -27.76 -34.32 8.96
N LYS F 48 -28.99 -33.87 9.32
CA LYS F 48 -30.26 -34.52 9.00
C LYS F 48 -30.52 -34.56 7.50
N HIS F 49 -30.14 -33.48 6.78
CA HIS F 49 -30.32 -33.34 5.33
C HIS F 49 -28.98 -33.42 4.56
N ALA F 50 -27.91 -33.89 5.23
CA ALA F 50 -26.57 -34.03 4.66
C ALA F 50 -26.48 -35.13 3.59
N SER F 51 -25.72 -34.88 2.53
CA SER F 51 -25.50 -35.82 1.42
C SER F 51 -24.32 -36.74 1.73
N HIS F 52 -24.38 -37.99 1.23
CA HIS F 52 -23.34 -39.01 1.42
C HIS F 52 -22.03 -38.66 0.69
N THR F 53 -22.14 -37.96 -0.45
CA THR F 53 -20.98 -37.53 -1.26
C THR F 53 -20.25 -36.37 -0.58
N GLY F 54 -21.02 -35.38 -0.11
CA GLY F 54 -20.51 -34.19 0.55
C GLY F 54 -21.14 -32.92 0.05
N SER F 55 -21.26 -31.90 0.93
CA SER F 55 -21.85 -30.60 0.62
C SER F 55 -20.85 -29.47 0.87
N TRP F 56 -20.76 -28.51 -0.07
CA TRP F 56 -19.85 -27.37 0.05
C TRP F 56 -20.38 -26.35 1.06
N ILE F 57 -19.51 -25.90 1.98
CA ILE F 57 -19.83 -24.90 3.01
C ILE F 57 -19.10 -23.58 2.74
N GLY F 58 -19.64 -22.48 3.28
CA GLY F 58 -19.09 -21.13 3.11
C GLY F 58 -17.76 -20.81 3.74
N LEU F 59 -16.86 -21.82 3.84
CA LEU F 59 -15.52 -21.65 4.40
C LEU F 59 -14.48 -21.62 3.28
N ARG F 60 -13.72 -20.52 3.18
CA ARG F 60 -12.71 -20.29 2.16
C ARG F 60 -11.43 -19.62 2.69
N ASN F 61 -10.36 -19.60 1.88
CA ASN F 61 -9.08 -18.99 2.22
C ASN F 61 -8.72 -17.86 1.25
N LEU F 62 -8.37 -16.68 1.80
CA LEU F 62 -7.99 -15.48 1.04
C LEU F 62 -6.49 -15.45 0.76
N ASP F 63 -5.69 -16.26 1.50
CA ASP F 63 -4.24 -16.42 1.43
C ASP F 63 -3.40 -15.26 2.01
N LEU F 64 -3.91 -14.01 1.94
CA LEU F 64 -3.25 -12.81 2.45
C LEU F 64 -3.09 -12.83 3.97
N LYS F 65 -4.15 -13.25 4.69
CA LYS F 65 -4.16 -13.35 6.15
C LYS F 65 -3.71 -14.73 6.64
N GLY F 66 -4.07 -15.77 5.88
CA GLY F 66 -3.74 -17.15 6.21
C GLY F 66 -4.88 -17.90 6.87
N GLU F 67 -5.52 -17.25 7.86
CA GLU F 67 -6.65 -17.80 8.61
C GLU F 67 -7.94 -17.87 7.78
N PHE F 68 -8.80 -18.86 8.07
CA PHE F 68 -10.07 -19.07 7.38
C PHE F 68 -11.16 -18.14 7.91
N ILE F 69 -11.91 -17.51 7.00
CA ILE F 69 -13.01 -16.56 7.30
C ILE F 69 -14.24 -16.95 6.46
N TRP F 70 -15.45 -16.88 7.06
CA TRP F 70 -16.73 -17.19 6.41
C TRP F 70 -17.02 -16.22 5.23
N VAL F 71 -17.90 -16.66 4.30
CA VAL F 71 -18.30 -15.90 3.10
C VAL F 71 -18.81 -14.48 3.35
N ASP F 72 -19.59 -14.29 4.43
CA ASP F 72 -20.15 -12.98 4.81
C ASP F 72 -19.10 -12.00 5.34
N GLY F 73 -18.07 -12.55 6.00
CA GLY F 73 -16.97 -11.77 6.56
C GLY F 73 -16.70 -12.04 8.04
N SER F 74 -17.59 -12.80 8.70
CA SER F 74 -17.49 -13.14 10.12
C SER F 74 -16.39 -14.17 10.38
N HIS F 75 -15.70 -14.04 11.53
CA HIS F 75 -14.62 -14.95 11.95
C HIS F 75 -15.17 -16.30 12.40
N VAL F 76 -14.42 -17.38 12.09
CA VAL F 76 -14.79 -18.76 12.43
C VAL F 76 -14.62 -19.00 13.94
N ASP F 77 -15.73 -19.40 14.60
CA ASP F 77 -15.74 -19.68 16.04
C ASP F 77 -16.00 -21.16 16.31
N TYR F 78 -17.16 -21.69 15.89
CA TYR F 78 -17.54 -23.10 16.06
C TYR F 78 -17.06 -23.93 14.86
N SER F 79 -16.47 -25.10 15.14
CA SER F 79 -15.97 -26.02 14.12
C SER F 79 -16.21 -27.47 14.50
N ASP F 94 -7.66 -23.05 -0.44
CA ASP F 94 -8.40 -24.31 -0.37
C ASP F 94 -9.84 -24.10 0.08
N CYS F 95 -10.79 -24.70 -0.65
CA CYS F 95 -12.22 -24.64 -0.34
C CYS F 95 -12.60 -25.82 0.54
N VAL F 96 -13.22 -25.54 1.70
CA VAL F 96 -13.60 -26.55 2.70
C VAL F 96 -15.03 -27.07 2.48
N MET F 97 -15.20 -28.41 2.52
CA MET F 97 -16.49 -29.11 2.36
C MET F 97 -16.91 -29.87 3.63
N MET F 98 -18.22 -30.15 3.75
CA MET F 98 -18.79 -30.89 4.88
C MET F 98 -19.02 -32.36 4.52
N ARG F 99 -18.54 -33.27 5.39
CA ARG F 99 -18.66 -34.72 5.23
C ARG F 99 -20.06 -35.21 5.64
N GLY F 100 -20.36 -36.48 5.35
CA GLY F 100 -21.62 -37.13 5.68
C GLY F 100 -21.86 -37.28 7.17
N SER F 101 -20.77 -37.43 7.95
CA SER F 101 -20.82 -37.56 9.41
C SER F 101 -21.18 -36.24 10.10
N GLY F 102 -20.64 -35.13 9.60
CA GLY F 102 -20.90 -33.80 10.14
C GLY F 102 -19.71 -32.86 10.13
N ARG F 103 -18.51 -33.39 10.44
CA ARG F 103 -17.26 -32.61 10.50
C ARG F 103 -16.74 -32.16 9.13
N TRP F 104 -15.91 -31.09 9.11
CA TRP F 104 -15.36 -30.50 7.90
C TRP F 104 -13.89 -30.91 7.65
N ASN F 105 -13.44 -30.78 6.39
CA ASN F 105 -12.05 -31.10 5.97
C ASN F 105 -11.62 -30.24 4.76
N ASP F 106 -10.30 -30.06 4.59
CA ASP F 106 -9.71 -29.28 3.50
C ASP F 106 -9.82 -30.02 2.16
N ALA F 107 -10.26 -29.31 1.10
CA ALA F 107 -10.42 -29.86 -0.25
C ALA F 107 -9.95 -28.87 -1.34
N PHE F 108 -9.81 -29.38 -2.59
CA PHE F 108 -9.37 -28.60 -3.75
C PHE F 108 -10.45 -27.62 -4.24
N CYS F 109 -10.01 -26.51 -4.84
CA CYS F 109 -10.89 -25.45 -5.37
C CYS F 109 -11.62 -25.90 -6.64
N ASP F 110 -10.93 -26.64 -7.52
CA ASP F 110 -11.46 -27.15 -8.79
C ASP F 110 -12.30 -28.43 -8.64
N ARG F 111 -12.32 -29.02 -7.42
CA ARG F 111 -13.07 -30.24 -7.08
C ARG F 111 -14.58 -30.02 -7.20
N LYS F 112 -15.30 -31.03 -7.75
CA LYS F 112 -16.75 -30.98 -7.94
C LYS F 112 -17.51 -31.92 -7.01
N LEU F 113 -18.67 -31.45 -6.51
CA LEU F 113 -19.58 -32.19 -5.62
C LEU F 113 -21.03 -31.99 -6.07
N GLY F 114 -21.84 -33.02 -5.86
CA GLY F 114 -23.26 -33.02 -6.25
C GLY F 114 -24.24 -32.45 -5.23
N ALA F 115 -23.76 -31.61 -4.28
CA ALA F 115 -24.60 -30.99 -3.26
C ALA F 115 -24.06 -29.64 -2.76
N TRP F 116 -24.97 -28.66 -2.55
CA TRP F 116 -24.66 -27.33 -2.05
C TRP F 116 -25.73 -26.81 -1.09
N VAL F 117 -25.31 -26.03 -0.06
CA VAL F 117 -26.22 -25.47 0.94
C VAL F 117 -26.15 -23.93 0.95
N CYS F 118 -27.31 -23.26 0.82
CA CYS F 118 -27.44 -21.81 0.83
C CYS F 118 -28.27 -21.35 2.04
N ASP F 119 -28.00 -20.14 2.56
CA ASP F 119 -28.74 -19.60 3.72
C ASP F 119 -29.11 -18.13 3.56
N ARG F 120 -30.27 -17.73 4.14
CA ARG F 120 -30.78 -16.35 4.10
C ARG F 120 -31.55 -16.00 5.38
#